data_6ZNU
#
_entry.id   6ZNU
#
_cell.length_a   129.090
_cell.length_b   182.850
_cell.length_c   119.660
_cell.angle_alpha   90.000
_cell.angle_beta   117.690
_cell.angle_gamma   90.000
#
_symmetry.space_group_name_H-M   'C 1 2 1'
#
loop_
_entity.id
_entity.type
_entity.pdbx_description
1 polymer 'Malate dehydrogenase'
2 non-polymer 'ACETYL COENZYME *A'
3 non-polymer 'CHLORIDE ION'
#
_entity_poly.entity_id   1
_entity_poly.type   'polypeptide(L)'
_entity_poly.pdbx_seq_one_letter_code
;MGSSHHHHHHSSGLVPAGSHSKVFIRSAINRVHQNSAANGGELPRIVFPEGTSTKVLKALATLVEEKICQPILLGYPERV
KEKIKALDIPLLNDVSIVHPSSHPKYFSFVEKLYSLRQRKGINLGRAERLMADPNYFAAMMVNQGEADGMVSGSSINYAD
AVRPILQTIGVYKEGIPAGLNFVLLEDKFLVLADTTVNLNPTAEQCAQIALQAAKIVEYFGIEPRVAMLSYSNFSGAEGT
PRKMKKAAEIARSLRPDLMIEGDMQADTAVNPEIMERLFPFSGLKGGANVLVFPNLESSNIAYKLIQQIGKAEVIGPFLT
GVRRSANVLQRTTTVDGIVNSVVFTALEAQYIKEVLKSRGKK
;
_entity_poly.pdbx_strand_id   A,G,B,C,D,E
#
loop_
_chem_comp.id
_chem_comp.type
_chem_comp.name
_chem_comp.formula
ACO non-polymer 'ACETYL COENZYME *A' 'C23 H38 N7 O17 P3 S'
CL non-polymer 'CHLORIDE ION' 'Cl -1'
#
# COMPACT_ATOMS: atom_id res chain seq x y z
N VAL A 23 -14.53 -3.27 -49.57
CA VAL A 23 -14.00 -4.46 -50.19
C VAL A 23 -13.76 -5.58 -49.18
N PHE A 24 -13.06 -5.24 -48.09
CA PHE A 24 -12.84 -6.21 -47.01
C PHE A 24 -14.15 -6.76 -46.49
N ILE A 25 -15.19 -5.92 -46.49
CA ILE A 25 -16.51 -6.30 -46.01
C ILE A 25 -17.23 -7.18 -47.02
N ARG A 26 -17.08 -6.88 -48.31
CA ARG A 26 -17.68 -7.72 -49.35
C ARG A 26 -17.09 -9.12 -49.32
N SER A 27 -15.77 -9.23 -49.07
CA SER A 27 -15.18 -10.55 -49.02
C SER A 27 -15.68 -11.34 -47.81
N ALA A 28 -15.91 -10.66 -46.70
CA ALA A 28 -16.50 -11.29 -45.53
C ALA A 28 -17.90 -11.81 -45.85
N ILE A 29 -18.71 -10.99 -46.52
CA ILE A 29 -20.05 -11.42 -46.91
C ILE A 29 -19.97 -12.70 -47.76
N ASN A 30 -18.95 -12.78 -48.62
CA ASN A 30 -18.81 -13.94 -49.50
C ASN A 30 -18.41 -15.20 -48.74
N ARG A 31 -17.46 -15.11 -47.78
CA ARG A 31 -17.16 -16.32 -46.99
C ARG A 31 -18.38 -16.78 -46.20
N VAL A 32 -19.21 -15.83 -45.74
CA VAL A 32 -20.45 -16.24 -45.06
C VAL A 32 -21.29 -17.09 -45.97
N HIS A 33 -21.49 -16.66 -47.22
CA HIS A 33 -22.29 -17.41 -48.17
C HIS A 33 -21.62 -18.73 -48.52
N GLN A 34 -20.30 -18.71 -48.62
CA GLN A 34 -19.57 -19.95 -48.87
C GLN A 34 -19.80 -20.97 -47.75
N ASN A 35 -19.76 -20.51 -46.50
CA ASN A 35 -19.97 -21.40 -45.35
C ASN A 35 -21.34 -22.07 -45.37
N SER A 36 -22.40 -21.31 -45.68
CA SER A 36 -23.74 -21.87 -45.65
C SER A 36 -24.01 -22.77 -46.84
N ALA A 37 -23.44 -22.47 -48.00
CA ALA A 37 -23.58 -23.36 -49.15
C ALA A 37 -22.90 -24.69 -48.90
N ALA A 38 -21.93 -24.71 -47.99
CA ALA A 38 -21.29 -25.94 -47.53
C ALA A 38 -21.98 -26.52 -46.31
N ASN A 39 -23.10 -25.93 -45.90
CA ASN A 39 -23.89 -26.39 -44.77
C ASN A 39 -25.38 -26.31 -45.09
N GLY A 40 -25.77 -26.83 -46.26
CA GLY A 40 -27.19 -26.93 -46.57
C GLY A 40 -27.91 -25.62 -46.69
N GLY A 41 -27.19 -24.52 -46.90
CA GLY A 41 -27.78 -23.20 -47.06
C GLY A 41 -28.31 -22.54 -45.79
N GLU A 42 -28.08 -23.13 -44.62
CA GLU A 42 -28.51 -22.53 -43.37
C GLU A 42 -27.72 -21.28 -43.07
N LEU A 43 -28.40 -20.28 -42.55
CA LEU A 43 -27.79 -19.06 -42.09
C LEU A 43 -27.71 -19.07 -40.58
N PRO A 44 -26.67 -18.50 -39.99
CA PRO A 44 -26.62 -18.46 -38.53
C PRO A 44 -27.79 -17.67 -37.99
N ARG A 45 -28.31 -18.10 -36.84
CA ARG A 45 -29.34 -17.33 -36.17
C ARG A 45 -28.71 -16.40 -35.14
N ILE A 46 -28.92 -15.11 -35.34
CA ILE A 46 -28.35 -14.07 -34.51
C ILE A 46 -29.51 -13.40 -33.81
N VAL A 47 -29.51 -13.45 -32.48
CA VAL A 47 -30.56 -12.85 -31.67
C VAL A 47 -30.15 -11.44 -31.28
N PHE A 48 -31.09 -10.51 -31.36
CA PHE A 48 -30.88 -9.10 -31.05
C PHE A 48 -31.74 -8.72 -29.87
N PRO A 49 -31.17 -8.53 -28.68
CA PRO A 49 -31.99 -8.18 -27.52
C PRO A 49 -32.83 -6.92 -27.73
N GLU A 50 -32.34 -5.98 -28.55
CA GLU A 50 -32.95 -4.67 -28.72
C GLU A 50 -33.88 -4.66 -29.93
N GLY A 51 -35.00 -5.39 -29.79
CA GLY A 51 -35.94 -5.59 -30.89
C GLY A 51 -36.62 -4.34 -31.41
N THR A 52 -36.66 -3.27 -30.60
CA THR A 52 -37.28 -2.01 -30.99
C THR A 52 -36.25 -0.93 -31.35
N SER A 53 -34.96 -1.29 -31.38
CA SER A 53 -33.91 -0.31 -31.63
C SER A 53 -33.99 0.19 -33.07
N THR A 54 -34.13 1.50 -33.25
CA THR A 54 -34.23 2.05 -34.60
C THR A 54 -33.02 1.67 -35.45
N LYS A 55 -31.81 1.83 -34.90
CA LYS A 55 -30.60 1.55 -35.66
C LYS A 55 -30.45 0.06 -35.97
N VAL A 56 -30.80 -0.81 -35.02
CA VAL A 56 -30.69 -2.25 -35.29
C VAL A 56 -31.65 -2.64 -36.42
N LEU A 57 -32.88 -2.13 -36.37
CA LEU A 57 -33.90 -2.51 -37.35
C LEU A 57 -33.53 -2.04 -38.75
N LYS A 58 -32.99 -0.82 -38.88
CA LYS A 58 -32.55 -0.34 -40.18
C LYS A 58 -31.39 -1.15 -40.72
N ALA A 59 -30.40 -1.46 -39.87
CA ALA A 59 -29.28 -2.29 -40.29
C ALA A 59 -29.75 -3.66 -40.77
N LEU A 60 -30.75 -4.22 -40.09
CA LEU A 60 -31.26 -5.53 -40.47
C LEU A 60 -31.93 -5.49 -41.84
N ALA A 61 -32.57 -4.37 -42.21
CA ALA A 61 -33.10 -4.23 -43.57
C ALA A 61 -32.02 -4.49 -44.60
N THR A 62 -30.85 -3.92 -44.37
CA THR A 62 -29.72 -4.15 -45.28
C THR A 62 -29.24 -5.61 -45.22
N LEU A 63 -29.25 -6.24 -44.03
CA LEU A 63 -28.64 -7.55 -43.90
C LEU A 63 -29.52 -8.71 -44.36
N VAL A 64 -30.84 -8.58 -44.26
CA VAL A 64 -31.71 -9.64 -44.78
C VAL A 64 -31.62 -9.63 -46.29
N GLU A 65 -31.40 -8.44 -46.85
CA GLU A 65 -31.18 -8.26 -48.27
C GLU A 65 -29.94 -9.04 -48.71
N GLU A 66 -28.91 -9.11 -47.86
CA GLU A 66 -27.63 -9.75 -48.19
C GLU A 66 -27.57 -11.20 -47.74
N LYS A 67 -28.64 -11.66 -47.09
CA LYS A 67 -28.85 -13.04 -46.67
C LYS A 67 -27.67 -13.47 -45.77
N ILE A 68 -27.38 -12.65 -44.75
CA ILE A 68 -26.24 -12.86 -43.86
C ILE A 68 -26.59 -13.76 -42.69
N CYS A 69 -27.78 -13.64 -42.14
CA CYS A 69 -28.11 -14.36 -40.93
C CYS A 69 -29.62 -14.46 -40.83
N GLN A 70 -30.08 -15.35 -39.98
CA GLN A 70 -31.49 -15.32 -39.63
C GLN A 70 -31.69 -14.54 -38.33
N PRO A 71 -32.22 -13.32 -38.39
CA PRO A 71 -32.35 -12.51 -37.17
C PRO A 71 -33.49 -13.00 -36.27
N ILE A 72 -33.28 -12.89 -34.97
CA ILE A 72 -34.32 -13.15 -33.98
C ILE A 72 -34.40 -11.93 -33.08
N LEU A 73 -35.52 -11.24 -33.10
CA LEU A 73 -35.69 -10.03 -32.31
C LEU A 73 -36.31 -10.34 -30.96
N LEU A 74 -35.78 -9.73 -29.91
CA LEU A 74 -36.34 -9.89 -28.59
C LEU A 74 -37.19 -8.67 -28.24
N GLY A 75 -38.37 -8.92 -27.70
CA GLY A 75 -39.25 -7.85 -27.28
C GLY A 75 -40.67 -8.33 -27.30
N TYR A 76 -41.56 -7.45 -26.88
CA TYR A 76 -42.98 -7.65 -27.03
C TYR A 76 -43.41 -7.58 -28.49
N PRO A 77 -43.87 -8.68 -29.08
CA PRO A 77 -44.13 -8.70 -30.54
C PRO A 77 -44.88 -7.51 -31.11
N GLU A 78 -45.95 -7.02 -30.47
CA GLU A 78 -46.70 -5.90 -31.05
C GLU A 78 -45.89 -4.60 -31.02
N ARG A 79 -45.01 -4.42 -30.02
CA ARG A 79 -44.17 -3.22 -30.00
C ARG A 79 -43.10 -3.31 -31.08
N VAL A 80 -42.60 -4.52 -31.34
CA VAL A 80 -41.59 -4.70 -32.36
C VAL A 80 -42.21 -4.52 -33.74
N LYS A 81 -43.37 -5.16 -33.98
CA LYS A 81 -43.98 -5.03 -35.30
C LYS A 81 -44.44 -3.61 -35.58
N GLU A 82 -44.87 -2.86 -34.56
CA GLU A 82 -45.32 -1.50 -34.82
C GLU A 82 -44.13 -0.55 -35.05
N LYS A 83 -42.97 -0.84 -34.46
CA LYS A 83 -41.76 -0.09 -34.78
C LYS A 83 -41.27 -0.40 -36.19
N ILE A 84 -41.35 -1.67 -36.60
CA ILE A 84 -41.03 -2.02 -37.99
C ILE A 84 -41.95 -1.26 -38.93
N LYS A 85 -43.22 -1.13 -38.54
CA LYS A 85 -44.20 -0.46 -39.38
C LYS A 85 -43.97 1.04 -39.39
N ALA A 86 -43.61 1.62 -38.26
CA ALA A 86 -43.28 3.04 -38.20
C ALA A 86 -42.12 3.40 -39.12
N LEU A 87 -41.03 2.62 -39.04
CA LEU A 87 -39.86 2.90 -39.85
C LEU A 87 -40.01 2.47 -41.30
N ASP A 88 -41.10 1.78 -41.65
CA ASP A 88 -41.37 1.39 -43.02
C ASP A 88 -40.23 0.51 -43.55
N ILE A 89 -40.11 -0.68 -42.95
CA ILE A 89 -39.15 -1.67 -43.39
C ILE A 89 -39.89 -2.94 -43.76
N PRO A 90 -40.50 -3.01 -44.95
CA PRO A 90 -41.31 -4.18 -45.29
C PRO A 90 -40.51 -5.48 -45.32
N LEU A 91 -39.18 -5.41 -45.42
CA LEU A 91 -38.41 -6.64 -45.55
C LEU A 91 -38.25 -7.35 -44.21
N LEU A 92 -38.70 -6.75 -43.13
CA LEU A 92 -38.63 -7.35 -41.81
C LEU A 92 -39.96 -7.95 -41.37
N ASN A 93 -40.96 -7.99 -42.25
CA ASN A 93 -42.29 -8.39 -41.80
C ASN A 93 -42.36 -9.87 -41.44
N ASP A 94 -41.39 -10.70 -41.86
CA ASP A 94 -41.39 -12.12 -41.57
C ASP A 94 -40.45 -12.54 -40.44
N VAL A 95 -39.52 -11.67 -40.01
CA VAL A 95 -38.47 -12.05 -39.05
C VAL A 95 -39.08 -12.56 -37.75
N SER A 96 -38.43 -13.56 -37.15
CA SER A 96 -38.95 -14.11 -35.89
C SER A 96 -38.79 -13.12 -34.73
N ILE A 97 -39.83 -13.04 -33.90
CA ILE A 97 -39.80 -12.21 -32.69
C ILE A 97 -40.10 -13.09 -31.49
N VAL A 98 -39.30 -12.95 -30.44
CA VAL A 98 -39.44 -13.76 -29.23
C VAL A 98 -39.54 -12.84 -28.01
N HIS A 99 -40.57 -13.06 -27.20
CA HIS A 99 -40.77 -12.36 -25.94
C HIS A 99 -40.22 -13.25 -24.84
N PRO A 100 -39.14 -12.82 -24.15
CA PRO A 100 -38.49 -13.70 -23.17
C PRO A 100 -39.39 -14.40 -22.18
N SER A 101 -40.19 -13.64 -21.41
CA SER A 101 -41.03 -14.23 -20.36
C SER A 101 -42.00 -15.27 -20.90
N SER A 102 -42.47 -15.10 -22.13
CA SER A 102 -43.47 -15.99 -22.72
C SER A 102 -42.89 -17.22 -23.42
N HIS A 103 -41.60 -17.24 -23.68
CA HIS A 103 -41.00 -18.30 -24.49
C HIS A 103 -41.03 -19.64 -23.76
N PRO A 104 -41.21 -20.75 -24.49
CA PRO A 104 -41.22 -22.08 -23.83
C PRO A 104 -40.00 -22.39 -22.99
N LYS A 105 -38.81 -21.94 -23.42
CA LYS A 105 -37.57 -22.28 -22.73
C LYS A 105 -37.29 -21.36 -21.55
N TYR A 106 -38.16 -20.40 -21.29
CA TYR A 106 -37.92 -19.38 -20.28
C TYR A 106 -37.63 -20.01 -18.93
N PHE A 107 -38.45 -20.97 -18.57
CA PHE A 107 -38.48 -21.53 -17.24
C PHE A 107 -37.22 -22.34 -17.02
N SER A 108 -36.84 -23.15 -18.01
CA SER A 108 -35.57 -23.87 -17.95
C SER A 108 -34.35 -22.94 -17.98
N PHE A 109 -34.46 -21.82 -18.70
CA PHE A 109 -33.38 -20.85 -18.73
C PHE A 109 -33.18 -20.22 -17.35
N VAL A 110 -34.29 -19.87 -16.70
CA VAL A 110 -34.22 -19.36 -15.33
C VAL A 110 -33.51 -20.37 -14.45
N GLU A 111 -33.87 -21.68 -14.57
CA GLU A 111 -33.10 -22.59 -13.73
C GLU A 111 -31.65 -22.67 -14.09
N LYS A 112 -31.29 -22.57 -15.36
CA LYS A 112 -29.88 -22.71 -15.67
C LYS A 112 -29.08 -21.54 -15.09
N LEU A 113 -29.65 -20.33 -15.15
CA LEU A 113 -28.99 -19.16 -14.58
C LEU A 113 -28.94 -19.24 -13.06
N TYR A 114 -30.05 -19.63 -12.43
CA TYR A 114 -30.06 -19.78 -10.98
C TYR A 114 -28.98 -20.75 -10.53
N SER A 115 -28.91 -21.92 -11.17
CA SER A 115 -27.91 -22.90 -10.79
C SER A 115 -26.49 -22.39 -11.04
N LEU A 116 -26.30 -21.54 -12.06
CA LEU A 116 -24.98 -20.99 -12.32
C LEU A 116 -24.57 -19.91 -11.31
N ARG A 117 -25.51 -19.15 -10.77
CA ARG A 117 -25.19 -17.94 -10.01
C ARG A 117 -25.70 -18.01 -8.58
N GLN A 118 -26.23 -19.15 -8.13
CA GLN A 118 -26.87 -19.23 -6.83
C GLN A 118 -25.89 -19.02 -5.67
N ARG A 119 -24.59 -19.23 -5.88
CA ARG A 119 -23.56 -18.92 -4.91
C ARG A 119 -22.82 -17.65 -5.27
N LYS A 120 -23.39 -16.88 -6.21
CA LYS A 120 -22.88 -15.58 -6.63
C LYS A 120 -23.94 -14.51 -6.42
N GLY A 121 -24.79 -14.72 -5.42
CA GLY A 121 -25.71 -13.71 -4.94
C GLY A 121 -27.02 -13.61 -5.68
N ILE A 122 -27.48 -14.68 -6.33
CA ILE A 122 -28.66 -14.64 -7.19
C ILE A 122 -29.63 -15.70 -6.68
N ASN A 123 -30.76 -15.26 -6.11
CA ASN A 123 -31.81 -16.23 -5.77
C ASN A 123 -32.71 -16.49 -6.99
N LEU A 124 -33.63 -17.45 -6.82
CA LEU A 124 -34.47 -17.88 -7.94
C LEU A 124 -35.32 -16.73 -8.46
N GLY A 125 -35.89 -15.93 -7.55
CA GLY A 125 -36.74 -14.82 -7.99
C GLY A 125 -35.98 -13.77 -8.78
N ARG A 126 -34.76 -13.49 -8.40
CA ARG A 126 -34.00 -12.53 -9.17
C ARG A 126 -33.42 -13.15 -10.44
N ALA A 127 -33.22 -14.47 -10.47
CA ALA A 127 -32.90 -15.13 -11.72
C ALA A 127 -34.08 -15.02 -12.69
N GLU A 128 -35.31 -15.10 -12.19
CA GLU A 128 -36.47 -14.92 -13.04
C GLU A 128 -36.50 -13.53 -13.68
N ARG A 129 -36.28 -12.48 -12.87
CA ARG A 129 -36.39 -11.15 -13.44
C ARG A 129 -35.17 -10.81 -14.30
N LEU A 130 -34.01 -11.41 -14.02
CA LEU A 130 -32.88 -11.25 -14.93
C LEU A 130 -33.15 -11.92 -16.27
N MET A 131 -33.73 -13.14 -16.25
CA MET A 131 -33.97 -13.85 -17.51
C MET A 131 -35.01 -13.16 -18.38
N ALA A 132 -35.91 -12.36 -17.79
CA ALA A 132 -36.87 -11.60 -18.57
C ALA A 132 -36.22 -10.43 -19.30
N ASP A 133 -35.01 -10.04 -18.91
CA ASP A 133 -34.26 -9.02 -19.63
C ASP A 133 -33.72 -9.60 -20.93
N PRO A 134 -33.98 -8.97 -22.08
CA PRO A 134 -33.54 -9.55 -23.35
C PRO A 134 -32.06 -9.90 -23.40
N ASN A 135 -31.19 -9.09 -22.76
CA ASN A 135 -29.76 -9.35 -22.81
C ASN A 135 -29.43 -10.70 -22.18
N TYR A 136 -29.97 -10.98 -20.99
CA TYR A 136 -29.72 -12.28 -20.37
C TYR A 136 -30.38 -13.40 -21.18
N PHE A 137 -31.58 -13.17 -21.69
CA PHE A 137 -32.22 -14.21 -22.50
C PHE A 137 -31.42 -14.50 -23.77
N ALA A 138 -30.97 -13.45 -24.45
CA ALA A 138 -30.11 -13.63 -25.61
C ALA A 138 -28.86 -14.41 -25.24
N ALA A 139 -28.18 -14.00 -24.15
CA ALA A 139 -26.97 -14.69 -23.73
C ALA A 139 -27.25 -16.16 -23.48
N MET A 140 -28.38 -16.47 -22.85
CA MET A 140 -28.70 -17.86 -22.58
C MET A 140 -29.11 -18.62 -23.85
N MET A 141 -29.87 -17.97 -24.76
CA MET A 141 -30.23 -18.63 -26.02
C MET A 141 -29.00 -19.13 -26.73
N VAL A 142 -27.98 -18.27 -26.81
CA VAL A 142 -26.72 -18.61 -27.45
C VAL A 142 -26.01 -19.71 -26.68
N ASN A 143 -25.96 -19.59 -25.35
CA ASN A 143 -25.29 -20.58 -24.52
C ASN A 143 -25.90 -21.95 -24.71
N GLN A 144 -27.23 -22.04 -24.86
CA GLN A 144 -27.90 -23.34 -24.94
C GLN A 144 -28.07 -23.83 -26.36
N GLY A 145 -27.47 -23.16 -27.33
CA GLY A 145 -27.56 -23.59 -28.72
C GLY A 145 -28.89 -23.30 -29.38
N GLU A 146 -29.75 -22.50 -28.76
CA GLU A 146 -31.01 -22.07 -29.38
C GLU A 146 -30.79 -20.95 -30.39
N ALA A 147 -29.64 -20.31 -30.35
CA ALA A 147 -29.24 -19.38 -31.38
C ALA A 147 -27.74 -19.53 -31.58
N ASP A 148 -27.25 -19.04 -32.70
CA ASP A 148 -25.85 -19.25 -33.05
C ASP A 148 -24.94 -18.11 -32.60
N GLY A 149 -25.52 -16.94 -32.33
CA GLY A 149 -24.79 -15.76 -31.89
C GLY A 149 -25.80 -14.68 -31.54
N MET A 150 -25.29 -13.60 -30.96
CA MET A 150 -26.09 -12.45 -30.57
C MET A 150 -25.28 -11.17 -30.78
N VAL A 151 -26.00 -10.08 -31.00
CA VAL A 151 -25.44 -8.74 -31.12
C VAL A 151 -26.31 -7.83 -30.27
N SER A 152 -25.68 -7.13 -29.32
CA SER A 152 -26.38 -6.28 -28.36
C SER A 152 -25.58 -4.99 -28.18
N GLY A 153 -26.11 -4.07 -27.37
CA GLY A 153 -25.38 -2.93 -26.84
C GLY A 153 -25.54 -1.62 -27.60
N SER A 154 -26.43 -1.55 -28.60
CA SER A 154 -26.68 -0.30 -29.32
C SER A 154 -27.39 0.73 -28.46
N SER A 155 -28.11 0.31 -27.42
CA SER A 155 -28.89 1.24 -26.62
C SER A 155 -28.40 1.37 -25.18
N ILE A 156 -27.39 0.59 -24.77
CA ILE A 156 -26.91 0.64 -23.39
C ILE A 156 -25.41 0.68 -23.37
N ASN A 157 -24.87 1.09 -22.22
CA ASN A 157 -23.44 1.20 -22.14
C ASN A 157 -22.84 -0.21 -22.18
N TYR A 158 -21.56 -0.26 -22.52
CA TYR A 158 -20.92 -1.54 -22.85
C TYR A 158 -20.89 -2.46 -21.63
N ALA A 159 -20.63 -1.91 -20.43
CA ALA A 159 -20.57 -2.76 -19.24
C ALA A 159 -21.89 -3.45 -18.97
N ASP A 160 -22.98 -2.70 -19.06
CA ASP A 160 -24.30 -3.28 -18.86
C ASP A 160 -24.58 -4.36 -19.88
N ALA A 161 -24.18 -4.15 -21.14
CA ALA A 161 -24.43 -5.15 -22.17
C ALA A 161 -23.52 -6.37 -22.02
N VAL A 162 -22.26 -6.16 -21.63
CA VAL A 162 -21.34 -7.28 -21.71
C VAL A 162 -21.41 -8.20 -20.49
N ARG A 163 -21.92 -7.71 -19.36
CA ARG A 163 -22.00 -8.52 -18.14
C ARG A 163 -22.85 -9.78 -18.30
N PRO A 164 -24.10 -9.73 -18.77
CA PRO A 164 -24.85 -10.99 -18.98
C PRO A 164 -24.09 -11.98 -19.84
N ILE A 165 -23.38 -11.49 -20.85
CA ILE A 165 -22.63 -12.38 -21.73
C ILE A 165 -21.55 -13.12 -20.96
N LEU A 166 -20.78 -12.38 -20.14
CA LEU A 166 -19.66 -12.97 -19.41
C LEU A 166 -20.15 -13.85 -18.27
N GLN A 167 -21.25 -13.46 -17.61
CA GLN A 167 -21.84 -14.26 -16.54
C GLN A 167 -22.45 -15.56 -17.05
N THR A 168 -22.97 -15.57 -18.28
CA THR A 168 -23.76 -16.67 -18.82
C THR A 168 -22.97 -17.58 -19.75
N ILE A 169 -22.27 -17.01 -20.71
CA ILE A 169 -21.48 -17.75 -21.68
C ILE A 169 -20.07 -18.02 -21.17
N GLY A 170 -19.41 -17.00 -20.62
CA GLY A 170 -18.09 -17.14 -20.05
C GLY A 170 -17.00 -17.25 -21.11
N VAL A 171 -15.76 -17.34 -20.61
CA VAL A 171 -14.56 -17.32 -21.44
C VAL A 171 -14.06 -18.75 -21.63
N TYR A 172 -13.42 -19.03 -22.77
CA TYR A 172 -12.86 -20.36 -22.91
C TYR A 172 -11.57 -20.48 -22.09
N LYS A 173 -11.06 -21.70 -21.97
CA LYS A 173 -10.00 -21.94 -21.00
C LYS A 173 -8.74 -21.19 -21.41
N GLU A 174 -8.13 -20.52 -20.43
CA GLU A 174 -6.97 -19.64 -20.58
C GLU A 174 -7.26 -18.43 -21.45
N GLY A 175 -8.52 -18.24 -21.85
CA GLY A 175 -8.89 -17.07 -22.62
C GLY A 175 -9.13 -15.86 -21.72
N ILE A 176 -9.15 -14.69 -22.36
CA ILE A 176 -9.45 -13.45 -21.66
C ILE A 176 -10.43 -12.67 -22.54
N PRO A 177 -11.51 -12.13 -21.98
CA PRO A 177 -12.43 -11.33 -22.79
C PRO A 177 -11.78 -9.99 -23.15
N ALA A 178 -11.75 -9.69 -24.45
CA ALA A 178 -11.07 -8.50 -24.95
C ALA A 178 -11.75 -8.03 -26.22
N GLY A 179 -12.04 -6.74 -26.29
CA GLY A 179 -12.59 -6.15 -27.50
C GLY A 179 -11.52 -5.97 -28.56
N LEU A 180 -11.91 -6.20 -29.82
CA LEU A 180 -10.98 -6.12 -30.93
C LEU A 180 -11.61 -5.34 -32.08
N ASN A 181 -10.85 -4.45 -32.68
CA ASN A 181 -11.31 -3.64 -33.79
C ASN A 181 -10.41 -3.80 -35.00
N PHE A 182 -10.99 -3.67 -36.18
CA PHE A 182 -10.25 -3.66 -37.45
C PHE A 182 -10.15 -2.21 -37.92
N VAL A 183 -8.96 -1.80 -38.33
CA VAL A 183 -8.77 -0.55 -39.06
C VAL A 183 -8.47 -0.92 -40.50
N LEU A 184 -9.36 -0.53 -41.42
CA LEU A 184 -9.27 -0.94 -42.82
C LEU A 184 -8.60 0.15 -43.64
N LEU A 185 -7.34 -0.06 -44.01
CA LEU A 185 -6.60 0.82 -44.90
C LEU A 185 -6.59 0.17 -46.31
N GLU A 186 -5.93 0.85 -47.26
CA GLU A 186 -6.08 0.48 -48.67
C GLU A 186 -5.53 -0.92 -48.99
N ASP A 187 -4.28 -1.19 -48.61
CA ASP A 187 -3.61 -2.49 -48.76
C ASP A 187 -3.72 -3.42 -47.56
N LYS A 188 -4.33 -2.98 -46.48
CA LYS A 188 -4.07 -3.73 -45.27
C LYS A 188 -5.05 -3.39 -44.16
N PHE A 189 -5.26 -4.32 -43.23
CA PHE A 189 -6.01 -3.97 -42.04
C PHE A 189 -5.08 -4.05 -40.83
N LEU A 190 -5.39 -3.21 -39.86
CA LEU A 190 -4.79 -3.26 -38.53
C LEU A 190 -5.82 -3.81 -37.55
N VAL A 191 -5.32 -4.50 -36.53
CA VAL A 191 -6.16 -5.02 -35.45
C VAL A 191 -5.75 -4.35 -34.15
N LEU A 192 -6.72 -3.78 -33.45
CA LEU A 192 -6.53 -3.09 -32.18
C LEU A 192 -7.22 -3.87 -31.07
N ALA A 193 -6.54 -4.03 -29.93
CA ALA A 193 -7.08 -4.72 -28.76
C ALA A 193 -6.16 -4.44 -27.59
N ASP A 194 -6.69 -4.44 -26.37
CA ASP A 194 -8.09 -4.65 -26.03
C ASP A 194 -8.82 -3.33 -25.87
N THR A 195 -9.80 -3.08 -26.74
CA THR A 195 -10.46 -1.80 -26.83
C THR A 195 -11.67 -1.62 -25.91
N THR A 196 -12.06 -2.64 -25.11
CA THR A 196 -13.33 -2.53 -24.36
C THR A 196 -13.33 -3.07 -22.92
N VAL A 197 -12.60 -4.15 -22.60
CA VAL A 197 -12.88 -4.88 -21.37
C VAL A 197 -11.91 -4.56 -20.21
N ASN A 198 -10.62 -4.85 -20.37
CA ASN A 198 -9.68 -4.81 -19.26
C ASN A 198 -9.09 -3.40 -19.08
N LEU A 199 -9.33 -2.80 -17.91
CA LEU A 199 -8.83 -1.46 -17.61
C LEU A 199 -7.32 -1.39 -17.76
N ASN A 200 -6.61 -2.38 -17.22
CA ASN A 200 -5.16 -2.31 -17.09
C ASN A 200 -4.59 -3.70 -17.10
N PRO A 201 -4.58 -4.37 -18.24
CA PRO A 201 -4.14 -5.76 -18.29
C PRO A 201 -2.69 -5.88 -17.84
N THR A 202 -2.38 -6.98 -17.16
CA THR A 202 -1.01 -7.32 -16.82
C THR A 202 -0.24 -7.73 -18.07
N ALA A 203 1.07 -7.92 -17.91
CA ALA A 203 1.87 -8.47 -18.99
C ALA A 203 1.32 -9.81 -19.48
N GLU A 204 0.92 -10.69 -18.56
CA GLU A 204 0.39 -12.00 -18.95
C GLU A 204 -0.88 -11.85 -19.76
N GLN A 205 -1.77 -10.93 -19.32
CA GLN A 205 -3.02 -10.69 -20.03
C GLN A 205 -2.79 -10.05 -21.39
N CYS A 206 -1.80 -9.15 -21.49
CA CYS A 206 -1.52 -8.53 -22.78
C CYS A 206 -0.99 -9.57 -23.76
N ALA A 207 -0.23 -10.54 -23.26
CA ALA A 207 0.26 -11.59 -24.13
C ALA A 207 -0.92 -12.43 -24.65
N GLN A 208 -1.84 -12.77 -23.76
CA GLN A 208 -2.99 -13.57 -24.18
C GLN A 208 -3.89 -12.78 -25.13
N ILE A 209 -4.06 -11.47 -24.89
CA ILE A 209 -4.81 -10.65 -25.82
C ILE A 209 -4.17 -10.69 -27.21
N ALA A 210 -2.84 -10.64 -27.27
CA ALA A 210 -2.16 -10.71 -28.56
C ALA A 210 -2.39 -12.06 -29.24
N LEU A 211 -2.30 -13.15 -28.46
CA LEU A 211 -2.50 -14.49 -29.03
C LEU A 211 -3.88 -14.63 -29.64
N GLN A 212 -4.89 -14.10 -28.93
CA GLN A 212 -6.27 -14.15 -29.43
C GLN A 212 -6.43 -13.35 -30.71
N ALA A 213 -5.89 -12.11 -30.73
CA ALA A 213 -5.95 -11.29 -31.93
C ALA A 213 -5.15 -11.91 -33.07
N ALA A 214 -4.04 -12.58 -32.77
CA ALA A 214 -3.22 -13.14 -33.84
C ALA A 214 -3.96 -14.25 -34.58
N LYS A 215 -4.68 -15.12 -33.86
CA LYS A 215 -5.39 -16.19 -34.54
C LYS A 215 -6.52 -15.66 -35.42
N ILE A 216 -7.12 -14.53 -35.03
CA ILE A 216 -8.14 -13.90 -35.87
C ILE A 216 -7.54 -13.37 -37.16
N VAL A 217 -6.37 -12.74 -37.07
CA VAL A 217 -5.70 -12.26 -38.27
C VAL A 217 -5.39 -13.44 -39.19
N GLU A 218 -5.00 -14.56 -38.59
CA GLU A 218 -4.68 -15.76 -39.36
C GLU A 218 -5.91 -16.33 -40.06
N TYR A 219 -7.10 -16.20 -39.46
CA TYR A 219 -8.33 -16.69 -40.08
C TYR A 219 -8.56 -16.08 -41.45
N PHE A 220 -8.08 -14.85 -41.66
CA PHE A 220 -8.22 -14.16 -42.93
C PHE A 220 -7.01 -14.37 -43.83
N GLY A 221 -6.14 -15.31 -43.50
CA GLY A 221 -5.01 -15.61 -44.36
C GLY A 221 -3.89 -14.60 -44.32
N ILE A 222 -3.80 -13.80 -43.26
CA ILE A 222 -2.74 -12.81 -43.10
C ILE A 222 -1.78 -13.28 -42.02
N GLU A 223 -0.49 -13.01 -42.23
CA GLU A 223 0.53 -13.29 -41.22
C GLU A 223 0.46 -12.23 -40.12
N PRO A 224 0.24 -12.61 -38.87
CA PRO A 224 0.16 -11.61 -37.80
C PRO A 224 1.54 -11.14 -37.37
N ARG A 225 1.67 -9.82 -37.21
CA ARG A 225 2.90 -9.20 -36.72
C ARG A 225 2.52 -8.27 -35.59
N VAL A 226 3.02 -8.55 -34.38
CA VAL A 226 2.44 -8.02 -33.14
C VAL A 226 3.37 -6.96 -32.53
N ALA A 227 2.79 -5.81 -32.18
CA ALA A 227 3.47 -4.73 -31.47
C ALA A 227 2.81 -4.53 -30.11
N MET A 228 3.62 -4.54 -29.05
CA MET A 228 3.15 -4.23 -27.71
C MET A 228 3.36 -2.74 -27.47
N LEU A 229 2.27 -1.98 -27.47
CA LEU A 229 2.39 -0.53 -27.57
C LEU A 229 2.71 0.11 -26.24
N SER A 230 3.42 1.22 -26.29
CA SER A 230 3.73 2.01 -25.10
C SER A 230 4.01 3.43 -25.56
N TYR A 231 4.34 4.29 -24.62
CA TYR A 231 4.79 5.63 -24.93
C TYR A 231 6.30 5.66 -25.12
N SER A 232 6.95 4.51 -25.01
CA SER A 232 8.40 4.39 -25.04
C SER A 232 8.83 3.51 -26.21
N ASN A 233 10.05 3.77 -26.70
CA ASN A 233 10.71 2.93 -27.69
C ASN A 233 11.80 2.11 -26.99
N PHE A 234 11.50 0.85 -26.72
CA PHE A 234 12.48 -0.11 -26.21
C PHE A 234 13.26 0.42 -25.02
N SER A 235 12.57 1.07 -24.09
CA SER A 235 13.22 1.50 -22.86
C SER A 235 13.11 0.47 -21.75
N GLY A 236 11.98 -0.21 -21.62
CA GLY A 236 11.87 -1.19 -20.54
C GLY A 236 11.88 -0.60 -19.14
N ALA A 237 11.74 0.72 -19.01
CA ALA A 237 11.63 1.34 -17.70
C ALA A 237 10.41 0.82 -16.95
N GLU A 238 10.39 1.06 -15.65
CA GLU A 238 9.32 0.52 -14.83
C GLU A 238 7.99 1.13 -15.23
N GLY A 239 6.93 0.35 -15.04
CA GLY A 239 5.61 0.77 -15.47
C GLY A 239 5.25 0.16 -16.81
N THR A 240 4.57 0.92 -17.66
CA THR A 240 4.11 0.23 -18.86
C THR A 240 5.26 -0.17 -19.79
N PRO A 241 6.36 0.61 -19.91
CA PRO A 241 7.44 0.10 -20.77
C PRO A 241 7.94 -1.28 -20.36
N ARG A 242 8.17 -1.50 -19.07
CA ARG A 242 8.55 -2.84 -18.61
C ARG A 242 7.43 -3.84 -18.85
N LYS A 243 6.18 -3.45 -18.57
CA LYS A 243 5.05 -4.36 -18.76
C LYS A 243 4.93 -4.81 -20.21
N MET A 244 5.00 -3.87 -21.16
CA MET A 244 4.79 -4.24 -22.57
C MET A 244 6.00 -4.98 -23.12
N LYS A 245 7.20 -4.68 -22.63
CA LYS A 245 8.37 -5.48 -22.98
C LYS A 245 8.21 -6.92 -22.51
N LYS A 246 7.71 -7.14 -21.30
CA LYS A 246 7.55 -8.54 -20.91
C LYS A 246 6.39 -9.20 -21.62
N ALA A 247 5.32 -8.45 -21.92
CA ALA A 247 4.22 -9.02 -22.68
C ALA A 247 4.73 -9.59 -24.00
N ALA A 248 5.57 -8.82 -24.72
CA ALA A 248 6.17 -9.33 -25.94
C ALA A 248 6.97 -10.60 -25.68
N GLU A 249 7.71 -10.64 -24.58
CA GLU A 249 8.51 -11.82 -24.27
C GLU A 249 7.62 -13.04 -24.03
N ILE A 250 6.60 -12.88 -23.19
CA ILE A 250 5.69 -13.99 -22.89
C ILE A 250 5.04 -14.49 -24.17
N ALA A 251 4.54 -13.56 -24.98
CA ALA A 251 3.91 -13.93 -26.25
C ALA A 251 4.89 -14.64 -27.17
N ARG A 252 6.14 -14.16 -27.22
CA ARG A 252 7.16 -14.82 -28.03
C ARG A 252 7.39 -16.25 -27.56
N SER A 253 7.34 -16.46 -26.25
CA SER A 253 7.39 -17.80 -25.67
C SER A 253 6.26 -18.69 -26.17
N LEU A 254 5.04 -18.14 -26.24
CA LEU A 254 3.89 -18.97 -26.55
C LEU A 254 3.69 -19.19 -28.05
N ARG A 255 4.13 -18.25 -28.88
CA ARG A 255 4.08 -18.42 -30.34
C ARG A 255 5.46 -18.08 -30.88
N PRO A 256 6.42 -19.00 -30.76
CA PRO A 256 7.78 -18.73 -31.25
C PRO A 256 7.85 -18.49 -32.75
N ASP A 257 6.74 -18.71 -33.48
CA ASP A 257 6.75 -18.53 -34.92
C ASP A 257 6.36 -17.12 -35.36
N LEU A 258 5.87 -16.29 -34.45
CA LEU A 258 5.35 -14.97 -34.80
C LEU A 258 6.36 -13.87 -34.52
N MET A 259 6.30 -12.81 -35.32
CA MET A 259 6.98 -11.56 -34.99
C MET A 259 6.14 -10.85 -33.93
N ILE A 260 6.69 -10.77 -32.72
CA ILE A 260 6.05 -10.10 -31.59
C ILE A 260 7.13 -9.25 -30.92
N GLU A 261 6.85 -7.96 -30.73
CA GLU A 261 7.90 -7.05 -30.28
C GLU A 261 7.31 -5.93 -29.43
N GLY A 262 8.17 -5.35 -28.61
CA GLY A 262 7.81 -4.27 -27.70
C GLY A 262 8.85 -4.20 -26.61
N ASP A 263 8.80 -3.13 -25.81
CA ASP A 263 7.85 -2.02 -25.88
C ASP A 263 8.20 -1.04 -27.00
N MET A 264 7.20 -0.46 -27.68
CA MET A 264 7.48 0.51 -28.73
C MET A 264 6.33 1.51 -28.88
N GLN A 265 6.66 2.68 -29.42
CA GLN A 265 5.65 3.68 -29.75
C GLN A 265 4.83 3.26 -30.98
N ALA A 266 3.69 3.91 -31.15
CA ALA A 266 2.75 3.46 -32.17
C ALA A 266 3.26 3.70 -33.60
N ASP A 267 3.94 4.83 -33.84
CA ASP A 267 4.46 5.05 -35.18
C ASP A 267 5.62 4.11 -35.47
N THR A 268 6.48 3.86 -34.49
CA THR A 268 7.48 2.81 -34.61
C THR A 268 6.83 1.50 -35.03
N ALA A 269 5.68 1.18 -34.44
CA ALA A 269 5.01 -0.10 -34.66
C ALA A 269 4.51 -0.23 -36.09
N VAL A 270 3.81 0.80 -36.58
CA VAL A 270 3.12 0.62 -37.87
C VAL A 270 4.05 0.90 -39.03
N ASN A 271 5.01 1.81 -38.88
CA ASN A 271 5.82 2.28 -39.99
C ASN A 271 7.14 1.43 -40.10
N PRO A 272 7.24 0.60 -41.12
CA PRO A 272 8.46 -0.27 -41.18
C PRO A 272 9.74 0.47 -41.46
N GLU A 273 9.66 1.64 -42.11
CA GLU A 273 10.85 2.43 -42.40
C GLU A 273 11.35 3.13 -41.13
N ILE A 274 10.43 3.53 -40.24
CA ILE A 274 10.85 4.11 -38.97
C ILE A 274 11.52 3.05 -38.09
N MET A 275 10.92 1.87 -38.02
CA MET A 275 11.52 0.75 -37.28
C MET A 275 12.91 0.43 -37.79
N GLU A 276 13.04 0.23 -39.11
CA GLU A 276 14.32 -0.19 -39.66
C GLU A 276 15.40 0.84 -39.40
N ARG A 277 15.05 2.12 -39.47
CA ARG A 277 16.04 3.17 -39.28
C ARG A 277 16.48 3.24 -37.83
N LEU A 278 15.54 3.24 -36.89
CA LEU A 278 15.87 3.57 -35.52
C LEU A 278 16.13 2.36 -34.64
N PHE A 279 15.55 1.20 -34.93
CA PHE A 279 15.66 0.03 -34.06
C PHE A 279 15.84 -1.23 -34.91
N PRO A 280 16.93 -1.29 -35.68
CA PRO A 280 17.11 -2.39 -36.64
C PRO A 280 17.30 -3.75 -35.99
N PHE A 281 17.61 -3.79 -34.69
CA PHE A 281 17.72 -5.04 -33.95
C PHE A 281 16.36 -5.69 -33.73
N SER A 282 15.28 -4.93 -33.91
CA SER A 282 13.94 -5.41 -33.64
C SER A 282 13.62 -6.66 -34.47
N GLY A 283 12.84 -7.57 -33.87
CA GLY A 283 12.36 -8.75 -34.55
C GLY A 283 11.16 -8.52 -35.45
N LEU A 284 10.65 -7.30 -35.50
CA LEU A 284 9.43 -6.97 -36.23
C LEU A 284 9.81 -6.31 -37.54
N LYS A 285 9.58 -7.03 -38.64
CA LYS A 285 9.79 -6.56 -39.99
C LYS A 285 8.45 -6.22 -40.64
N GLY A 286 8.47 -5.23 -41.53
CA GLY A 286 7.31 -4.97 -42.36
C GLY A 286 6.13 -4.27 -41.71
N GLY A 287 6.30 -3.71 -40.50
CA GLY A 287 5.20 -3.00 -39.86
C GLY A 287 4.22 -3.93 -39.17
N ALA A 288 3.68 -3.52 -38.03
CA ALA A 288 2.74 -4.35 -37.28
C ALA A 288 1.32 -4.23 -37.83
N ASN A 289 0.63 -5.38 -37.89
CA ASN A 289 -0.81 -5.38 -38.15
C ASN A 289 -1.62 -5.84 -36.96
N VAL A 290 -0.98 -6.16 -35.83
CA VAL A 290 -1.67 -6.43 -34.57
C VAL A 290 -1.09 -5.51 -33.51
N LEU A 291 -1.92 -4.61 -32.97
CA LEU A 291 -1.48 -3.60 -32.01
C LEU A 291 -2.16 -3.83 -30.66
N VAL A 292 -1.41 -4.32 -29.68
CA VAL A 292 -1.94 -4.61 -28.36
C VAL A 292 -1.64 -3.44 -27.43
N PHE A 293 -2.67 -2.97 -26.69
CA PHE A 293 -2.56 -1.73 -25.91
C PHE A 293 -2.23 -1.99 -24.44
N PRO A 294 -1.62 -1.02 -23.75
CA PRO A 294 -1.23 -1.25 -22.36
C PRO A 294 -2.35 -0.96 -21.37
N ASN A 295 -3.39 -0.24 -21.76
CA ASN A 295 -4.49 0.09 -20.86
C ASN A 295 -5.70 0.46 -21.68
N LEU A 296 -6.84 0.56 -21.00
CA LEU A 296 -8.11 0.69 -21.70
C LEU A 296 -8.31 2.09 -22.24
N GLU A 297 -7.81 3.11 -21.53
CA GLU A 297 -7.87 4.47 -22.03
C GLU A 297 -7.25 4.58 -23.42
N SER A 298 -6.08 3.95 -23.61
CA SER A 298 -5.36 4.16 -24.86
C SER A 298 -6.00 3.41 -26.01
N SER A 299 -6.42 2.16 -25.78
CA SER A 299 -7.12 1.41 -26.83
C SER A 299 -8.42 2.09 -27.21
N ASN A 300 -9.22 2.44 -26.23
CA ASN A 300 -10.55 2.95 -26.53
C ASN A 300 -10.48 4.32 -27.21
N ILE A 301 -9.65 5.21 -26.69
CA ILE A 301 -9.56 6.54 -27.30
C ILE A 301 -8.96 6.44 -28.71
N ALA A 302 -8.01 5.54 -28.91
CA ALA A 302 -7.32 5.47 -30.20
C ALA A 302 -8.29 5.04 -31.30
N TYR A 303 -8.93 3.88 -31.15
CA TYR A 303 -9.76 3.38 -32.23
C TYR A 303 -10.89 4.35 -32.53
N LYS A 304 -11.38 5.07 -31.52
CA LYS A 304 -12.47 6.02 -31.75
C LYS A 304 -11.97 7.27 -32.47
N LEU A 305 -10.77 7.75 -32.15
CA LEU A 305 -10.24 8.89 -32.88
C LEU A 305 -9.93 8.51 -34.32
N ILE A 306 -9.36 7.32 -34.52
CA ILE A 306 -9.12 6.87 -35.89
C ILE A 306 -10.43 6.83 -36.67
N GLN A 307 -11.49 6.29 -36.06
CA GLN A 307 -12.76 6.14 -36.75
C GLN A 307 -13.37 7.48 -37.13
N GLN A 308 -13.25 8.48 -36.25
CA GLN A 308 -13.90 9.76 -36.51
C GLN A 308 -13.13 10.61 -37.53
N ILE A 309 -11.80 10.68 -37.41
CA ILE A 309 -11.02 11.63 -38.20
C ILE A 309 -10.04 10.96 -39.18
N GLY A 310 -9.57 9.76 -38.87
CA GLY A 310 -8.61 9.01 -39.67
C GLY A 310 -8.96 8.61 -41.08
N LYS A 311 -10.18 8.92 -41.48
CA LYS A 311 -10.69 8.63 -42.82
C LYS A 311 -10.33 7.22 -43.30
N ALA A 312 -10.48 6.27 -42.40
CA ALA A 312 -10.39 4.83 -42.63
C ALA A 312 -11.62 4.21 -41.99
N GLU A 313 -12.08 3.11 -42.56
CA GLU A 313 -13.18 2.39 -41.94
C GLU A 313 -12.66 1.59 -40.74
N VAL A 314 -13.36 1.69 -39.62
CA VAL A 314 -13.08 0.95 -38.40
C VAL A 314 -14.32 0.12 -38.06
N ILE A 315 -14.14 -1.20 -37.95
CA ILE A 315 -15.24 -2.07 -37.63
C ILE A 315 -14.98 -2.79 -36.30
N GLY A 316 -16.06 -3.05 -35.58
CA GLY A 316 -16.01 -3.60 -34.25
C GLY A 316 -16.56 -2.60 -33.25
N PRO A 317 -16.31 -2.83 -31.95
CA PRO A 317 -15.48 -3.93 -31.42
C PRO A 317 -16.15 -5.30 -31.41
N PHE A 318 -15.34 -6.33 -31.53
CA PHE A 318 -15.78 -7.72 -31.41
C PHE A 318 -15.22 -8.34 -30.14
N LEU A 319 -16.08 -9.01 -29.38
CA LEU A 319 -15.71 -9.64 -28.12
C LEU A 319 -15.02 -10.97 -28.38
N THR A 320 -13.71 -11.04 -28.09
CA THR A 320 -12.91 -12.25 -28.22
C THR A 320 -12.73 -12.94 -26.86
N GLY A 321 -12.32 -14.21 -26.91
CA GLY A 321 -12.06 -14.96 -25.69
C GLY A 321 -13.26 -15.67 -25.08
N VAL A 322 -14.47 -15.53 -25.65
CA VAL A 322 -15.69 -16.09 -25.06
C VAL A 322 -16.12 -17.33 -25.84
N ARG A 323 -16.84 -18.23 -25.14
CA ARG A 323 -17.05 -19.61 -25.61
C ARG A 323 -17.96 -19.71 -26.83
N ARG A 324 -18.90 -18.77 -27.00
CA ARG A 324 -19.81 -18.65 -28.14
C ARG A 324 -19.75 -17.25 -28.68
N SER A 325 -20.31 -17.09 -29.88
CA SER A 325 -20.22 -15.82 -30.58
C SER A 325 -21.19 -14.84 -29.94
N ALA A 326 -20.66 -13.74 -29.40
CA ALA A 326 -21.45 -12.68 -28.79
C ALA A 326 -20.61 -11.42 -28.97
N ASN A 327 -21.21 -10.36 -29.49
CA ASN A 327 -20.50 -9.10 -29.68
C ASN A 327 -21.37 -7.94 -29.23
N VAL A 328 -20.76 -6.99 -28.54
CA VAL A 328 -21.45 -5.79 -28.05
C VAL A 328 -21.07 -4.63 -28.95
N LEU A 329 -22.05 -4.03 -29.59
CA LEU A 329 -21.85 -2.81 -30.37
C LEU A 329 -21.44 -1.67 -29.45
N GLN A 330 -20.65 -0.76 -29.99
CA GLN A 330 -20.41 0.48 -29.28
C GLN A 330 -21.67 1.33 -29.29
N ARG A 331 -21.94 1.96 -28.14
CA ARG A 331 -23.11 2.81 -27.98
C ARG A 331 -23.16 3.90 -29.05
N THR A 332 -22.00 4.33 -29.56
CA THR A 332 -21.92 5.38 -30.57
C THR A 332 -22.09 4.87 -32.00
N THR A 333 -22.35 3.59 -32.21
CA THR A 333 -22.35 3.02 -33.56
C THR A 333 -23.38 3.69 -34.46
N THR A 334 -23.10 3.64 -35.76
CA THR A 334 -24.03 4.01 -36.81
C THR A 334 -24.76 2.79 -37.31
N VAL A 335 -25.73 3.02 -38.20
CA VAL A 335 -26.47 1.93 -38.82
C VAL A 335 -25.52 1.00 -39.58
N ASP A 336 -24.64 1.59 -40.38
CA ASP A 336 -23.66 0.80 -41.13
C ASP A 336 -22.65 0.13 -40.22
N GLY A 337 -22.25 0.80 -39.14
CA GLY A 337 -21.48 0.10 -38.12
C GLY A 337 -22.14 -1.20 -37.71
N ILE A 338 -23.44 -1.14 -37.38
CA ILE A 338 -24.15 -2.35 -36.99
C ILE A 338 -24.18 -3.34 -38.15
N VAL A 339 -24.32 -2.85 -39.39
CA VAL A 339 -24.28 -3.75 -40.53
C VAL A 339 -22.97 -4.51 -40.56
N ASN A 340 -21.85 -3.77 -40.45
CA ASN A 340 -20.52 -4.38 -40.44
C ASN A 340 -20.36 -5.38 -39.31
N SER A 341 -20.84 -5.03 -38.11
CA SER A 341 -20.61 -5.92 -36.96
C SER A 341 -21.40 -7.21 -37.10
N VAL A 342 -22.60 -7.14 -37.67
CA VAL A 342 -23.41 -8.35 -37.86
C VAL A 342 -22.76 -9.28 -38.87
N VAL A 343 -22.15 -8.71 -39.93
CA VAL A 343 -21.49 -9.54 -40.92
C VAL A 343 -20.44 -10.41 -40.27
N PHE A 344 -19.57 -9.80 -39.45
CA PHE A 344 -18.51 -10.58 -38.83
C PHE A 344 -19.03 -11.45 -37.68
N THR A 345 -20.08 -11.03 -36.98
CA THR A 345 -20.71 -11.94 -36.04
C THR A 345 -21.20 -13.20 -36.74
N ALA A 346 -21.73 -13.07 -37.95
CA ALA A 346 -22.16 -14.25 -38.70
C ALA A 346 -20.97 -15.16 -39.01
N LEU A 347 -19.83 -14.59 -39.41
CA LEU A 347 -18.65 -15.41 -39.64
C LEU A 347 -18.24 -16.12 -38.36
N GLU A 348 -18.22 -15.39 -37.24
CA GLU A 348 -17.85 -15.95 -35.93
C GLU A 348 -18.78 -17.11 -35.55
N ALA A 349 -20.10 -16.92 -35.68
CA ALA A 349 -21.06 -17.97 -35.34
C ALA A 349 -20.86 -19.21 -36.20
N GLN A 350 -20.59 -19.03 -37.50
CA GLN A 350 -20.34 -20.18 -38.37
C GLN A 350 -19.09 -20.94 -37.95
N TYR A 351 -18.02 -20.21 -37.62
CA TYR A 351 -16.76 -20.85 -37.24
C TYR A 351 -16.90 -21.63 -35.94
N ILE A 352 -17.48 -21.00 -34.91
CA ILE A 352 -17.74 -21.69 -33.65
C ILE A 352 -18.68 -22.88 -33.86
N LYS A 353 -19.65 -22.75 -34.78
CA LYS A 353 -20.64 -23.80 -34.95
C LYS A 353 -20.01 -25.11 -35.44
N GLU A 354 -18.93 -25.04 -36.24
CA GLU A 354 -18.31 -26.28 -36.72
C GLU A 354 -17.32 -26.84 -35.72
N VAL A 355 -16.68 -25.95 -34.95
CA VAL A 355 -15.81 -26.38 -33.86
C VAL A 355 -16.55 -27.30 -32.90
N LEU A 356 -17.75 -26.90 -32.51
CA LEU A 356 -18.45 -27.71 -31.53
C LEU A 356 -19.02 -29.00 -32.11
N LYS A 357 -19.13 -29.13 -33.43
CA LYS A 357 -19.61 -30.38 -33.99
C LYS A 357 -18.61 -31.49 -33.69
N SER A 358 -17.32 -31.17 -33.74
CA SER A 358 -16.22 -32.05 -33.31
C SER A 358 -16.47 -32.91 -32.06
N LYS B 22 -1.48 22.60 -44.75
CA LYS B 22 -1.39 23.31 -46.03
C LYS B 22 -1.59 24.82 -45.82
N VAL B 23 -2.84 25.20 -45.51
CA VAL B 23 -3.21 26.59 -45.24
C VAL B 23 -2.72 27.02 -43.88
N PHE B 24 -2.90 26.16 -42.87
CA PHE B 24 -2.53 26.49 -41.49
C PHE B 24 -1.05 26.85 -41.33
N ILE B 25 -0.18 26.13 -42.03
CA ILE B 25 1.24 26.41 -41.85
C ILE B 25 1.65 27.69 -42.57
N ARG B 26 1.08 27.95 -43.75
CA ARG B 26 1.35 29.22 -44.42
C ARG B 26 0.88 30.39 -43.57
N SER B 27 -0.27 30.24 -42.92
CA SER B 27 -0.82 31.32 -42.10
C SER B 27 0.07 31.61 -40.90
N ALA B 28 0.63 30.58 -40.28
CA ALA B 28 1.56 30.79 -39.19
C ALA B 28 2.81 31.53 -39.66
N ILE B 29 3.34 31.10 -40.82
CA ILE B 29 4.50 31.78 -41.41
C ILE B 29 4.22 33.26 -41.61
N ASN B 30 3.00 33.61 -42.05
CA ASN B 30 2.66 35.01 -42.30
C ASN B 30 2.57 35.82 -41.01
N ARG B 31 1.98 35.22 -39.98
CA ARG B 31 1.92 35.83 -38.65
C ARG B 31 3.31 36.04 -38.06
N VAL B 32 4.27 35.16 -38.35
CA VAL B 32 5.66 35.46 -37.98
C VAL B 32 6.10 36.75 -38.64
N HIS B 33 5.78 36.92 -39.92
CA HIS B 33 6.20 38.13 -40.65
C HIS B 33 5.48 39.38 -40.15
N GLN B 34 4.17 39.29 -39.86
CA GLN B 34 3.48 40.41 -39.25
C GLN B 34 4.13 40.81 -37.93
N ASN B 35 4.45 39.80 -37.09
CA ASN B 35 5.15 40.03 -35.83
C ASN B 35 6.51 40.70 -36.07
N SER B 36 7.24 40.21 -37.08
CA SER B 36 8.59 40.72 -37.30
C SER B 36 8.57 42.13 -37.90
N ALA B 37 7.63 42.42 -38.80
CA ALA B 37 7.55 43.79 -39.32
C ALA B 37 6.99 44.77 -38.30
N ALA B 38 6.61 44.32 -37.11
CA ALA B 38 6.17 45.20 -36.04
C ALA B 38 7.24 45.39 -34.99
N ASN B 39 8.40 44.80 -35.22
CA ASN B 39 9.53 44.85 -34.33
C ASN B 39 10.79 45.09 -35.15
N GLY B 40 10.74 46.07 -36.04
CA GLY B 40 11.91 46.50 -36.78
C GLY B 40 12.51 45.46 -37.72
N GLY B 41 11.73 44.47 -38.14
CA GLY B 41 12.25 43.44 -39.01
C GLY B 41 13.11 42.41 -38.32
N GLU B 42 13.19 42.45 -36.99
CA GLU B 42 13.97 41.46 -36.26
C GLU B 42 13.28 40.09 -36.31
N LEU B 43 14.10 39.03 -36.41
CA LEU B 43 13.71 37.64 -36.38
C LEU B 43 14.15 36.99 -35.07
N PRO B 44 13.35 36.05 -34.54
CA PRO B 44 13.79 35.34 -33.34
C PRO B 44 15.04 34.53 -33.62
N ARG B 45 15.90 34.43 -32.61
CA ARG B 45 17.09 33.61 -32.70
C ARG B 45 16.77 32.23 -32.10
N ILE B 46 16.91 31.19 -32.92
CA ILE B 46 16.58 29.83 -32.53
C ILE B 46 17.88 29.05 -32.54
N VAL B 47 18.26 28.49 -31.38
CA VAL B 47 19.46 27.67 -31.30
C VAL B 47 19.06 26.22 -31.51
N PHE B 48 19.88 25.48 -32.25
CA PHE B 48 19.69 24.06 -32.55
C PHE B 48 20.86 23.27 -31.98
N PRO B 49 20.66 22.52 -30.88
CA PRO B 49 21.79 21.75 -30.31
C PRO B 49 22.47 20.81 -31.30
N GLU B 50 21.72 20.24 -32.23
CA GLU B 50 22.26 19.21 -33.12
C GLU B 50 22.68 19.84 -34.44
N GLY B 51 23.78 20.60 -34.36
CA GLY B 51 24.31 21.31 -35.51
C GLY B 51 24.74 20.41 -36.65
N THR B 52 24.93 19.12 -36.38
CA THR B 52 25.36 18.13 -37.36
C THR B 52 24.23 17.27 -37.90
N SER B 53 22.99 17.47 -37.42
CA SER B 53 21.87 16.63 -37.80
C SER B 53 21.48 16.87 -39.26
N THR B 54 21.47 15.79 -40.04
CA THR B 54 21.10 15.89 -41.44
C THR B 54 19.68 16.45 -41.58
N LYS B 55 18.74 15.91 -40.79
CA LYS B 55 17.35 16.34 -40.88
C LYS B 55 17.17 17.79 -40.45
N VAL B 56 17.91 18.24 -39.43
CA VAL B 56 17.82 19.63 -39.00
C VAL B 56 18.33 20.56 -40.09
N LEU B 57 19.46 20.19 -40.71
CA LEU B 57 20.08 21.07 -41.72
C LEU B 57 19.20 21.21 -42.96
N LYS B 58 18.61 20.10 -43.42
CA LYS B 58 17.70 20.17 -44.55
C LYS B 58 16.49 21.03 -44.22
N ALA B 59 15.94 20.87 -43.01
CA ALA B 59 14.82 21.71 -42.61
C ALA B 59 15.22 23.18 -42.63
N LEU B 60 16.42 23.49 -42.14
CA LEU B 60 16.87 24.88 -42.06
C LEU B 60 17.04 25.48 -43.45
N ALA B 61 17.42 24.67 -44.43
CA ALA B 61 17.47 25.14 -45.82
C ALA B 61 16.17 25.81 -46.27
N THR B 62 15.03 25.13 -46.07
CA THR B 62 13.74 25.73 -46.45
C THR B 62 13.35 26.92 -45.59
N LEU B 63 13.67 26.93 -44.33
CA LEU B 63 13.20 28.02 -43.50
C LEU B 63 14.05 29.30 -43.60
N VAL B 64 15.31 29.21 -44.04
CA VAL B 64 16.10 30.43 -44.19
C VAL B 64 15.62 31.23 -45.39
N GLU B 65 15.14 30.55 -46.44
CA GLU B 65 14.54 31.21 -47.59
C GLU B 65 13.28 32.00 -47.20
N GLU B 66 12.62 31.59 -46.10
CA GLU B 66 11.36 32.21 -45.69
C GLU B 66 11.48 33.25 -44.58
N LYS B 67 12.69 33.54 -44.07
CA LYS B 67 12.89 34.60 -43.07
C LYS B 67 12.04 34.37 -41.81
N ILE B 68 12.04 33.15 -41.29
CA ILE B 68 11.27 32.91 -40.08
C ILE B 68 12.12 33.11 -38.80
N CYS B 69 13.44 32.85 -38.85
CA CYS B 69 14.27 32.91 -37.65
C CYS B 69 15.74 33.11 -38.03
N GLN B 70 16.57 33.51 -37.03
CA GLN B 70 18.03 33.43 -37.13
C GLN B 70 18.46 32.09 -36.55
N PRO B 71 18.84 31.13 -37.36
CA PRO B 71 19.31 29.84 -36.81
C PRO B 71 20.69 30.02 -36.17
N ILE B 72 20.91 29.33 -35.07
CA ILE B 72 22.23 29.22 -34.46
C ILE B 72 22.50 27.73 -34.29
N LEU B 73 23.54 27.24 -34.93
CA LEU B 73 23.87 25.83 -34.86
C LEU B 73 24.90 25.59 -33.76
N LEU B 74 24.70 24.54 -32.97
CA LEU B 74 25.65 24.20 -31.92
C LEU B 74 26.51 23.02 -32.36
N GLY B 75 27.81 23.16 -32.16
CA GLY B 75 28.75 22.12 -32.55
C GLY B 75 30.10 22.72 -32.89
N TYR B 76 31.02 21.85 -33.28
CA TYR B 76 32.32 22.18 -33.88
C TYR B 76 32.15 22.87 -35.18
N PRO B 77 32.52 24.14 -35.37
CA PRO B 77 32.38 24.86 -36.63
C PRO B 77 32.89 24.06 -37.84
N GLU B 78 33.97 23.30 -37.63
CA GLU B 78 34.57 22.51 -38.70
C GLU B 78 33.68 21.34 -39.08
N ARG B 79 33.08 20.69 -38.08
CA ARG B 79 32.18 19.57 -38.35
C ARG B 79 30.95 20.05 -39.06
N VAL B 80 30.45 21.17 -38.61
CA VAL B 80 29.11 21.57 -39.02
C VAL B 80 29.16 22.08 -40.45
N LYS B 81 30.18 22.88 -40.75
CA LYS B 81 30.37 23.41 -42.10
C LYS B 81 30.63 22.28 -43.09
N GLU B 82 31.34 21.25 -42.64
CA GLU B 82 31.66 20.14 -43.55
C GLU B 82 30.43 19.27 -43.80
N LYS B 83 29.52 19.17 -42.82
CA LYS B 83 28.24 18.51 -43.08
C LYS B 83 27.36 19.35 -43.99
N ILE B 84 27.40 20.68 -43.83
CA ILE B 84 26.59 21.58 -44.65
C ILE B 84 26.96 21.41 -46.12
N LYS B 85 28.25 21.36 -46.42
CA LYS B 85 28.63 21.23 -47.83
C LYS B 85 28.52 19.79 -48.33
N ALA B 86 28.68 18.82 -47.45
CA ALA B 86 28.43 17.43 -47.82
C ALA B 86 27.02 17.27 -48.35
N LEU B 87 26.03 17.83 -47.65
CA LEU B 87 24.64 17.75 -48.07
C LEU B 87 24.30 18.72 -49.18
N ASP B 88 25.23 19.61 -49.54
CA ASP B 88 25.06 20.52 -50.67
C ASP B 88 23.88 21.46 -50.46
N ILE B 89 23.98 22.28 -49.42
CA ILE B 89 22.97 23.32 -49.27
C ILE B 89 23.68 24.71 -49.12
N PRO B 90 24.00 25.34 -50.24
CA PRO B 90 24.79 26.60 -50.14
C PRO B 90 24.12 27.72 -49.37
N LEU B 91 22.82 27.63 -49.06
CA LEU B 91 22.11 28.73 -48.42
C LEU B 91 22.42 28.84 -46.93
N LEU B 92 23.18 27.90 -46.38
CA LEU B 92 23.58 27.89 -44.97
C LEU B 92 25.03 28.33 -44.74
N ASN B 93 25.69 28.95 -45.74
CA ASN B 93 27.11 29.23 -45.61
C ASN B 93 27.42 30.29 -44.55
N ASP B 94 26.40 31.01 -44.10
CA ASP B 94 26.49 32.09 -43.13
C ASP B 94 26.13 31.73 -41.71
N VAL B 95 25.29 30.71 -41.51
CA VAL B 95 24.43 30.72 -40.32
C VAL B 95 25.38 30.68 -39.12
N SER B 96 25.00 31.34 -38.03
CA SER B 96 25.88 31.35 -36.87
C SER B 96 26.13 29.93 -36.40
N ILE B 97 27.39 29.64 -36.09
CA ILE B 97 27.81 28.38 -35.49
C ILE B 97 28.60 28.70 -34.23
N VAL B 98 28.20 28.07 -33.12
CA VAL B 98 28.80 28.31 -31.80
C VAL B 98 29.19 26.97 -31.18
N HIS B 99 30.43 26.90 -30.68
CA HIS B 99 30.91 25.73 -29.94
C HIS B 99 30.75 26.00 -28.45
N PRO B 100 29.96 25.20 -27.71
CA PRO B 100 29.73 25.51 -26.28
C PRO B 100 30.97 25.77 -25.43
N SER B 101 31.95 24.86 -25.43
CA SER B 101 33.13 25.03 -24.58
C SER B 101 33.90 26.30 -24.93
N SER B 102 33.90 26.70 -26.22
CA SER B 102 34.68 27.84 -26.68
C SER B 102 33.95 29.18 -26.55
N HIS B 103 32.66 29.17 -26.25
CA HIS B 103 31.91 30.40 -26.21
C HIS B 103 32.39 31.26 -25.03
N PRO B 104 32.45 32.57 -25.19
CA PRO B 104 32.91 33.43 -24.08
C PRO B 104 32.15 33.24 -22.79
N LYS B 105 30.87 32.90 -22.87
CA LYS B 105 30.06 32.79 -21.68
C LYS B 105 30.13 31.40 -21.05
N TYR B 106 30.93 30.49 -21.60
CA TYR B 106 30.91 29.08 -21.16
C TYR B 106 31.05 28.99 -19.64
N PHE B 107 32.03 29.70 -19.07
CA PHE B 107 32.28 29.71 -17.60
C PHE B 107 31.13 30.29 -16.80
N SER B 108 30.55 31.37 -17.27
CA SER B 108 29.39 31.94 -16.62
C SER B 108 28.23 30.95 -16.59
N PHE B 109 28.04 30.23 -17.70
CA PHE B 109 26.96 29.27 -17.80
C PHE B 109 27.20 28.08 -16.87
N VAL B 110 28.45 27.59 -16.82
CA VAL B 110 28.79 26.50 -15.92
C VAL B 110 28.45 26.87 -14.48
N GLU B 111 28.85 28.08 -14.07
CA GLU B 111 28.63 28.47 -12.68
C GLU B 111 27.15 28.59 -12.37
N LYS B 112 26.35 29.01 -13.34
CA LYS B 112 24.93 29.16 -13.07
C LYS B 112 24.24 27.80 -13.03
N LEU B 113 24.67 26.83 -13.83
CA LEU B 113 24.11 25.49 -13.75
C LEU B 113 24.50 24.83 -12.43
N TYR B 114 25.76 24.98 -12.05
CA TYR B 114 26.22 24.45 -10.77
C TYR B 114 25.39 25.00 -9.62
N SER B 115 25.17 26.32 -9.61
CA SER B 115 24.39 26.91 -8.54
C SER B 115 22.96 26.39 -8.55
N LEU B 116 22.41 26.08 -9.73
CA LEU B 116 21.06 25.53 -9.79
C LEU B 116 21.01 24.09 -9.29
N ARG B 117 22.07 23.29 -9.50
CA ARG B 117 21.97 21.86 -9.30
C ARG B 117 22.92 21.31 -8.24
N GLN B 118 23.65 22.18 -7.51
CA GLN B 118 24.70 21.70 -6.62
C GLN B 118 24.14 20.94 -5.43
N ARG B 119 22.86 21.16 -5.09
CA ARG B 119 22.16 20.41 -4.05
C ARG B 119 21.22 19.37 -4.65
N LYS B 120 21.38 19.08 -5.95
CA LYS B 120 20.63 18.02 -6.62
C LYS B 120 21.60 17.03 -7.27
N GLY B 121 22.77 16.87 -6.66
CA GLY B 121 23.69 15.81 -7.01
C GLY B 121 24.67 16.08 -8.13
N ILE B 122 24.98 17.35 -8.39
CA ILE B 122 25.81 17.74 -9.54
C ILE B 122 27.03 18.48 -8.97
N ASN B 123 28.21 17.88 -9.08
CA ASN B 123 29.38 18.61 -8.65
C ASN B 123 29.89 19.50 -9.78
N LEU B 124 30.92 20.30 -9.47
CA LEU B 124 31.37 21.31 -10.42
C LEU B 124 31.85 20.69 -11.73
N GLY B 125 32.66 19.63 -11.63
CA GLY B 125 33.15 18.94 -12.83
C GLY B 125 32.04 18.33 -13.65
N ARG B 126 30.97 17.90 -12.98
CA ARG B 126 29.83 17.40 -13.72
C ARG B 126 29.04 18.55 -14.34
N ALA B 127 29.02 19.72 -13.69
CA ALA B 127 28.40 20.89 -14.28
C ALA B 127 29.12 21.33 -15.53
N GLU B 128 30.45 21.28 -15.53
CA GLU B 128 31.21 21.62 -16.73
C GLU B 128 30.91 20.65 -17.86
N ARG B 129 30.82 19.36 -17.57
CA ARG B 129 30.57 18.41 -18.65
C ARG B 129 29.13 18.48 -19.15
N LEU B 130 28.19 18.83 -18.28
CA LEU B 130 26.83 19.06 -18.75
C LEU B 130 26.76 20.31 -19.61
N MET B 131 27.39 21.41 -19.16
CA MET B 131 27.29 22.63 -19.94
C MET B 131 27.99 22.50 -21.29
N ALA B 132 28.96 21.59 -21.41
CA ALA B 132 29.56 21.31 -22.72
C ALA B 132 28.62 20.56 -23.65
N ASP B 133 27.55 19.97 -23.11
CA ASP B 133 26.56 19.32 -23.95
C ASP B 133 25.69 20.35 -24.64
N PRO B 134 25.56 20.30 -25.97
CA PRO B 134 24.79 21.33 -26.69
C PRO B 134 23.40 21.54 -26.14
N ASN B 135 22.75 20.48 -25.67
CA ASN B 135 21.39 20.59 -25.14
C ASN B 135 21.35 21.50 -23.91
N TYR B 136 22.30 21.31 -22.96
CA TYR B 136 22.36 22.21 -21.81
C TYR B 136 22.84 23.61 -22.22
N PHE B 137 23.81 23.68 -23.14
CA PHE B 137 24.26 25.01 -23.57
C PHE B 137 23.12 25.76 -24.25
N ALA B 138 22.35 25.07 -25.10
CA ALA B 138 21.19 25.70 -25.73
C ALA B 138 20.19 26.22 -24.70
N ALA B 139 19.79 25.37 -23.76
CA ALA B 139 18.81 25.78 -22.75
C ALA B 139 19.30 26.99 -21.95
N MET B 140 20.60 27.02 -21.61
CA MET B 140 21.13 28.16 -20.86
C MET B 140 21.20 29.41 -21.74
N MET B 141 21.54 29.25 -23.02
CA MET B 141 21.49 30.40 -23.94
C MET B 141 20.10 31.02 -23.96
N VAL B 142 19.06 30.19 -24.07
CA VAL B 142 17.70 30.72 -24.12
C VAL B 142 17.34 31.36 -22.78
N ASN B 143 17.70 30.70 -21.68
CA ASN B 143 17.43 31.22 -20.35
C ASN B 143 18.08 32.59 -20.13
N GLN B 144 19.29 32.78 -20.65
CA GLN B 144 20.05 34.00 -20.41
C GLN B 144 19.84 35.07 -21.47
N GLY B 145 18.88 34.88 -22.38
CA GLY B 145 18.63 35.88 -23.41
C GLY B 145 19.65 35.93 -24.53
N GLU B 146 20.58 34.98 -24.59
CA GLU B 146 21.48 34.86 -25.72
C GLU B 146 20.80 34.25 -26.95
N ALA B 147 19.64 33.63 -26.76
CA ALA B 147 18.79 33.21 -27.86
C ALA B 147 17.34 33.33 -27.42
N ASP B 148 16.43 33.33 -28.40
CA ASP B 148 15.02 33.51 -28.12
C ASP B 148 14.25 32.18 -28.03
N GLY B 149 14.84 31.09 -28.50
CA GLY B 149 14.20 29.80 -28.42
C GLY B 149 15.19 28.73 -28.86
N MET B 150 14.77 27.48 -28.70
CA MET B 150 15.59 26.34 -29.14
C MET B 150 14.70 25.23 -29.68
N VAL B 151 15.27 24.43 -30.57
CA VAL B 151 14.61 23.23 -31.08
C VAL B 151 15.63 22.09 -31.03
N SER B 152 15.27 21.00 -30.35
CA SER B 152 16.17 19.90 -30.11
C SER B 152 15.40 18.59 -30.25
N GLY B 153 16.15 17.47 -30.16
CA GLY B 153 15.58 16.17 -29.94
C GLY B 153 15.39 15.30 -31.15
N SER B 154 15.93 15.67 -32.31
CA SER B 154 15.83 14.82 -33.49
C SER B 154 16.69 13.57 -33.37
N SER B 155 17.78 13.61 -32.59
CA SER B 155 18.73 12.51 -32.51
C SER B 155 18.73 11.76 -31.19
N ILE B 156 17.96 12.19 -30.20
CA ILE B 156 17.93 11.55 -28.89
C ILE B 156 16.49 11.45 -28.41
N ASN B 157 16.27 10.56 -27.43
CA ASN B 157 14.91 10.33 -26.95
C ASN B 157 14.40 11.54 -26.18
N TYR B 158 13.08 11.58 -25.97
CA TYR B 158 12.44 12.79 -25.47
C TYR B 158 12.90 13.16 -24.05
N ALA B 159 13.03 12.16 -23.16
CA ALA B 159 13.43 12.45 -21.79
C ALA B 159 14.81 13.09 -21.76
N ASP B 160 15.74 12.56 -22.54
CA ASP B 160 17.08 13.13 -22.58
C ASP B 160 17.04 14.58 -23.07
N ALA B 161 16.24 14.86 -24.10
CA ALA B 161 16.23 16.22 -24.62
C ALA B 161 15.52 17.18 -23.69
N VAL B 162 14.46 16.73 -23.01
CA VAL B 162 13.65 17.70 -22.28
C VAL B 162 14.21 18.01 -20.89
N ARG B 163 14.98 17.10 -20.31
CA ARG B 163 15.53 17.30 -18.96
C ARG B 163 16.34 18.59 -18.85
N PRO B 164 17.30 18.88 -19.75
CA PRO B 164 17.99 20.19 -19.69
C PRO B 164 17.05 21.39 -19.73
N ILE B 165 16.00 21.32 -20.53
CA ILE B 165 15.07 22.44 -20.62
C ILE B 165 14.38 22.66 -19.29
N LEU B 166 13.85 21.58 -18.70
CA LEU B 166 13.10 21.73 -17.46
C LEU B 166 14.04 22.07 -16.31
N GLN B 167 15.26 21.53 -16.33
CA GLN B 167 16.23 21.85 -15.27
C GLN B 167 16.69 23.30 -15.35
N THR B 168 16.80 23.86 -16.56
CA THR B 168 17.43 25.17 -16.76
C THR B 168 16.42 26.28 -16.94
N ILE B 169 15.45 26.10 -17.84
CA ILE B 169 14.46 27.13 -18.10
C ILE B 169 13.32 27.03 -17.09
N GLY B 170 12.85 25.81 -16.83
CA GLY B 170 11.80 25.60 -15.85
C GLY B 170 10.43 26.02 -16.36
N VAL B 171 9.46 25.84 -15.48
CA VAL B 171 8.06 26.10 -15.78
C VAL B 171 7.67 27.44 -15.16
N TYR B 172 6.75 28.16 -15.81
CA TYR B 172 6.23 29.39 -15.21
C TYR B 172 5.26 29.04 -14.08
N LYS B 173 4.83 30.08 -13.36
CA LYS B 173 4.13 29.84 -12.11
C LYS B 173 2.78 29.17 -12.34
N GLU B 174 2.52 28.14 -11.55
CA GLU B 174 1.36 27.27 -11.51
C GLU B 174 1.24 26.51 -12.82
N GLY B 175 2.23 26.62 -13.71
CA GLY B 175 2.22 25.91 -14.97
C GLY B 175 2.69 24.48 -14.84
N ILE B 176 2.43 23.72 -15.89
CA ILE B 176 2.86 22.32 -15.92
C ILE B 176 3.48 22.01 -17.27
N PRO B 177 4.65 21.37 -17.32
CA PRO B 177 5.24 21.02 -18.61
C PRO B 177 4.42 19.91 -19.27
N ALA B 178 3.98 20.17 -20.51
CA ALA B 178 3.09 19.24 -21.19
C ALA B 178 3.24 19.39 -22.69
N GLY B 179 3.40 18.26 -23.38
CA GLY B 179 3.46 18.27 -24.84
C GLY B 179 2.08 18.45 -25.49
N LEU B 180 2.06 19.21 -26.59
CA LEU B 180 0.81 19.51 -27.27
C LEU B 180 0.98 19.34 -28.79
N ASN B 181 0.00 18.70 -29.42
CA ASN B 181 0.01 18.48 -30.87
C ASN B 181 -1.25 19.06 -31.50
N PHE B 182 -1.11 19.50 -32.74
CA PHE B 182 -2.23 19.97 -33.55
C PHE B 182 -2.59 18.86 -34.53
N VAL B 183 -3.88 18.55 -34.65
CA VAL B 183 -4.37 17.73 -35.75
C VAL B 183 -5.10 18.66 -36.71
N LEU B 184 -4.60 18.74 -37.94
CA LEU B 184 -5.10 19.69 -38.93
C LEU B 184 -6.11 18.93 -39.79
N LEU B 185 -7.40 19.22 -39.56
CA LEU B 185 -8.51 18.66 -40.30
C LEU B 185 -9.05 19.62 -41.36
N GLU B 186 -10.05 19.17 -42.16
CA GLU B 186 -10.56 20.05 -43.20
C GLU B 186 -11.34 21.13 -42.47
N ASP B 187 -10.99 22.40 -42.65
CA ASP B 187 -11.72 23.50 -42.04
C ASP B 187 -11.62 23.57 -40.50
N LYS B 188 -10.72 22.82 -39.86
CA LYS B 188 -10.65 22.85 -38.39
C LYS B 188 -9.33 22.25 -37.91
N PHE B 189 -8.84 22.64 -36.73
CA PHE B 189 -7.75 21.91 -36.10
C PHE B 189 -8.20 21.38 -34.74
N LEU B 190 -7.62 20.25 -34.35
CA LEU B 190 -7.73 19.72 -32.99
C LEU B 190 -6.40 19.89 -32.27
N VAL B 191 -6.48 20.07 -30.96
CA VAL B 191 -5.33 20.17 -30.07
C VAL B 191 -5.39 19.00 -29.10
N LEU B 192 -4.29 18.24 -29.03
CA LEU B 192 -4.16 17.05 -28.19
C LEU B 192 -3.07 17.31 -27.16
N ALA B 193 -3.31 16.94 -25.91
CA ALA B 193 -2.37 17.16 -24.81
C ALA B 193 -2.82 16.32 -23.62
N ASP B 194 -1.88 15.89 -22.77
CA ASP B 194 -0.43 16.05 -22.82
C ASP B 194 0.19 14.82 -23.48
N THR B 195 0.87 14.99 -24.61
CA THR B 195 1.34 13.87 -25.40
C THR B 195 2.75 13.39 -25.03
N THR B 196 3.43 14.03 -24.07
CA THR B 196 4.85 13.70 -23.90
C THR B 196 5.33 13.63 -22.45
N VAL B 197 4.80 14.43 -21.53
CA VAL B 197 5.49 14.62 -20.27
C VAL B 197 4.94 13.74 -19.14
N ASN B 198 3.70 13.95 -18.72
CA ASN B 198 3.18 13.36 -17.49
C ASN B 198 2.61 11.97 -17.73
N LEU B 199 3.16 10.97 -17.04
CA LEU B 199 2.68 9.60 -17.18
C LEU B 199 1.21 9.50 -16.86
N ASN B 200 0.78 10.14 -15.77
CA ASN B 200 -0.55 9.91 -15.17
C ASN B 200 -0.99 11.05 -14.45
N PRO B 201 -1.37 12.21 -15.06
CA PRO B 201 -1.68 13.43 -14.40
C PRO B 201 -2.91 13.28 -13.47
N THR B 202 -2.89 14.01 -12.37
CA THR B 202 -4.05 14.10 -11.50
C THR B 202 -5.16 14.91 -12.18
N ALA B 203 -6.33 14.95 -11.54
CA ALA B 203 -7.41 15.81 -12.00
C ALA B 203 -6.97 17.27 -12.05
N GLU B 204 -6.25 17.73 -11.02
CA GLU B 204 -5.76 19.10 -11.01
C GLU B 204 -4.79 19.35 -12.16
N GLN B 205 -3.94 18.36 -12.46
CA GLN B 205 -3.00 18.52 -13.55
C GLN B 205 -3.69 18.53 -14.92
N CYS B 206 -4.72 17.67 -15.12
CA CYS B 206 -5.41 17.69 -16.40
C CYS B 206 -6.19 18.98 -16.58
N ALA B 207 -6.70 19.56 -15.50
CA ALA B 207 -7.35 20.87 -15.61
C ALA B 207 -6.35 21.91 -16.07
N GLN B 208 -5.15 21.91 -15.48
CA GLN B 208 -4.13 22.89 -15.86
C GLN B 208 -3.63 22.64 -17.29
N ILE B 209 -3.46 21.36 -17.68
CA ILE B 209 -3.11 21.06 -19.07
C ILE B 209 -4.17 21.61 -20.02
N ALA B 210 -5.45 21.50 -19.65
CA ALA B 210 -6.51 22.07 -20.47
C ALA B 210 -6.40 23.59 -20.54
N LEU B 211 -6.13 24.24 -19.41
CA LEU B 211 -6.02 25.69 -19.43
C LEU B 211 -4.89 26.13 -20.34
N GLN B 212 -3.76 25.44 -20.29
CA GLN B 212 -2.66 25.80 -21.18
C GLN B 212 -3.04 25.57 -22.63
N ALA B 213 -3.67 24.43 -22.93
CA ALA B 213 -4.07 24.16 -24.30
C ALA B 213 -5.09 25.20 -24.79
N ALA B 214 -5.98 25.64 -23.91
CA ALA B 214 -7.01 26.58 -24.33
C ALA B 214 -6.43 27.94 -24.72
N LYS B 215 -5.47 28.46 -23.95
CA LYS B 215 -4.92 29.77 -24.30
C LYS B 215 -4.15 29.70 -25.62
N ILE B 216 -3.59 28.54 -25.95
CA ILE B 216 -2.98 28.36 -27.26
C ILE B 216 -4.03 28.42 -28.36
N VAL B 217 -5.18 27.78 -28.16
CA VAL B 217 -6.25 27.83 -29.17
C VAL B 217 -6.78 29.25 -29.33
N GLU B 218 -6.88 29.98 -28.22
CA GLU B 218 -7.40 31.36 -28.28
C GLU B 218 -6.46 32.26 -29.06
N TYR B 219 -5.15 32.03 -28.95
CA TYR B 219 -4.15 32.81 -29.68
C TYR B 219 -4.41 32.79 -31.18
N PHE B 220 -5.03 31.71 -31.67
CA PHE B 220 -5.36 31.56 -33.08
C PHE B 220 -6.77 32.03 -33.42
N GLY B 221 -7.42 32.76 -32.51
CA GLY B 221 -8.75 33.27 -32.77
C GLY B 221 -9.86 32.22 -32.76
N ILE B 222 -9.61 31.07 -32.14
CA ILE B 222 -10.62 30.01 -32.09
C ILE B 222 -11.16 29.89 -30.66
N GLU B 223 -12.44 29.61 -30.56
CA GLU B 223 -13.07 29.33 -29.27
C GLU B 223 -12.66 27.97 -28.79
N PRO B 224 -12.01 27.79 -27.66
CA PRO B 224 -11.65 26.49 -27.16
C PRO B 224 -12.90 25.76 -26.59
N ARG B 225 -13.07 24.52 -27.01
CA ARG B 225 -14.10 23.66 -26.46
C ARG B 225 -13.40 22.38 -26.03
N VAL B 226 -13.42 22.12 -24.72
CA VAL B 226 -12.49 21.19 -24.08
C VAL B 226 -13.24 19.93 -23.66
N ALA B 227 -12.71 18.78 -24.06
CA ALA B 227 -13.21 17.50 -23.63
C ALA B 227 -12.14 16.81 -22.81
N MET B 228 -12.53 16.31 -21.65
CA MET B 228 -11.66 15.47 -20.82
C MET B 228 -11.93 14.02 -21.16
N LEU B 229 -10.97 13.36 -21.81
CA LEU B 229 -11.24 12.06 -22.40
C LEU B 229 -11.14 10.92 -21.40
N SER B 230 -11.94 9.89 -21.65
CA SER B 230 -11.92 8.66 -20.89
C SER B 230 -12.40 7.56 -21.83
N TYR B 231 -12.51 6.34 -21.30
CA TYR B 231 -13.15 5.23 -21.98
C TYR B 231 -14.65 5.19 -21.69
N SER B 232 -15.14 6.14 -20.92
CA SER B 232 -16.51 6.17 -20.41
C SER B 232 -17.23 7.41 -20.90
N ASN B 233 -18.54 7.31 -21.01
CA ASN B 233 -19.38 8.48 -21.30
C ASN B 233 -20.15 8.85 -20.03
N PHE B 234 -19.68 9.90 -19.36
CA PHE B 234 -20.39 10.49 -18.22
C PHE B 234 -20.82 9.45 -17.18
N SER B 235 -19.93 8.50 -16.88
CA SER B 235 -20.20 7.53 -15.82
C SER B 235 -19.70 8.05 -14.47
N GLY B 236 -18.55 8.72 -14.43
CA GLY B 236 -18.00 9.19 -13.18
C GLY B 236 -17.59 8.08 -12.22
N ALA B 237 -17.52 6.84 -12.70
CA ALA B 237 -17.07 5.71 -11.90
C ALA B 237 -15.63 5.94 -11.45
N GLU B 238 -15.23 5.17 -10.44
CA GLU B 238 -13.93 5.38 -9.83
C GLU B 238 -12.80 5.07 -10.82
N GLY B 239 -11.69 5.77 -10.67
CA GLY B 239 -10.59 5.68 -11.60
C GLY B 239 -10.61 6.82 -12.59
N THR B 240 -10.30 6.56 -13.85
CA THR B 240 -10.18 7.70 -14.74
C THR B 240 -11.52 8.38 -15.01
N PRO B 241 -12.66 7.67 -15.07
CA PRO B 241 -13.93 8.40 -15.29
C PRO B 241 -14.18 9.50 -14.26
N ARG B 242 -14.00 9.21 -12.96
CA ARG B 242 -14.10 10.26 -11.95
C ARG B 242 -13.01 11.31 -12.12
N LYS B 243 -11.80 10.89 -12.45
CA LYS B 243 -10.72 11.84 -12.61
C LYS B 243 -11.02 12.84 -13.71
N MET B 244 -11.47 12.36 -14.87
CA MET B 244 -11.72 13.27 -15.98
C MET B 244 -12.98 14.08 -15.75
N LYS B 245 -13.95 13.52 -15.02
CA LYS B 245 -15.11 14.30 -14.59
C LYS B 245 -14.70 15.40 -13.60
N LYS B 246 -13.77 15.08 -12.69
CA LYS B 246 -13.29 16.08 -11.72
C LYS B 246 -12.40 17.13 -12.41
N ALA B 247 -11.59 16.71 -13.40
CA ALA B 247 -10.79 17.66 -14.15
C ALA B 247 -11.65 18.70 -14.86
N ALA B 248 -12.74 18.28 -15.48
CA ALA B 248 -13.64 19.23 -16.12
C ALA B 248 -14.20 20.23 -15.12
N GLU B 249 -14.59 19.75 -13.94
CA GLU B 249 -15.17 20.63 -12.93
C GLU B 249 -14.14 21.65 -12.44
N ILE B 250 -12.92 21.20 -12.15
CA ILE B 250 -11.88 22.13 -11.71
C ILE B 250 -11.62 23.17 -12.81
N ALA B 251 -11.50 22.70 -14.05
CA ALA B 251 -11.23 23.62 -15.15
C ALA B 251 -12.37 24.60 -15.34
N ARG B 252 -13.62 24.11 -15.28
CA ARG B 252 -14.77 24.99 -15.43
C ARG B 252 -14.78 26.07 -14.36
N SER B 253 -14.41 25.72 -13.12
CA SER B 253 -14.26 26.74 -12.09
C SER B 253 -13.24 27.80 -12.50
N LEU B 254 -12.13 27.38 -13.10
CA LEU B 254 -11.05 28.32 -13.39
C LEU B 254 -11.27 29.11 -14.67
N ARG B 255 -12.04 28.59 -15.63
CA ARG B 255 -12.43 29.33 -16.83
C ARG B 255 -13.93 29.16 -17.03
N PRO B 256 -14.75 29.87 -16.24
CA PRO B 256 -16.21 29.72 -16.36
C PRO B 256 -16.78 30.13 -17.72
N ASP B 257 -15.99 30.75 -18.58
CA ASP B 257 -16.45 31.22 -19.89
C ASP B 257 -16.29 30.17 -20.97
N LEU B 258 -15.60 29.07 -20.68
CA LEU B 258 -15.27 28.05 -21.66
C LEU B 258 -16.21 26.85 -21.57
N MET B 259 -16.48 26.24 -22.72
CA MET B 259 -17.11 24.93 -22.75
C MET B 259 -16.09 23.89 -22.39
N ILE B 260 -16.27 23.24 -21.23
CA ILE B 260 -15.41 22.18 -20.73
C ILE B 260 -16.28 21.05 -20.20
N GLU B 261 -16.00 19.82 -20.64
CA GLU B 261 -16.90 18.75 -20.32
C GLU B 261 -16.12 17.45 -20.20
N GLY B 262 -16.71 16.51 -19.47
CA GLY B 262 -16.17 15.19 -19.22
C GLY B 262 -16.85 14.60 -18.00
N ASP B 263 -16.63 13.31 -17.78
CA ASP B 263 -15.83 12.41 -18.61
C ASP B 263 -16.60 11.98 -19.87
N MET B 264 -15.90 11.84 -21.00
CA MET B 264 -16.56 11.35 -22.22
C MET B 264 -15.56 10.62 -23.09
N GLN B 265 -16.08 9.74 -23.95
CA GLN B 265 -15.29 9.00 -24.92
C GLN B 265 -14.87 9.90 -26.07
N ALA B 266 -13.89 9.43 -26.83
CA ALA B 266 -13.28 10.30 -27.84
C ALA B 266 -14.24 10.61 -28.99
N ASP B 267 -15.03 9.62 -29.44
CA ASP B 267 -15.96 9.93 -30.51
C ASP B 267 -17.10 10.81 -30.02
N THR B 268 -17.58 10.58 -28.80
CA THR B 268 -18.51 11.54 -28.19
C THR B 268 -17.94 12.95 -28.23
N ALA B 269 -16.63 13.09 -27.99
CA ALA B 269 -15.99 14.40 -27.86
C ALA B 269 -15.94 15.16 -29.17
N VAL B 270 -15.47 14.53 -30.25
CA VAL B 270 -15.18 15.29 -31.46
C VAL B 270 -16.43 15.43 -32.34
N ASN B 271 -17.35 14.49 -32.27
CA ASN B 271 -18.52 14.44 -33.14
C ASN B 271 -19.72 15.13 -32.48
N PRO B 272 -20.10 16.34 -32.90
CA PRO B 272 -21.18 17.04 -32.19
C PRO B 272 -22.52 16.35 -32.32
N GLU B 273 -22.71 15.56 -33.39
CA GLU B 273 -23.96 14.87 -33.56
C GLU B 273 -24.08 13.70 -32.59
N ILE B 274 -22.98 13.02 -32.29
CA ILE B 274 -23.05 11.97 -31.29
C ILE B 274 -23.36 12.56 -29.92
N MET B 275 -22.67 13.65 -29.56
CA MET B 275 -22.91 14.29 -28.27
C MET B 275 -24.37 14.69 -28.08
N GLU B 276 -24.94 15.48 -29.01
CA GLU B 276 -26.29 15.99 -28.77
C GLU B 276 -27.33 14.86 -28.79
N ARG B 277 -27.13 13.83 -29.60
CA ARG B 277 -28.07 12.73 -29.66
C ARG B 277 -28.07 11.92 -28.37
N LEU B 278 -26.88 11.60 -27.87
CA LEU B 278 -26.75 10.64 -26.76
C LEU B 278 -26.61 11.32 -25.41
N PHE B 279 -26.08 12.54 -25.36
CA PHE B 279 -25.82 13.23 -24.09
C PHE B 279 -26.18 14.70 -24.22
N PRO B 280 -27.47 14.99 -24.47
CA PRO B 280 -27.88 16.38 -24.74
C PRO B 280 -27.79 17.31 -23.54
N PHE B 281 -27.61 16.77 -22.33
CA PHE B 281 -27.43 17.61 -21.15
C PHE B 281 -26.06 18.27 -21.13
N SER B 282 -25.10 17.73 -21.89
CA SER B 282 -23.71 18.15 -21.86
C SER B 282 -23.53 19.61 -22.24
N GLY B 283 -22.58 20.28 -21.58
CA GLY B 283 -22.26 21.66 -21.88
C GLY B 283 -21.41 21.88 -23.09
N LEU B 284 -21.03 20.81 -23.78
CA LEU B 284 -20.12 20.87 -24.92
C LEU B 284 -20.94 20.73 -26.19
N LYS B 285 -21.12 21.84 -26.92
CA LYS B 285 -21.77 21.88 -28.22
C LYS B 285 -20.76 22.14 -29.33
N GLY B 286 -21.05 21.60 -30.52
CA GLY B 286 -20.26 21.86 -31.72
C GLY B 286 -18.96 21.09 -31.82
N GLY B 287 -18.76 20.07 -30.99
CA GLY B 287 -17.54 19.27 -31.04
C GLY B 287 -16.36 19.92 -30.35
N ALA B 288 -15.56 19.13 -29.65
CA ALA B 288 -14.40 19.64 -28.94
C ALA B 288 -13.23 19.85 -29.90
N ASN B 289 -12.49 20.95 -29.71
CA ASN B 289 -11.22 21.14 -30.41
C ASN B 289 -10.03 21.08 -29.47
N VAL B 290 -10.26 20.81 -28.18
CA VAL B 290 -9.20 20.57 -27.21
C VAL B 290 -9.45 19.21 -26.57
N LEU B 291 -8.52 18.28 -26.72
CA LEU B 291 -8.65 16.91 -26.24
C LEU B 291 -7.59 16.62 -25.18
N VAL B 292 -8.00 16.58 -23.92
CA VAL B 292 -7.09 16.33 -22.80
C VAL B 292 -7.17 14.86 -22.40
N PHE B 293 -6.03 14.22 -22.34
CA PHE B 293 -5.96 12.79 -22.19
C PHE B 293 -5.78 12.38 -20.72
N PRO B 294 -6.18 11.15 -20.35
CA PRO B 294 -6.06 10.74 -18.95
C PRO B 294 -4.69 10.23 -18.57
N ASN B 295 -3.85 9.83 -19.51
CA ASN B 295 -2.52 9.30 -19.20
C ASN B 295 -1.66 9.38 -20.46
N LEU B 296 -0.38 9.07 -20.29
CA LEU B 296 0.57 9.28 -21.38
C LEU B 296 0.46 8.22 -22.45
N GLU B 297 0.09 7.00 -22.08
CA GLU B 297 -0.14 5.96 -23.08
C GLU B 297 -1.17 6.40 -24.10
N SER B 298 -2.27 6.99 -23.62
CA SER B 298 -3.36 7.27 -24.55
C SER B 298 -3.03 8.47 -25.43
N SER B 299 -2.52 9.56 -24.85
CA SER B 299 -2.13 10.71 -25.66
C SER B 299 -1.02 10.32 -26.65
N ASN B 300 0.02 9.64 -26.19
CA ASN B 300 1.16 9.36 -27.07
C ASN B 300 0.78 8.39 -28.19
N ILE B 301 0.07 7.31 -27.87
CA ILE B 301 -0.27 6.41 -28.96
C ILE B 301 -1.24 7.09 -29.93
N ALA B 302 -2.14 7.94 -29.41
CA ALA B 302 -3.20 8.50 -30.26
C ALA B 302 -2.64 9.42 -31.34
N TYR B 303 -1.85 10.43 -30.96
CA TYR B 303 -1.35 11.38 -31.96
C TYR B 303 -0.47 10.68 -32.98
N LYS B 304 0.28 9.66 -32.54
CA LYS B 304 1.17 8.94 -33.45
C LYS B 304 0.39 8.08 -34.45
N LEU B 305 -0.67 7.42 -34.00
CA LEU B 305 -1.48 6.61 -34.90
C LEU B 305 -2.22 7.47 -35.91
N ILE B 306 -2.79 8.59 -35.44
CA ILE B 306 -3.44 9.54 -36.36
C ILE B 306 -2.44 10.04 -37.39
N GLN B 307 -1.22 10.35 -36.96
CA GLN B 307 -0.22 10.87 -37.88
C GLN B 307 0.16 9.83 -38.95
N GLN B 308 0.21 8.56 -38.56
CA GLN B 308 0.67 7.51 -39.49
C GLN B 308 -0.44 7.06 -40.44
N ILE B 309 -1.65 6.84 -39.92
CA ILE B 309 -2.72 6.24 -40.70
C ILE B 309 -3.88 7.18 -40.92
N GLY B 310 -4.12 8.12 -40.01
CA GLY B 310 -5.24 9.06 -40.07
C GLY B 310 -5.29 9.95 -41.28
N LYS B 311 -4.22 10.01 -42.08
CA LYS B 311 -4.20 10.85 -43.28
C LYS B 311 -4.62 12.29 -42.96
N ALA B 312 -4.12 12.79 -41.84
CA ALA B 312 -4.21 14.19 -41.45
C ALA B 312 -2.81 14.62 -41.02
N GLU B 313 -2.47 15.87 -41.27
CA GLU B 313 -1.18 16.36 -40.82
C GLU B 313 -1.22 16.54 -39.31
N VAL B 314 -0.17 16.09 -38.65
CA VAL B 314 0.00 16.29 -37.20
C VAL B 314 1.32 17.01 -36.99
N ILE B 315 1.27 18.14 -36.28
CA ILE B 315 2.44 18.93 -35.99
C ILE B 315 2.64 19.00 -34.48
N GLY B 316 3.91 19.03 -34.09
CA GLY B 316 4.31 18.97 -32.71
C GLY B 316 5.08 17.70 -32.41
N PRO B 317 5.23 17.37 -31.13
CA PRO B 317 4.65 18.06 -29.98
C PRO B 317 5.36 19.36 -29.62
N PHE B 318 4.61 20.29 -29.07
CA PHE B 318 5.15 21.55 -28.58
C PHE B 318 5.10 21.55 -27.06
N LEU B 319 6.21 21.94 -26.43
CA LEU B 319 6.32 21.94 -24.96
C LEU B 319 5.66 23.19 -24.41
N THR B 320 4.53 23.02 -23.73
CA THR B 320 3.80 24.08 -23.08
C THR B 320 4.15 24.11 -21.59
N GLY B 321 3.82 25.23 -20.95
CA GLY B 321 4.04 25.37 -19.53
C GLY B 321 5.42 25.84 -19.10
N VAL B 322 6.36 26.10 -20.05
CA VAL B 322 7.74 26.42 -19.71
C VAL B 322 8.03 27.92 -19.92
N ARG B 323 8.96 28.45 -19.13
CA ARG B 323 9.12 29.91 -19.04
C ARG B 323 9.60 30.53 -20.35
N ARG B 324 10.37 29.80 -21.16
CA ARG B 324 10.87 30.30 -22.44
C ARG B 324 10.62 29.30 -23.54
N SER B 325 10.78 29.75 -24.78
CA SER B 325 10.35 28.97 -25.92
C SER B 325 11.38 27.88 -26.21
N ALA B 326 10.97 26.63 -26.03
CA ALA B 326 11.80 25.46 -26.23
C ALA B 326 10.89 24.32 -26.61
N ASN B 327 11.19 23.65 -27.71
CA ASN B 327 10.37 22.51 -28.13
C ASN B 327 11.27 21.34 -28.49
N VAL B 328 10.85 20.16 -28.05
CA VAL B 328 11.57 18.94 -28.31
C VAL B 328 10.83 18.19 -29.40
N LEU B 329 11.52 17.96 -30.51
CA LEU B 329 11.01 17.14 -31.59
C LEU B 329 10.86 15.70 -31.13
N GLN B 330 9.83 15.05 -31.65
CA GLN B 330 9.75 13.60 -31.51
C GLN B 330 10.86 12.95 -32.32
N ARG B 331 11.44 11.91 -31.74
CA ARG B 331 12.54 11.20 -32.39
C ARG B 331 12.17 10.69 -33.78
N THR B 332 10.89 10.40 -34.02
CA THR B 332 10.44 9.85 -35.29
C THR B 332 10.15 10.93 -36.34
N THR B 333 10.44 12.20 -36.04
CA THR B 333 10.05 13.31 -36.90
C THR B 333 10.62 13.14 -38.29
N THR B 334 9.95 13.75 -39.27
CA THR B 334 10.48 13.93 -40.62
C THR B 334 11.10 15.31 -40.71
N VAL B 335 11.71 15.57 -41.88
CA VAL B 335 12.22 16.91 -42.17
C VAL B 335 11.09 17.93 -42.18
N ASP B 336 9.95 17.59 -42.81
CA ASP B 336 8.81 18.51 -42.83
C ASP B 336 8.26 18.73 -41.43
N GLY B 337 8.22 17.68 -40.61
CA GLY B 337 7.92 17.87 -39.20
C GLY B 337 8.78 18.95 -38.56
N ILE B 338 10.10 18.86 -38.75
CA ILE B 338 11.00 19.85 -38.14
C ILE B 338 10.71 21.25 -38.68
N VAL B 339 10.40 21.34 -39.98
CA VAL B 339 10.06 22.63 -40.56
C VAL B 339 8.89 23.25 -39.81
N ASN B 340 7.80 22.47 -39.70
CA ASN B 340 6.61 22.90 -38.98
C ASN B 340 6.93 23.28 -37.56
N SER B 341 7.81 22.52 -36.89
CA SER B 341 8.07 22.80 -35.49
C SER B 341 8.88 24.08 -35.33
N VAL B 342 9.77 24.39 -36.30
CA VAL B 342 10.56 25.61 -36.22
C VAL B 342 9.67 26.84 -36.38
N VAL B 343 8.71 26.78 -37.31
CA VAL B 343 7.80 27.90 -37.56
C VAL B 343 7.05 28.28 -36.29
N PHE B 344 6.48 27.27 -35.61
CA PHE B 344 5.69 27.56 -34.41
C PHE B 344 6.56 27.89 -33.20
N THR B 345 7.77 27.32 -33.13
CA THR B 345 8.74 27.78 -32.15
C THR B 345 9.07 29.26 -32.36
N ALA B 346 9.15 29.71 -33.62
CA ALA B 346 9.40 31.13 -33.88
C ALA B 346 8.24 32.00 -33.38
N LEU B 347 7.00 31.56 -33.65
CA LEU B 347 5.83 32.24 -33.13
C LEU B 347 5.83 32.29 -31.62
N GLU B 348 6.10 31.14 -30.99
CA GLU B 348 6.18 31.07 -29.54
C GLU B 348 7.25 32.02 -29.03
N ALA B 349 8.41 32.02 -29.68
CA ALA B 349 9.50 32.91 -29.26
C ALA B 349 9.09 34.36 -29.38
N GLN B 350 8.42 34.74 -30.49
CA GLN B 350 7.99 36.11 -30.65
C GLN B 350 6.98 36.50 -29.57
N TYR B 351 6.06 35.60 -29.25
CA TYR B 351 5.02 35.91 -28.27
C TYR B 351 5.61 36.08 -26.87
N ILE B 352 6.46 35.15 -26.44
CA ILE B 352 7.08 35.25 -25.12
C ILE B 352 7.91 36.52 -25.00
N LYS B 353 8.65 36.89 -26.06
CA LYS B 353 9.43 38.11 -25.93
C LYS B 353 8.53 39.34 -25.77
N GLU B 354 7.30 39.30 -26.23
CA GLU B 354 6.42 40.42 -26.04
C GLU B 354 5.74 40.45 -24.67
N VAL B 355 5.51 39.30 -24.07
CA VAL B 355 5.02 39.34 -22.70
C VAL B 355 6.08 39.91 -21.78
N LEU B 356 7.34 39.53 -22.01
CA LEU B 356 8.44 39.95 -21.14
C LEU B 356 8.71 41.44 -21.27
N LYS B 357 8.30 42.06 -22.36
CA LYS B 357 8.45 43.50 -22.54
C LYS B 357 7.48 44.28 -21.66
N SER B 358 6.23 43.82 -21.59
CA SER B 358 5.17 44.36 -20.73
C SER B 358 5.68 44.84 -19.36
N VAL C 23 -45.94 -5.15 23.55
CA VAL C 23 -46.37 -3.98 24.31
C VAL C 23 -45.80 -2.69 23.69
N PHE C 24 -44.49 -2.68 23.44
CA PHE C 24 -43.83 -1.55 22.79
C PHE C 24 -44.46 -1.28 21.42
N ILE C 25 -44.89 -2.34 20.75
CA ILE C 25 -45.47 -2.21 19.42
C ILE C 25 -46.89 -1.63 19.52
N ARG C 26 -47.63 -1.98 20.57
CA ARG C 26 -48.96 -1.41 20.75
C ARG C 26 -48.89 0.11 20.94
N SER C 27 -47.91 0.58 21.73
CA SER C 27 -47.79 2.03 21.94
C SER C 27 -47.41 2.73 20.65
N ALA C 28 -46.57 2.11 19.83
CA ALA C 28 -46.26 2.65 18.52
C ALA C 28 -47.52 2.76 17.66
N ILE C 29 -48.32 1.69 17.62
CA ILE C 29 -49.56 1.73 16.84
C ILE C 29 -50.48 2.83 17.32
N ASN C 30 -50.57 3.01 18.64
CA ASN C 30 -51.44 4.04 19.17
C ASN C 30 -50.90 5.41 18.82
N ARG C 31 -49.58 5.54 18.77
CA ARG C 31 -49.01 6.78 18.26
C ARG C 31 -49.38 7.09 16.83
N VAL C 32 -49.45 6.05 15.98
CA VAL C 32 -49.81 6.26 14.57
C VAL C 32 -51.20 6.86 14.46
N HIS C 33 -52.16 6.30 15.21
CA HIS C 33 -53.51 6.86 15.24
C HIS C 33 -53.51 8.25 15.86
N GLN C 34 -52.73 8.42 16.93
CA GLN C 34 -52.68 9.68 17.62
C GLN C 34 -52.20 10.78 16.67
N ASN C 35 -51.18 10.46 15.84
CA ASN C 35 -50.64 11.42 14.88
C ASN C 35 -51.63 11.85 13.81
N SER C 36 -52.25 10.89 13.09
CA SER C 36 -53.14 11.27 11.99
C SER C 36 -54.43 11.83 12.52
N ALA C 37 -54.84 11.41 13.72
CA ALA C 37 -56.04 12.02 14.30
C ALA C 37 -55.82 13.50 14.53
N ALA C 38 -54.57 13.89 14.79
CA ALA C 38 -54.20 15.30 14.83
C ALA C 38 -54.03 15.90 13.44
N ASN C 39 -54.30 15.15 12.37
CA ASN C 39 -54.16 15.63 11.01
C ASN C 39 -55.34 15.16 10.15
N GLY C 40 -56.54 15.33 10.67
CA GLY C 40 -57.72 15.01 9.90
C GLY C 40 -57.86 13.55 9.53
N GLY C 41 -57.14 12.64 10.19
CA GLY C 41 -57.32 11.21 9.95
C GLY C 41 -56.63 10.61 8.74
N GLU C 42 -55.61 11.26 8.16
CA GLU C 42 -54.95 10.67 6.98
C GLU C 42 -54.35 9.33 7.34
N LEU C 43 -54.36 8.43 6.40
CA LEU C 43 -53.34 7.46 6.79
C LEU C 43 -52.13 7.64 5.88
N PRO C 44 -50.91 7.41 6.37
CA PRO C 44 -49.76 7.50 5.47
C PRO C 44 -49.89 6.45 4.38
N ARG C 45 -49.47 6.79 3.17
CA ARG C 45 -49.48 5.85 2.05
C ARG C 45 -48.11 5.18 1.93
N ILE C 46 -48.09 3.85 2.07
CA ILE C 46 -46.87 3.07 2.07
C ILE C 46 -46.92 2.18 0.83
N VAL C 47 -45.93 2.36 -0.07
CA VAL C 47 -45.87 1.60 -1.31
C VAL C 47 -45.08 0.31 -1.08
N PHE C 48 -45.61 -0.79 -1.60
CA PHE C 48 -44.95 -2.09 -1.49
C PHE C 48 -44.58 -2.55 -2.90
N PRO C 49 -43.30 -2.46 -3.26
CA PRO C 49 -42.88 -2.92 -4.59
C PRO C 49 -43.24 -4.36 -4.88
N GLU C 50 -43.30 -5.21 -3.85
CA GLU C 50 -43.50 -6.64 -4.03
C GLU C 50 -44.99 -6.99 -3.94
N GLY C 51 -45.72 -6.59 -4.98
CA GLY C 51 -47.17 -6.72 -4.98
C GLY C 51 -47.68 -8.14 -4.88
N THR C 52 -46.89 -9.13 -5.29
CA THR C 52 -47.26 -10.53 -5.18
C THR C 52 -46.53 -11.27 -4.06
N SER C 53 -45.76 -10.57 -3.22
CA SER C 53 -45.06 -11.24 -2.14
C SER C 53 -46.07 -11.81 -1.16
N THR C 54 -45.99 -13.13 -0.93
CA THR C 54 -46.91 -13.77 -0.01
C THR C 54 -46.78 -13.21 1.40
N LYS C 55 -45.55 -13.10 1.91
CA LYS C 55 -45.37 -12.61 3.27
C LYS C 55 -45.83 -11.15 3.39
N VAL C 56 -45.63 -10.34 2.35
CA VAL C 56 -46.13 -8.97 2.41
C VAL C 56 -47.66 -8.97 2.46
N LEU C 57 -48.31 -9.78 1.63
CA LEU C 57 -49.77 -9.74 1.54
C LEU C 57 -50.45 -10.17 2.84
N LYS C 58 -49.94 -11.23 3.48
CA LYS C 58 -50.51 -11.68 4.75
C LYS C 58 -50.34 -10.62 5.84
N ALA C 59 -49.16 -9.99 5.90
CA ALA C 59 -48.92 -8.91 6.84
C ALA C 59 -49.90 -7.76 6.64
N LEU C 60 -50.19 -7.41 5.38
CA LEU C 60 -51.10 -6.30 5.11
C LEU C 60 -52.50 -6.57 5.63
N ALA C 61 -52.91 -7.84 5.63
CA ALA C 61 -54.18 -8.24 6.24
C ALA C 61 -54.25 -7.78 7.70
N THR C 62 -53.20 -8.04 8.47
CA THR C 62 -53.17 -7.58 9.85
C THR C 62 -53.07 -6.06 9.93
N LEU C 63 -52.33 -5.43 9.01
CA LEU C 63 -52.14 -3.98 9.09
C LEU C 63 -53.36 -3.23 8.57
N VAL C 64 -54.19 -3.86 7.74
CA VAL C 64 -55.39 -3.16 7.31
C VAL C 64 -56.38 -3.07 8.46
N GLU C 65 -56.47 -4.15 9.28
CA GLU C 65 -57.34 -4.17 10.45
C GLU C 65 -56.92 -3.15 11.49
N GLU C 66 -55.63 -2.80 11.55
CA GLU C 66 -55.12 -1.93 12.61
C GLU C 66 -55.06 -0.47 12.22
N LYS C 67 -55.43 -0.14 10.99
CA LYS C 67 -55.48 1.25 10.48
C LYS C 67 -54.12 1.96 10.64
N ILE C 68 -53.09 1.30 10.13
CA ILE C 68 -51.72 1.80 10.17
C ILE C 68 -51.38 2.69 8.96
N CYS C 69 -51.85 2.36 7.76
CA CYS C 69 -51.39 3.02 6.54
C CYS C 69 -52.36 2.77 5.38
N GLN C 70 -52.16 3.52 4.31
CA GLN C 70 -52.84 3.20 3.05
C GLN C 70 -51.88 2.33 2.23
N PRO C 71 -52.03 1.01 2.13
CA PRO C 71 -51.06 0.22 1.35
C PRO C 71 -51.27 0.44 -0.15
N ILE C 72 -50.16 0.52 -0.87
CA ILE C 72 -50.14 0.61 -2.33
C ILE C 72 -49.26 -0.50 -2.85
N LEU C 73 -49.86 -1.45 -3.55
CA LEU C 73 -49.14 -2.58 -4.10
C LEU C 73 -48.77 -2.28 -5.55
N LEU C 74 -47.55 -2.65 -5.93
CA LEU C 74 -47.07 -2.51 -7.30
C LEU C 74 -47.09 -3.83 -8.05
N GLY C 75 -47.61 -3.81 -9.26
CA GLY C 75 -47.67 -5.00 -10.09
C GLY C 75 -48.80 -4.89 -11.10
N TYR C 76 -48.90 -5.93 -11.91
CA TYR C 76 -50.06 -6.14 -12.79
C TYR C 76 -51.31 -6.36 -11.93
N PRO C 77 -52.24 -5.38 -11.90
CA PRO C 77 -53.37 -5.48 -10.94
C PRO C 77 -54.08 -6.83 -10.90
N GLU C 78 -54.39 -7.43 -12.06
CA GLU C 78 -55.05 -8.73 -12.07
C GLU C 78 -54.14 -9.85 -11.58
N ARG C 79 -52.84 -9.72 -11.80
CA ARG C 79 -51.92 -10.73 -11.27
C ARG C 79 -51.81 -10.60 -9.75
N VAL C 80 -51.95 -9.38 -9.23
CA VAL C 80 -51.95 -9.14 -7.80
C VAL C 80 -53.27 -9.60 -7.18
N LYS C 81 -54.40 -9.26 -7.82
CA LYS C 81 -55.70 -9.69 -7.31
C LYS C 81 -55.81 -11.20 -7.30
N GLU C 82 -55.18 -11.86 -8.27
CA GLU C 82 -55.26 -13.31 -8.39
C GLU C 82 -54.46 -13.98 -7.28
N LYS C 83 -53.36 -13.36 -6.87
CA LYS C 83 -52.63 -13.85 -5.71
C LYS C 83 -53.42 -13.63 -4.43
N ILE C 84 -54.11 -12.49 -4.31
CA ILE C 84 -54.81 -12.14 -3.08
C ILE C 84 -55.93 -13.15 -2.75
N LYS C 85 -56.79 -13.47 -3.72
CA LYS C 85 -57.91 -14.33 -3.33
C LYS C 85 -57.47 -15.80 -3.33
N ALA C 86 -56.43 -16.17 -4.08
CA ALA C 86 -55.85 -17.50 -4.00
C ALA C 86 -55.45 -17.85 -2.57
N LEU C 87 -54.67 -17.00 -1.93
CA LEU C 87 -54.34 -17.32 -0.52
C LEU C 87 -55.51 -16.92 0.35
N ASP C 88 -56.65 -16.62 -0.27
CA ASP C 88 -57.87 -16.19 0.42
C ASP C 88 -57.57 -15.10 1.44
N ILE C 89 -56.90 -14.05 1.03
CA ILE C 89 -56.64 -12.90 1.93
C ILE C 89 -57.83 -11.99 1.68
N PRO C 90 -58.68 -11.70 2.65
CA PRO C 90 -59.89 -10.99 2.34
C PRO C 90 -59.95 -9.50 2.64
N LEU C 91 -58.97 -8.95 3.33
CA LEU C 91 -59.13 -7.53 3.70
C LEU C 91 -58.45 -6.66 2.66
N LEU C 92 -57.83 -7.27 1.65
CA LEU C 92 -57.07 -6.45 0.69
C LEU C 92 -57.86 -6.23 -0.58
N ASN C 93 -59.15 -6.50 -0.59
CA ASN C 93 -59.86 -6.35 -1.88
C ASN C 93 -60.04 -4.87 -2.23
N ASP C 94 -60.00 -3.98 -1.25
CA ASP C 94 -60.06 -2.57 -1.60
C ASP C 94 -58.73 -1.82 -1.41
N VAL C 95 -57.57 -2.52 -1.39
CA VAL C 95 -56.27 -1.84 -1.33
C VAL C 95 -55.83 -1.44 -2.76
N SER C 96 -55.14 -0.30 -2.86
CA SER C 96 -54.74 0.29 -4.13
C SER C 96 -53.63 -0.53 -4.82
N ILE C 97 -53.76 -0.72 -6.14
CA ILE C 97 -52.77 -1.43 -6.97
C ILE C 97 -52.37 -0.56 -8.16
N VAL C 98 -51.05 -0.43 -8.39
CA VAL C 98 -50.48 0.40 -9.44
C VAL C 98 -49.47 -0.39 -10.27
N HIS C 99 -49.62 -0.35 -11.60
CA HIS C 99 -48.63 -0.92 -12.50
C HIS C 99 -47.69 0.19 -12.97
N PRO C 100 -46.40 0.16 -12.60
CA PRO C 100 -45.49 1.29 -12.90
C PRO C 100 -45.52 1.82 -14.34
N SER C 101 -45.34 0.96 -15.33
CA SER C 101 -45.34 1.40 -16.73
C SER C 101 -46.64 2.10 -17.12
N SER C 102 -47.75 1.70 -16.50
CA SER C 102 -49.08 2.24 -16.84
C SER C 102 -49.44 3.50 -16.05
N HIS C 103 -48.69 3.85 -15.01
CA HIS C 103 -49.05 4.98 -14.17
C HIS C 103 -48.94 6.27 -14.96
N PRO C 104 -49.84 7.24 -14.73
CA PRO C 104 -49.78 8.50 -15.50
C PRO C 104 -48.44 9.23 -15.40
N LYS C 105 -47.82 9.26 -14.22
CA LYS C 105 -46.60 10.05 -14.02
C LYS C 105 -45.33 9.28 -14.39
N TYR C 106 -45.46 8.08 -14.96
CA TYR C 106 -44.32 7.21 -15.23
C TYR C 106 -43.23 7.93 -16.01
N PHE C 107 -43.61 8.62 -17.09
CA PHE C 107 -42.59 9.27 -17.91
C PHE C 107 -41.99 10.48 -17.21
N SER C 108 -42.79 11.21 -16.44
CA SER C 108 -42.22 12.26 -15.60
C SER C 108 -41.23 11.68 -14.61
N PHE C 109 -41.53 10.49 -14.08
CA PHE C 109 -40.59 9.83 -13.18
C PHE C 109 -39.33 9.45 -13.94
N VAL C 110 -39.49 8.97 -15.17
CA VAL C 110 -38.33 8.65 -16.00
C VAL C 110 -37.42 9.87 -16.16
N GLU C 111 -38.00 11.05 -16.44
CA GLU C 111 -37.15 12.21 -16.71
C GLU C 111 -36.38 12.58 -15.44
N LYS C 112 -37.00 12.34 -14.28
CA LYS C 112 -36.40 12.78 -13.03
C LYS C 112 -35.23 11.88 -12.62
N LEU C 113 -35.35 10.57 -12.87
CA LEU C 113 -34.24 9.66 -12.59
C LEU C 113 -33.08 9.92 -13.55
N TYR C 114 -33.40 10.12 -14.84
CA TYR C 114 -32.38 10.48 -15.82
C TYR C 114 -31.61 11.73 -15.39
N SER C 115 -32.35 12.75 -14.95
CA SER C 115 -31.74 14.00 -14.50
C SER C 115 -30.87 13.79 -13.26
N LEU C 116 -31.26 12.84 -12.40
CA LEU C 116 -30.46 12.60 -11.20
C LEU C 116 -29.17 11.84 -11.50
N ARG C 117 -29.19 10.98 -12.53
CA ARG C 117 -28.12 10.01 -12.73
C ARG C 117 -27.45 10.15 -14.10
N GLN C 118 -27.77 11.19 -14.87
CA GLN C 118 -27.23 11.24 -16.23
C GLN C 118 -25.72 11.39 -16.26
N ARG C 119 -25.12 11.90 -15.18
CA ARG C 119 -23.66 11.99 -15.06
C ARG C 119 -23.12 10.90 -14.17
N LYS C 120 -23.93 9.89 -13.86
CA LYS C 120 -23.52 8.70 -13.13
C LYS C 120 -23.82 7.44 -13.93
N GLY C 121 -23.79 7.54 -15.26
CA GLY C 121 -23.78 6.39 -16.14
C GLY C 121 -25.10 5.81 -16.55
N ILE C 122 -26.17 6.60 -16.54
CA ILE C 122 -27.53 6.12 -16.81
C ILE C 122 -28.06 6.96 -17.96
N ASN C 123 -28.25 6.36 -19.13
CA ASN C 123 -28.87 7.06 -20.24
C ASN C 123 -30.40 7.00 -20.15
N LEU C 124 -31.07 7.71 -21.07
CA LEU C 124 -32.52 7.84 -21.02
C LEU C 124 -33.18 6.49 -21.17
N GLY C 125 -32.71 5.66 -22.10
CA GLY C 125 -33.27 4.33 -22.26
C GLY C 125 -33.06 3.45 -21.04
N ARG C 126 -31.93 3.60 -20.36
CA ARG C 126 -31.75 2.79 -19.16
C ARG C 126 -32.52 3.36 -17.97
N ALA C 127 -32.78 4.66 -17.92
CA ALA C 127 -33.69 5.19 -16.92
C ALA C 127 -35.07 4.59 -17.09
N GLU C 128 -35.50 4.37 -18.34
CA GLU C 128 -36.83 3.83 -18.62
C GLU C 128 -37.03 2.40 -18.11
N ARG C 129 -36.05 1.50 -18.32
CA ARG C 129 -36.29 0.13 -17.89
C ARG C 129 -36.18 0.05 -16.38
N LEU C 130 -35.33 0.92 -15.80
CA LEU C 130 -35.18 0.99 -14.35
C LEU C 130 -36.47 1.48 -13.69
N MET C 131 -37.11 2.48 -14.27
CA MET C 131 -38.35 2.99 -13.68
C MET C 131 -39.48 1.98 -13.79
N ALA C 132 -39.41 1.04 -14.74
CA ALA C 132 -40.39 -0.04 -14.82
C ALA C 132 -40.19 -1.07 -13.71
N ASP C 133 -39.01 -1.07 -13.07
CA ASP C 133 -38.78 -1.95 -11.92
C ASP C 133 -39.49 -1.36 -10.70
N PRO C 134 -40.35 -2.12 -10.02
CA PRO C 134 -41.12 -1.56 -8.88
C PRO C 134 -40.26 -0.89 -7.82
N ASN C 135 -39.05 -1.40 -7.58
CA ASN C 135 -38.19 -0.81 -6.55
C ASN C 135 -37.83 0.63 -6.89
N TYR C 136 -37.45 0.90 -8.15
CA TYR C 136 -37.19 2.28 -8.55
C TYR C 136 -38.47 3.11 -8.59
N PHE C 137 -39.57 2.54 -9.09
CA PHE C 137 -40.84 3.27 -9.16
C PHE C 137 -41.33 3.63 -7.77
N ALA C 138 -41.31 2.67 -6.84
CA ALA C 138 -41.72 2.94 -5.47
C ALA C 138 -40.89 4.08 -4.87
N ALA C 139 -39.56 3.98 -4.97
CA ALA C 139 -38.68 5.02 -4.42
C ALA C 139 -38.96 6.38 -5.04
N MET C 140 -39.23 6.42 -6.35
CA MET C 140 -39.52 7.71 -6.98
C MET C 140 -40.86 8.25 -6.51
N MET C 141 -41.86 7.38 -6.33
CA MET C 141 -43.14 7.82 -5.77
C MET C 141 -42.92 8.54 -4.45
N VAL C 142 -42.09 7.95 -3.59
CA VAL C 142 -41.79 8.54 -2.29
C VAL C 142 -41.02 9.85 -2.49
N ASN C 143 -40.03 9.83 -3.39
CA ASN C 143 -39.24 11.03 -3.67
C ASN C 143 -40.12 12.19 -4.16
N GLN C 144 -41.15 11.90 -4.96
CA GLN C 144 -41.97 12.98 -5.53
C GLN C 144 -43.25 13.26 -4.74
N GLY C 145 -43.41 12.67 -3.54
CA GLY C 145 -44.58 12.93 -2.71
C GLY C 145 -45.88 12.26 -3.13
N GLU C 146 -45.85 11.34 -4.09
CA GLU C 146 -47.03 10.54 -4.39
C GLU C 146 -47.22 9.42 -3.38
N ALA C 147 -46.23 9.18 -2.53
CA ALA C 147 -46.38 8.30 -1.39
C ALA C 147 -45.55 8.87 -0.25
N ASP C 148 -45.86 8.43 0.95
CA ASP C 148 -45.19 8.94 2.13
C ASP C 148 -44.05 8.04 2.61
N GLY C 149 -44.01 6.80 2.12
CA GLY C 149 -42.96 5.87 2.49
C GLY C 149 -43.09 4.62 1.64
N MET C 150 -42.10 3.74 1.79
CA MET C 150 -42.10 2.47 1.09
C MET C 150 -41.49 1.41 1.98
N VAL C 151 -41.88 0.17 1.73
CA VAL C 151 -41.31 -1.00 2.40
C VAL C 151 -41.03 -2.05 1.34
N SER C 152 -39.77 -2.48 1.25
CA SER C 152 -39.32 -3.42 0.24
C SER C 152 -38.35 -4.42 0.88
N GLY C 153 -37.93 -5.39 0.06
CA GLY C 153 -36.81 -6.26 0.36
C GLY C 153 -37.18 -7.62 0.90
N SER C 154 -38.46 -7.99 0.90
CA SER C 154 -38.84 -9.32 1.38
C SER C 154 -38.40 -10.41 0.42
N SER C 155 -38.30 -10.09 -0.88
CA SER C 155 -38.05 -11.11 -1.89
C SER C 155 -36.69 -11.01 -2.53
N ILE C 156 -35.91 -9.97 -2.23
CA ILE C 156 -34.60 -9.79 -2.85
C ILE C 156 -33.61 -9.37 -1.77
N ASN C 157 -32.33 -9.55 -2.07
CA ASN C 157 -31.30 -9.27 -1.08
C ASN C 157 -31.24 -7.77 -0.82
N TYR C 158 -30.59 -7.41 0.30
CA TYR C 158 -30.67 -6.05 0.80
C TYR C 158 -30.04 -5.04 -0.16
N ALA C 159 -28.88 -5.38 -0.73
CA ALA C 159 -28.20 -4.43 -1.62
C ALA C 159 -29.05 -4.10 -2.83
N ASP C 160 -29.66 -5.11 -3.44
CA ASP C 160 -30.53 -4.88 -4.59
C ASP C 160 -31.69 -3.97 -4.22
N ALA C 161 -32.29 -4.15 -3.04
CA ALA C 161 -33.43 -3.31 -2.69
C ALA C 161 -33.01 -1.91 -2.25
N VAL C 162 -31.87 -1.78 -1.57
CA VAL C 162 -31.55 -0.47 -1.00
C VAL C 162 -30.89 0.46 -2.01
N ARG C 163 -30.27 -0.11 -3.05
CA ARG C 163 -29.60 0.71 -4.07
C ARG C 163 -30.56 1.68 -4.77
N PRO C 164 -31.70 1.25 -5.33
CA PRO C 164 -32.63 2.26 -5.90
C PRO C 164 -33.03 3.31 -4.89
N ILE C 165 -33.23 2.94 -3.63
CA ILE C 165 -33.63 3.93 -2.63
C ILE C 165 -32.56 5.00 -2.50
N LEU C 166 -31.31 4.58 -2.36
CA LEU C 166 -30.24 5.53 -2.11
C LEU C 166 -29.94 6.35 -3.36
N GLN C 167 -30.07 5.75 -4.55
CA GLN C 167 -29.86 6.46 -5.81
C GLN C 167 -30.95 7.50 -6.06
N THR C 168 -32.17 7.26 -5.59
CA THR C 168 -33.34 8.09 -5.90
C THR C 168 -33.72 9.04 -4.76
N ILE C 169 -33.81 8.53 -3.52
CA ILE C 169 -34.19 9.36 -2.38
C ILE C 169 -32.98 10.04 -1.77
N GLY C 170 -31.86 9.31 -1.62
CA GLY C 170 -30.61 9.90 -1.17
C GLY C 170 -30.55 10.17 0.32
N VAL C 171 -29.38 10.70 0.72
CA VAL C 171 -29.04 10.95 2.12
C VAL C 171 -29.24 12.43 2.42
N TYR C 172 -29.69 12.76 3.63
CA TYR C 172 -29.77 14.17 3.99
C TYR C 172 -28.39 14.70 4.34
N LYS C 173 -28.31 16.02 4.52
CA LYS C 173 -27.03 16.68 4.68
C LYS C 173 -26.35 16.20 5.97
N GLU C 174 -25.09 15.79 5.85
CA GLU C 174 -24.28 15.20 6.92
C GLU C 174 -24.82 13.87 7.43
N GLY C 175 -25.82 13.29 6.77
CA GLY C 175 -26.32 12.00 7.17
C GLY C 175 -25.50 10.85 6.62
N ILE C 176 -25.71 9.67 7.18
CA ILE C 176 -25.08 8.47 6.65
C ILE C 176 -26.11 7.34 6.59
N PRO C 177 -26.26 6.64 5.48
CA PRO C 177 -27.23 5.55 5.42
C PRO C 177 -26.77 4.44 6.34
N ALA C 178 -27.63 4.08 7.29
CA ALA C 178 -27.29 3.10 8.30
C ALA C 178 -28.55 2.36 8.76
N GLY C 179 -28.48 1.03 8.74
CA GLY C 179 -29.57 0.23 9.28
C GLY C 179 -29.54 0.21 10.80
N LEU C 180 -30.73 0.19 11.40
CA LEU C 180 -30.91 0.23 12.85
C LEU C 180 -31.94 -0.81 13.27
N ASN C 181 -31.65 -1.53 14.35
CA ASN C 181 -32.57 -2.53 14.88
C ASN C 181 -32.84 -2.25 16.35
N PHE C 182 -34.05 -2.62 16.81
CA PHE C 182 -34.43 -2.56 18.21
C PHE C 182 -34.39 -3.95 18.81
N VAL C 183 -33.78 -4.08 19.97
CA VAL C 183 -33.87 -5.27 20.80
C VAL C 183 -34.78 -4.92 21.96
N LEU C 184 -35.93 -5.59 22.05
CA LEU C 184 -36.94 -5.29 23.05
C LEU C 184 -36.77 -6.27 24.20
N LEU C 185 -36.24 -5.76 25.30
CA LEU C 185 -36.06 -6.51 26.53
C LEU C 185 -37.25 -6.24 27.45
N GLU C 186 -37.26 -6.84 28.64
CA GLU C 186 -38.48 -6.71 29.45
C GLU C 186 -38.68 -5.28 29.95
N ASP C 187 -37.61 -4.60 30.34
CA ASP C 187 -37.80 -3.26 30.89
C ASP C 187 -37.23 -2.13 30.05
N LYS C 188 -36.63 -2.42 28.90
CA LYS C 188 -35.94 -1.41 28.11
C LYS C 188 -35.73 -1.96 26.71
N PHE C 189 -35.42 -1.08 25.78
CA PHE C 189 -34.93 -1.52 24.48
C PHE C 189 -33.50 -1.06 24.25
N LEU C 190 -32.76 -1.87 23.51
CA LEU C 190 -31.45 -1.54 22.99
C LEU C 190 -31.59 -1.19 21.51
N VAL C 191 -30.69 -0.33 21.04
CA VAL C 191 -30.63 0.06 19.63
C VAL C 191 -29.29 -0.42 19.09
N LEU C 192 -29.34 -1.13 17.96
CA LEU C 192 -28.17 -1.66 17.27
C LEU C 192 -28.03 -0.99 15.91
N ALA C 193 -26.80 -0.58 15.56
CA ALA C 193 -26.52 0.06 14.27
C ALA C 193 -25.01 0.04 14.09
N ASP C 194 -24.55 0.03 12.84
CA ASP C 194 -25.31 0.00 11.60
C ASP C 194 -25.38 -1.43 11.15
N THR C 195 -26.60 -1.99 11.08
CA THR C 195 -26.76 -3.42 10.88
C THR C 195 -26.81 -3.85 9.42
N THR C 196 -26.76 -2.90 8.46
CA THR C 196 -26.99 -3.26 7.06
C THR C 196 -26.10 -2.57 6.02
N VAL C 197 -25.65 -1.32 6.21
CA VAL C 197 -25.12 -0.57 5.08
C VAL C 197 -23.61 -0.62 4.98
N ASN C 198 -22.90 -0.06 5.97
CA ASN C 198 -21.47 0.21 5.84
C ASN C 198 -20.65 -0.99 6.30
N LEU C 199 -19.81 -1.50 5.41
CA LEU C 199 -18.94 -2.63 5.69
C LEU C 199 -18.00 -2.35 6.87
N ASN C 200 -17.38 -1.17 6.89
CA ASN C 200 -16.31 -0.88 7.83
C ASN C 200 -16.25 0.65 8.08
N PRO C 201 -17.25 1.16 8.82
CA PRO C 201 -17.30 2.64 8.98
C PRO C 201 -16.08 3.16 9.71
N THR C 202 -15.67 4.36 9.31
CA THR C 202 -14.60 5.07 9.97
C THR C 202 -15.06 5.53 11.35
N ALA C 203 -14.11 6.07 12.13
CA ALA C 203 -14.49 6.67 13.40
C ALA C 203 -15.50 7.79 13.18
N GLU C 204 -15.30 8.62 12.15
CA GLU C 204 -16.25 9.70 11.87
C GLU C 204 -17.62 9.14 11.50
N GLN C 205 -17.64 8.09 10.70
CA GLN C 205 -18.91 7.50 10.31
C GLN C 205 -19.60 6.87 11.50
N CYS C 206 -18.84 6.22 12.39
CA CYS C 206 -19.48 5.59 13.53
C CYS C 206 -20.09 6.63 14.45
N ALA C 207 -19.47 7.80 14.55
CA ALA C 207 -20.03 8.88 15.34
C ALA C 207 -21.34 9.36 14.75
N GLN C 208 -21.40 9.51 13.43
CA GLN C 208 -22.63 9.95 12.79
C GLN C 208 -23.73 8.91 12.94
N ILE C 209 -23.36 7.62 12.85
CA ILE C 209 -24.32 6.56 13.14
C ILE C 209 -24.85 6.67 14.57
N ALA C 210 -23.96 6.98 15.53
CA ALA C 210 -24.42 7.14 16.91
C ALA C 210 -25.37 8.32 17.05
N LEU C 211 -25.05 9.45 16.43
CA LEU C 211 -25.91 10.63 16.52
C LEU C 211 -27.29 10.35 15.93
N GLN C 212 -27.33 9.67 14.79
CA GLN C 212 -28.61 9.32 14.17
C GLN C 212 -29.40 8.38 15.05
N ALA C 213 -28.75 7.35 15.58
CA ALA C 213 -29.42 6.45 16.52
C ALA C 213 -29.89 7.19 17.75
N ALA C 214 -29.15 8.21 18.17
CA ALA C 214 -29.54 8.97 19.35
C ALA C 214 -30.85 9.72 19.12
N LYS C 215 -31.02 10.34 17.95
CA LYS C 215 -32.28 11.06 17.74
C LYS C 215 -33.47 10.11 17.65
N ILE C 216 -33.25 8.88 17.18
CA ILE C 216 -34.34 7.91 17.20
C ILE C 216 -34.69 7.51 18.63
N VAL C 217 -33.67 7.27 19.47
CA VAL C 217 -33.97 6.93 20.86
C VAL C 217 -34.67 8.10 21.56
N GLU C 218 -34.28 9.33 21.23
CA GLU C 218 -34.90 10.50 21.84
C GLU C 218 -36.36 10.65 21.41
N TYR C 219 -36.70 10.26 20.18
CA TYR C 219 -38.08 10.30 19.70
C TYR C 219 -39.02 9.50 20.59
N PHE C 220 -38.53 8.43 21.23
CA PHE C 220 -39.37 7.63 22.12
C PHE C 220 -39.28 8.07 23.58
N GLY C 221 -38.67 9.23 23.84
CA GLY C 221 -38.63 9.76 25.19
C GLY C 221 -37.68 9.08 26.16
N ILE C 222 -36.69 8.34 25.67
CA ILE C 222 -35.66 7.73 26.51
C ILE C 222 -34.36 8.47 26.27
N GLU C 223 -33.55 8.62 27.33
CA GLU C 223 -32.22 9.21 27.24
C GLU C 223 -31.28 8.23 26.56
N PRO C 224 -30.64 8.59 25.45
CA PRO C 224 -29.70 7.67 24.79
C PRO C 224 -28.36 7.62 25.51
N ARG C 225 -27.86 6.41 25.72
CA ARG C 225 -26.53 6.19 26.30
C ARG C 225 -25.77 5.25 25.38
N VAL C 226 -24.68 5.75 24.80
CA VAL C 226 -24.07 5.17 23.60
C VAL C 226 -22.77 4.48 23.97
N ALA C 227 -22.62 3.24 23.49
CA ALA C 227 -21.39 2.48 23.59
C ALA C 227 -20.85 2.21 22.19
N MET C 228 -19.58 2.53 21.96
CA MET C 228 -18.89 2.19 20.73
C MET C 228 -18.20 0.85 20.95
N LEU C 229 -18.72 -0.19 20.30
CA LEU C 229 -18.40 -1.56 20.69
C LEU C 229 -17.09 -1.99 20.07
N SER C 230 -16.42 -2.91 20.78
CA SER C 230 -15.17 -3.48 20.32
C SER C 230 -15.00 -4.83 20.98
N TYR C 231 -13.90 -5.51 20.64
CA TYR C 231 -13.48 -6.70 21.37
C TYR C 231 -12.58 -6.33 22.53
N SER C 232 -12.34 -5.03 22.73
CA SER C 232 -11.36 -4.53 23.67
C SER C 232 -12.06 -3.67 24.71
N ASN C 233 -11.50 -3.67 25.92
CA ASN C 233 -11.99 -2.81 27.00
C ASN C 233 -10.99 -1.67 27.22
N PHE C 234 -11.30 -0.49 26.65
CA PHE C 234 -10.54 0.72 26.91
C PHE C 234 -9.02 0.52 26.76
N SER C 235 -8.64 -0.19 25.71
CA SER C 235 -7.23 -0.36 25.35
C SER C 235 -6.76 0.73 24.39
N GLY C 236 -7.62 1.17 23.45
CA GLY C 236 -7.25 2.16 22.48
C GLY C 236 -6.16 1.71 21.52
N ALA C 237 -5.84 0.42 21.50
CA ALA C 237 -4.83 -0.13 20.60
C ALA C 237 -5.21 0.11 19.14
N GLU C 238 -4.21 -0.02 18.27
CA GLU C 238 -4.43 0.29 16.88
C GLU C 238 -5.46 -0.67 16.28
N GLY C 239 -6.20 -0.18 15.29
CA GLY C 239 -7.29 -0.94 14.71
C GLY C 239 -8.65 -0.53 15.24
N THR C 240 -9.54 -1.49 15.46
CA THR C 240 -10.88 -1.07 15.89
C THR C 240 -10.86 -0.50 17.31
N PRO C 241 -10.02 -0.98 18.24
CA PRO C 241 -9.98 -0.33 19.56
C PRO C 241 -9.72 1.16 19.45
N ARG C 242 -8.71 1.57 18.66
CA ARG C 242 -8.48 3.01 18.47
C ARG C 242 -9.65 3.66 17.74
N LYS C 243 -10.17 3.01 16.69
CA LYS C 243 -11.28 3.59 15.94
C LYS C 243 -12.48 3.85 16.84
N MET C 244 -12.83 2.86 17.67
CA MET C 244 -14.01 3.06 18.52
C MET C 244 -13.73 4.05 19.65
N LYS C 245 -12.48 4.12 20.12
CA LYS C 245 -12.15 5.17 21.09
C LYS C 245 -12.28 6.56 20.46
N LYS C 246 -11.77 6.73 19.24
CA LYS C 246 -11.87 8.04 18.60
C LYS C 246 -13.32 8.34 18.20
N ALA C 247 -14.07 7.32 17.78
CA ALA C 247 -15.47 7.52 17.43
C ALA C 247 -16.24 8.11 18.60
N ALA C 248 -16.02 7.58 19.80
CA ALA C 248 -16.65 8.14 20.98
C ALA C 248 -16.28 9.59 21.17
N GLU C 249 -15.00 9.94 20.97
CA GLU C 249 -14.54 11.31 21.17
C GLU C 249 -15.22 12.27 20.19
N ILE C 250 -15.26 11.90 18.91
CA ILE C 250 -15.96 12.73 17.92
C ILE C 250 -17.42 12.87 18.28
N ALA C 251 -18.06 11.77 18.68
CA ALA C 251 -19.48 11.84 19.04
C ALA C 251 -19.71 12.75 20.24
N ARG C 252 -18.86 12.62 21.27
CA ARG C 252 -18.99 13.47 22.46
C ARG C 252 -18.80 14.93 22.10
N SER C 253 -17.89 15.21 21.16
CA SER C 253 -17.71 16.55 20.63
C SER C 253 -19.01 17.13 20.11
N LEU C 254 -19.79 16.34 19.36
CA LEU C 254 -20.99 16.86 18.70
C LEU C 254 -22.23 16.86 19.59
N ARG C 255 -22.30 16.00 20.59
CA ARG C 255 -23.41 15.99 21.54
C ARG C 255 -22.81 15.97 22.94
N PRO C 256 -22.31 17.11 23.43
CA PRO C 256 -21.68 17.16 24.76
C PRO C 256 -22.63 16.83 25.91
N ASP C 257 -23.93 16.72 25.67
CA ASP C 257 -24.88 16.43 26.72
C ASP C 257 -25.08 14.93 26.92
N LEU C 258 -24.62 14.11 25.99
CA LEU C 258 -24.89 12.69 25.97
C LEU C 258 -23.74 11.89 26.54
N MET C 259 -24.10 10.78 27.20
CA MET C 259 -23.14 9.76 27.60
C MET C 259 -22.79 8.91 26.39
N ILE C 260 -21.54 9.03 25.95
CA ILE C 260 -20.99 8.28 24.83
C ILE C 260 -19.61 7.79 25.27
N GLU C 261 -19.34 6.49 25.11
CA GLU C 261 -18.13 5.92 25.66
C GLU C 261 -17.65 4.77 24.78
N GLY C 262 -16.35 4.47 24.88
CA GLY C 262 -15.70 3.42 24.11
C GLY C 262 -14.20 3.66 24.15
N ASP C 263 -13.43 2.67 23.68
CA ASP C 263 -13.86 1.38 23.17
C ASP C 263 -14.21 0.46 24.33
N MET C 264 -15.22 -0.40 24.17
CA MET C 264 -15.54 -1.36 25.24
C MET C 264 -16.19 -2.59 24.65
N GLN C 265 -16.10 -3.70 25.40
CA GLN C 265 -16.75 -4.95 25.02
C GLN C 265 -18.27 -4.88 25.22
N ALA C 266 -18.95 -5.84 24.59
CA ALA C 266 -20.41 -5.79 24.55
C ALA C 266 -21.02 -6.04 25.93
N ASP C 267 -20.46 -6.96 26.71
CA ASP C 267 -21.02 -7.17 28.05
C ASP C 267 -20.73 -5.99 28.96
N THR C 268 -19.51 -5.44 28.87
CA THR C 268 -19.19 -4.19 29.55
C THR C 268 -20.20 -3.09 29.21
N ALA C 269 -20.65 -3.04 27.95
CA ALA C 269 -21.51 -1.95 27.50
C ALA C 269 -22.89 -1.99 28.14
N VAL C 270 -23.57 -3.14 28.09
CA VAL C 270 -24.99 -3.17 28.50
C VAL C 270 -25.13 -3.35 30.01
N ASN C 271 -24.15 -3.98 30.66
CA ASN C 271 -24.26 -4.36 32.05
C ASN C 271 -23.63 -3.24 32.94
N PRO C 272 -24.49 -2.49 33.65
CA PRO C 272 -23.90 -1.36 34.43
C PRO C 272 -23.05 -1.80 35.61
N GLU C 273 -23.29 -2.99 36.16
CA GLU C 273 -22.47 -3.41 37.30
C GLU C 273 -21.08 -3.85 36.86
N ILE C 274 -20.96 -4.43 35.67
CA ILE C 274 -19.64 -4.77 35.13
C ILE C 274 -18.85 -3.50 34.85
N MET C 275 -19.51 -2.52 34.23
CA MET C 275 -18.87 -1.23 33.99
C MET C 275 -18.36 -0.61 35.27
N GLU C 276 -19.24 -0.48 36.26
CA GLU C 276 -18.89 0.22 37.50
C GLU C 276 -17.75 -0.49 38.23
N ARG C 277 -17.77 -1.83 38.22
CA ARG C 277 -16.78 -2.61 38.95
C ARG C 277 -15.40 -2.55 38.31
N LEU C 278 -15.33 -2.69 36.98
CA LEU C 278 -14.07 -2.88 36.28
C LEU C 278 -13.51 -1.61 35.65
N PHE C 279 -14.35 -0.62 35.31
CA PHE C 279 -13.91 0.60 34.63
C PHE C 279 -14.69 1.80 35.16
N PRO C 280 -14.55 2.10 36.47
CA PRO C 280 -15.37 3.16 37.09
C PRO C 280 -15.05 4.57 36.60
N PHE C 281 -13.94 4.79 35.90
CA PHE C 281 -13.65 6.09 35.31
C PHE C 281 -14.59 6.42 34.17
N SER C 282 -15.27 5.42 33.61
CA SER C 282 -16.10 5.59 32.42
C SER C 282 -17.19 6.62 32.62
N GLY C 283 -17.47 7.39 31.58
CA GLY C 283 -18.58 8.33 31.63
C GLY C 283 -19.95 7.73 31.37
N LEU C 284 -20.03 6.43 31.10
CA LEU C 284 -21.28 5.75 30.77
C LEU C 284 -21.77 4.95 31.95
N LYS C 285 -22.87 5.40 32.57
CA LYS C 285 -23.51 4.69 33.67
C LYS C 285 -24.99 4.38 33.43
N GLY C 286 -25.44 3.34 34.12
CA GLY C 286 -26.76 2.79 33.97
C GLY C 286 -26.89 1.93 32.74
N GLY C 287 -25.77 1.54 32.12
CA GLY C 287 -25.80 0.66 30.97
C GLY C 287 -26.11 1.34 29.65
N ALA C 288 -25.51 0.88 28.56
CA ALA C 288 -25.76 1.50 27.26
C ALA C 288 -27.06 0.99 26.66
N ASN C 289 -27.81 1.91 26.04
CA ASN C 289 -28.96 1.53 25.21
C ASN C 289 -28.76 1.84 23.75
N VAL C 290 -27.58 2.34 23.36
CA VAL C 290 -27.21 2.50 21.96
C VAL C 290 -25.89 1.78 21.75
N LEU C 291 -25.88 0.80 20.87
CA LEU C 291 -24.71 -0.03 20.60
C LEU C 291 -24.29 0.18 19.16
N VAL C 292 -23.20 0.93 18.95
CA VAL C 292 -22.68 1.21 17.62
C VAL C 292 -21.56 0.20 17.34
N PHE C 293 -21.60 -0.40 16.20
CA PHE C 293 -20.73 -1.52 15.95
C PHE C 293 -19.55 -1.08 15.09
N PRO C 294 -18.42 -1.80 15.15
CA PRO C 294 -17.24 -1.36 14.40
C PRO C 294 -17.24 -1.79 12.94
N ASN C 295 -18.03 -2.80 12.57
CA ASN C 295 -18.05 -3.29 11.19
C ASN C 295 -19.33 -4.06 10.98
N LEU C 296 -19.59 -4.40 9.72
CA LEU C 296 -20.89 -4.95 9.33
C LEU C 296 -21.03 -6.40 9.72
N GLU C 297 -19.93 -7.15 9.75
CA GLU C 297 -20.00 -8.52 10.26
C GLU C 297 -20.56 -8.54 11.68
N SER C 298 -20.08 -7.65 12.55
CA SER C 298 -20.46 -7.76 13.95
C SER C 298 -21.90 -7.30 14.17
N SER C 299 -22.29 -6.18 13.55
CA SER C 299 -23.67 -5.71 13.67
C SER C 299 -24.66 -6.71 13.06
N ASN C 300 -24.37 -7.18 11.84
CA ASN C 300 -25.30 -8.07 11.15
C ASN C 300 -25.42 -9.44 11.83
N ILE C 301 -24.30 -10.02 12.25
CA ILE C 301 -24.41 -11.32 12.92
C ILE C 301 -25.11 -11.17 14.26
N ALA C 302 -24.87 -10.05 14.96
CA ALA C 302 -25.38 -9.91 16.32
C ALA C 302 -26.91 -9.85 16.36
N TYR C 303 -27.52 -8.90 15.63
CA TYR C 303 -28.96 -8.75 15.73
C TYR C 303 -29.67 -9.99 15.24
N LYS C 304 -29.09 -10.69 14.26
CA LYS C 304 -29.68 -11.90 13.71
C LYS C 304 -29.61 -13.06 14.69
N LEU C 305 -28.48 -13.19 15.40
CA LEU C 305 -28.34 -14.24 16.40
C LEU C 305 -29.24 -13.98 17.60
N ILE C 306 -29.30 -12.72 18.05
CA ILE C 306 -30.19 -12.36 19.15
C ILE C 306 -31.64 -12.70 18.80
N GLN C 307 -32.04 -12.41 17.56
CA GLN C 307 -33.41 -12.67 17.12
C GLN C 307 -33.74 -14.16 17.09
N GLN C 308 -32.79 -15.01 16.73
CA GLN C 308 -33.06 -16.43 16.60
C GLN C 308 -32.96 -17.17 17.94
N ILE C 309 -31.92 -16.91 18.72
CA ILE C 309 -31.66 -17.73 19.90
C ILE C 309 -31.97 -17.00 21.20
N GLY C 310 -31.77 -15.70 21.27
CA GLY C 310 -32.28 -14.97 22.41
C GLY C 310 -33.79 -15.08 22.47
N LYS C 311 -34.35 -14.68 23.59
CA LYS C 311 -35.80 -14.72 23.69
C LYS C 311 -36.33 -13.31 23.82
N ALA C 312 -35.88 -12.41 22.96
CA ALA C 312 -36.38 -11.04 22.90
C ALA C 312 -36.79 -10.72 21.48
N GLU C 313 -37.80 -9.86 21.35
CA GLU C 313 -38.24 -9.44 20.03
C GLU C 313 -37.24 -8.47 19.44
N VAL C 314 -36.91 -8.67 18.17
CA VAL C 314 -36.01 -7.79 17.42
C VAL C 314 -36.79 -7.24 16.24
N ILE C 315 -36.85 -5.91 16.11
CA ILE C 315 -37.58 -5.29 15.02
C ILE C 315 -36.63 -4.47 14.16
N GLY C 316 -36.89 -4.46 12.85
CA GLY C 316 -36.03 -3.85 11.87
C GLY C 316 -35.41 -4.85 10.91
N PRO C 317 -34.37 -4.44 10.17
CA PRO C 317 -33.70 -3.15 10.28
C PRO C 317 -34.43 -1.97 9.64
N PHE C 318 -34.23 -0.79 10.22
CA PHE C 318 -34.77 0.45 9.68
C PHE C 318 -33.61 1.29 9.13
N LEU C 319 -33.80 1.79 7.90
CA LEU C 319 -32.79 2.58 7.20
C LEU C 319 -32.85 4.03 7.71
N THR C 320 -31.81 4.47 8.39
CA THR C 320 -31.69 5.85 8.86
C THR C 320 -30.78 6.65 7.94
N GLY C 321 -30.84 7.98 8.07
CA GLY C 321 -29.98 8.83 7.29
C GLY C 321 -30.51 9.23 5.93
N VAL C 322 -31.71 8.81 5.55
CA VAL C 322 -32.22 9.06 4.22
C VAL C 322 -33.27 10.17 4.23
N ARG C 323 -33.42 10.82 3.07
CA ARG C 323 -34.23 12.04 2.98
C ARG C 323 -35.71 11.78 3.24
N ARG C 324 -36.27 10.67 2.77
CA ARG C 324 -37.62 10.39 3.20
C ARG C 324 -37.73 8.91 3.57
N SER C 325 -38.93 8.52 4.01
CA SER C 325 -39.14 7.24 4.70
C SER C 325 -39.07 6.08 3.71
N ALA C 326 -38.07 5.22 3.90
CA ALA C 326 -37.87 4.01 3.11
C ALA C 326 -37.15 3.04 4.02
N ASN C 327 -37.69 1.83 4.15
CA ASN C 327 -37.06 0.79 4.95
C ASN C 327 -37.04 -0.50 4.16
N VAL C 328 -35.93 -1.21 4.24
CA VAL C 328 -35.75 -2.47 3.55
C VAL C 328 -35.89 -3.60 4.57
N LEU C 329 -36.85 -4.47 4.32
CA LEU C 329 -36.99 -5.67 5.12
C LEU C 329 -35.79 -6.57 4.94
N GLN C 330 -35.40 -7.26 6.00
CA GLN C 330 -34.43 -8.32 5.81
C GLN C 330 -35.08 -9.47 5.05
N ARG C 331 -34.33 -10.04 4.13
CA ARG C 331 -34.81 -11.14 3.29
C ARG C 331 -35.31 -12.31 4.12
N THR C 332 -34.78 -12.49 5.32
CA THR C 332 -35.13 -13.58 6.22
C THR C 332 -36.38 -13.29 7.06
N THR C 333 -37.05 -12.17 6.83
CA THR C 333 -38.14 -11.73 7.70
C THR C 333 -39.30 -12.73 7.73
N THR C 334 -40.04 -12.72 8.84
CA THR C 334 -41.31 -13.41 8.95
C THR C 334 -42.45 -12.45 8.59
N VAL C 335 -43.67 -12.98 8.57
CA VAL C 335 -44.86 -12.14 8.42
C VAL C 335 -44.95 -11.15 9.57
N ASP C 336 -44.73 -11.61 10.80
CA ASP C 336 -44.79 -10.71 11.95
C ASP C 336 -43.68 -9.66 11.90
N GLY C 337 -42.47 -10.06 11.48
CA GLY C 337 -41.44 -9.07 11.20
C GLY C 337 -41.94 -7.94 10.31
N ILE C 338 -42.56 -8.29 9.18
CA ILE C 338 -43.05 -7.27 8.25
C ILE C 338 -44.09 -6.38 8.92
N VAL C 339 -44.97 -6.98 9.74
CA VAL C 339 -46.01 -6.20 10.41
C VAL C 339 -45.36 -5.14 11.31
N ASN C 340 -44.43 -5.57 12.17
CA ASN C 340 -43.73 -4.64 13.05
C ASN C 340 -43.01 -3.54 12.26
N SER C 341 -42.38 -3.91 11.14
CA SER C 341 -41.62 -2.92 10.38
C SER C 341 -42.53 -1.92 9.67
N VAL C 342 -43.71 -2.36 9.23
CA VAL C 342 -44.64 -1.43 8.59
C VAL C 342 -45.16 -0.43 9.61
N VAL C 343 -45.39 -0.89 10.85
CA VAL C 343 -45.85 0.00 11.91
C VAL C 343 -44.88 1.16 12.09
N PHE C 344 -43.59 0.87 12.19
CA PHE C 344 -42.62 1.93 12.42
C PHE C 344 -42.33 2.74 11.17
N THR C 345 -42.45 2.13 9.98
CA THR C 345 -42.40 2.91 8.74
C THR C 345 -43.51 3.97 8.73
N ALA C 346 -44.70 3.63 9.22
CA ALA C 346 -45.75 4.62 9.32
C ALA C 346 -45.34 5.74 10.26
N LEU C 347 -44.73 5.41 11.40
CA LEU C 347 -44.23 6.41 12.32
C LEU C 347 -43.21 7.32 11.65
N GLU C 348 -42.22 6.72 10.98
CA GLU C 348 -41.20 7.48 10.28
C GLU C 348 -41.81 8.41 9.23
N ALA C 349 -42.75 7.88 8.43
CA ALA C 349 -43.38 8.67 7.39
C ALA C 349 -44.14 9.86 7.97
N GLN C 350 -44.88 9.64 9.06
CA GLN C 350 -45.60 10.76 9.69
C GLN C 350 -44.63 11.80 10.20
N TYR C 351 -43.51 11.36 10.78
CA TYR C 351 -42.54 12.29 11.32
C TYR C 351 -41.90 13.13 10.21
N ILE C 352 -41.41 12.49 9.16
CA ILE C 352 -40.77 13.21 8.05
C ILE C 352 -41.75 14.15 7.37
N LYS C 353 -42.99 13.71 7.22
CA LYS C 353 -44.03 14.51 6.58
C LYS C 353 -44.33 15.80 7.33
N GLU C 354 -44.14 15.81 8.66
CA GLU C 354 -44.37 17.04 9.41
C GLU C 354 -43.15 17.94 9.41
N VAL C 355 -41.96 17.35 9.35
CA VAL C 355 -40.73 18.14 9.21
C VAL C 355 -40.73 18.98 7.92
N LEU C 356 -41.10 18.37 6.80
CA LEU C 356 -41.03 19.02 5.50
C LEU C 356 -42.12 20.09 5.32
N LYS C 357 -43.14 20.07 6.18
CA LYS C 357 -44.23 21.04 6.14
C LYS C 357 -43.73 22.43 6.52
N SER C 358 -42.92 22.50 7.57
CA SER C 358 -42.20 23.71 8.02
C SER C 358 -41.74 24.62 6.87
N LYS D 22 -27.92 -26.25 32.72
CA LYS D 22 -28.71 -27.05 33.66
C LYS D 22 -28.18 -28.48 33.68
N VAL D 23 -28.65 -29.23 32.69
CA VAL D 23 -28.35 -30.65 32.54
C VAL D 23 -26.96 -30.86 31.95
N PHE D 24 -26.63 -30.10 30.90
CA PHE D 24 -25.37 -30.24 30.20
C PHE D 24 -24.16 -30.14 31.13
N ILE D 25 -24.24 -29.28 32.16
CA ILE D 25 -23.11 -29.14 33.06
C ILE D 25 -23.01 -30.34 33.99
N ARG D 26 -24.15 -30.86 34.44
CA ARG D 26 -24.17 -32.07 35.26
C ARG D 26 -23.63 -33.26 34.48
N SER D 27 -23.91 -33.31 33.17
CA SER D 27 -23.38 -34.39 32.35
C SER D 27 -21.86 -34.29 32.23
N ALA D 28 -21.33 -33.07 32.13
CA ALA D 28 -19.87 -32.92 32.14
C ALA D 28 -19.29 -33.39 33.47
N ILE D 29 -19.89 -32.99 34.59
CA ILE D 29 -19.38 -33.40 35.89
C ILE D 29 -19.35 -34.91 36.00
N ASN D 30 -20.40 -35.58 35.55
CA ASN D 30 -20.44 -37.03 35.67
C ASN D 30 -19.40 -37.69 34.77
N ARG D 31 -19.19 -37.16 33.56
CA ARG D 31 -18.12 -37.72 32.73
C ARG D 31 -16.76 -37.52 33.39
N VAL D 32 -16.57 -36.43 34.14
CA VAL D 32 -15.34 -36.27 34.91
C VAL D 32 -15.21 -37.42 35.89
N HIS D 33 -16.29 -37.76 36.58
CA HIS D 33 -16.24 -38.89 37.52
C HIS D 33 -16.00 -40.23 36.81
N GLN D 34 -16.65 -40.46 35.65
CA GLN D 34 -16.30 -41.62 34.82
C GLN D 34 -14.82 -41.72 34.52
N ASN D 35 -14.23 -40.64 34.04
CA ASN D 35 -12.82 -40.62 33.70
C ASN D 35 -11.94 -40.91 34.91
N SER D 36 -12.29 -40.35 36.07
CA SER D 36 -11.45 -40.52 37.25
C SER D 36 -11.56 -41.94 37.82
N ALA D 37 -12.78 -42.51 37.79
CA ALA D 37 -12.96 -43.88 38.27
C ALA D 37 -12.26 -44.90 37.38
N ALA D 38 -12.13 -44.60 36.10
CA ALA D 38 -11.41 -45.46 35.17
C ALA D 38 -9.90 -45.24 35.24
N ASN D 39 -9.43 -44.39 36.15
CA ASN D 39 -7.99 -44.11 36.29
C ASN D 39 -7.63 -44.04 37.78
N GLY D 40 -8.06 -45.04 38.54
CA GLY D 40 -7.68 -45.14 39.94
C GLY D 40 -8.20 -44.04 40.84
N GLY D 41 -9.24 -43.33 40.42
CA GLY D 41 -9.84 -42.25 41.18
C GLY D 41 -9.06 -40.96 41.18
N GLU D 42 -7.99 -40.86 40.37
CA GLU D 42 -7.18 -39.67 40.32
C GLU D 42 -7.94 -38.50 39.70
N LEU D 43 -7.73 -37.33 40.22
CA LEU D 43 -8.31 -36.11 39.70
C LEU D 43 -7.27 -35.32 38.94
N PRO D 44 -7.64 -34.63 37.87
CA PRO D 44 -6.66 -33.78 37.21
C PRO D 44 -6.14 -32.69 38.15
N ARG D 45 -4.86 -32.38 38.00
CA ARG D 45 -4.22 -31.30 38.74
C ARG D 45 -4.36 -30.01 37.92
N ILE D 46 -5.02 -29.01 38.49
CA ILE D 46 -5.32 -27.75 37.78
C ILE D 46 -4.66 -26.60 38.50
N VAL D 47 -3.77 -25.88 37.84
CA VAL D 47 -3.08 -24.75 38.45
C VAL D 47 -3.90 -23.49 38.28
N PHE D 48 -4.00 -22.72 39.35
CA PHE D 48 -4.67 -21.43 39.33
C PHE D 48 -3.65 -20.35 39.67
N PRO D 49 -3.17 -19.59 38.70
CA PRO D 49 -2.19 -18.52 39.01
C PRO D 49 -2.70 -17.52 40.04
N GLU D 50 -4.00 -17.28 40.08
CA GLU D 50 -4.54 -16.20 40.92
C GLU D 50 -4.96 -16.74 42.29
N GLY D 51 -3.94 -17.14 43.06
CA GLY D 51 -4.17 -17.80 44.33
C GLY D 51 -4.93 -16.97 45.35
N THR D 52 -4.96 -15.65 45.20
CA THR D 52 -5.70 -14.78 46.10
C THR D 52 -6.99 -14.23 45.46
N SER D 53 -7.34 -14.67 44.24
CA SER D 53 -8.52 -14.15 43.57
C SER D 53 -9.77 -14.58 44.32
N THR D 54 -10.57 -13.61 44.75
CA THR D 54 -11.77 -13.90 45.51
C THR D 54 -12.72 -14.79 44.71
N LYS D 55 -13.00 -14.41 43.45
CA LYS D 55 -13.95 -15.21 42.68
C LYS D 55 -13.41 -16.61 42.42
N VAL D 56 -12.11 -16.73 42.16
CA VAL D 56 -11.54 -18.05 41.93
C VAL D 56 -11.67 -18.91 43.18
N LEU D 57 -11.42 -18.33 44.35
CA LEU D 57 -11.49 -19.11 45.57
C LEU D 57 -12.92 -19.55 45.87
N LYS D 58 -13.88 -18.65 45.67
CA LYS D 58 -15.28 -18.99 45.87
C LYS D 58 -15.70 -20.10 44.93
N ALA D 59 -15.29 -20.01 43.67
CA ALA D 59 -15.60 -21.07 42.72
C ALA D 59 -15.04 -22.40 43.19
N LEU D 60 -13.81 -22.39 43.72
CA LEU D 60 -13.16 -23.63 44.13
C LEU D 60 -13.87 -24.32 45.28
N ALA D 61 -14.48 -23.57 46.22
CA ALA D 61 -15.27 -24.21 47.28
C ALA D 61 -16.34 -25.12 46.68
N THR D 62 -17.06 -24.64 45.67
CA THR D 62 -18.08 -25.44 44.99
C THR D 62 -17.46 -26.59 44.23
N LEU D 63 -16.27 -26.38 43.66
CA LEU D 63 -15.67 -27.42 42.82
C LEU D 63 -14.96 -28.51 43.63
N VAL D 64 -14.51 -28.22 44.86
CA VAL D 64 -13.84 -29.26 45.64
C VAL D 64 -14.84 -30.29 46.15
N GLU D 65 -16.04 -29.87 46.55
CA GLU D 65 -17.03 -30.87 46.93
C GLU D 65 -17.47 -31.73 45.75
N GLU D 66 -17.31 -31.26 44.51
CA GLU D 66 -17.78 -32.02 43.35
C GLU D 66 -16.75 -32.97 42.78
N LYS D 67 -15.55 -33.08 43.39
CA LYS D 67 -14.59 -34.06 42.91
C LYS D 67 -14.20 -33.81 41.45
N ILE D 68 -13.97 -32.55 41.11
CA ILE D 68 -13.63 -32.16 39.74
C ILE D 68 -12.13 -32.20 39.49
N CYS D 69 -11.33 -31.73 40.46
CA CYS D 69 -9.91 -31.56 40.25
C CYS D 69 -9.18 -31.44 41.58
N GLN D 70 -7.88 -31.64 41.53
CA GLN D 70 -7.00 -31.24 42.60
C GLN D 70 -6.43 -29.85 42.27
N PRO D 71 -6.93 -28.79 42.90
CA PRO D 71 -6.44 -27.45 42.59
C PRO D 71 -5.06 -27.21 43.19
N ILE D 72 -4.26 -26.42 42.47
CA ILE D 72 -2.98 -25.93 42.96
C ILE D 72 -3.02 -24.41 42.85
N LEU D 73 -2.94 -23.72 43.99
CA LEU D 73 -2.97 -22.26 44.01
C LEU D 73 -1.54 -21.73 43.99
N LEU D 74 -1.33 -20.67 43.20
CA LEU D 74 -0.05 -19.99 43.08
C LEU D 74 -0.05 -18.67 43.83
N GLY D 75 0.99 -18.45 44.61
CA GLY D 75 1.15 -17.22 45.34
C GLY D 75 2.01 -17.48 46.56
N TYR D 76 2.28 -16.41 47.30
CA TYR D 76 2.80 -16.60 48.64
C TYR D 76 1.89 -17.40 49.54
N PRO D 77 2.32 -18.53 50.03
CA PRO D 77 1.43 -19.36 50.87
C PRO D 77 0.66 -18.55 51.93
N GLU D 78 1.29 -17.69 52.69
CA GLU D 78 0.67 -16.91 53.79
C GLU D 78 -0.41 -16.00 53.25
N ARG D 79 -0.15 -15.38 52.12
CA ARG D 79 -1.09 -14.45 51.45
C ARG D 79 -2.38 -15.20 51.09
N VAL D 80 -2.27 -16.46 50.64
CA VAL D 80 -3.40 -17.31 50.21
C VAL D 80 -4.16 -17.84 51.41
N LYS D 81 -3.47 -18.45 52.37
CA LYS D 81 -4.07 -18.93 53.61
C LYS D 81 -4.84 -17.81 54.27
N GLU D 82 -4.31 -16.60 54.13
CA GLU D 82 -4.89 -15.43 54.77
C GLU D 82 -6.17 -14.96 54.07
N LYS D 83 -6.19 -15.03 52.76
CA LYS D 83 -7.37 -14.72 51.98
C LYS D 83 -8.43 -15.81 52.12
N ILE D 84 -8.02 -17.07 52.18
CA ILE D 84 -8.97 -18.16 52.35
C ILE D 84 -9.75 -18.00 53.66
N LYS D 85 -9.04 -17.64 54.74
CA LYS D 85 -9.73 -17.50 56.03
C LYS D 85 -10.55 -16.22 56.09
N ALA D 86 -10.09 -15.15 55.43
CA ALA D 86 -10.88 -13.92 55.33
C ALA D 86 -12.23 -14.20 54.70
N LEU D 87 -12.26 -14.94 53.59
CA LEU D 87 -13.52 -15.27 52.96
C LEU D 87 -14.22 -16.45 53.64
N ASP D 88 -13.55 -17.12 54.58
CA ASP D 88 -14.16 -18.19 55.39
C ASP D 88 -14.72 -19.32 54.52
N ILE D 89 -13.81 -20.00 53.83
CA ILE D 89 -14.20 -21.19 53.10
C ILE D 89 -13.34 -22.35 53.66
N PRO D 90 -13.78 -22.96 54.77
CA PRO D 90 -12.92 -24.01 55.39
C PRO D 90 -12.57 -25.17 54.46
N LEU D 91 -13.20 -25.27 53.30
CA LEU D 91 -13.00 -26.41 52.42
C LEU D 91 -11.67 -26.35 51.67
N LEU D 92 -10.97 -25.22 51.72
CA LEU D 92 -9.69 -25.04 51.03
C LEU D 92 -8.47 -25.08 51.94
N ASN D 93 -8.59 -25.43 53.22
CA ASN D 93 -7.45 -25.31 54.12
C ASN D 93 -6.36 -26.33 53.82
N ASP D 94 -6.65 -27.33 53.00
CA ASP D 94 -5.69 -28.37 52.63
C ASP D 94 -5.10 -28.16 51.23
N VAL D 95 -5.75 -27.36 50.37
CA VAL D 95 -5.35 -27.28 48.96
C VAL D 95 -3.89 -26.86 48.82
N SER D 96 -3.23 -27.40 47.81
CA SER D 96 -1.82 -27.11 47.59
C SER D 96 -1.59 -25.64 47.22
N ILE D 97 -0.57 -25.05 47.81
CA ILE D 97 -0.14 -23.69 47.48
C ILE D 97 1.33 -23.73 47.12
N VAL D 98 1.66 -23.14 45.97
CA VAL D 98 3.03 -23.13 45.45
C VAL D 98 3.43 -21.68 45.19
N HIS D 99 4.57 -21.28 45.74
CA HIS D 99 5.16 -19.97 45.46
C HIS D 99 6.22 -20.17 44.39
N PRO D 100 6.03 -19.65 43.17
CA PRO D 100 6.93 -19.97 42.05
C PRO D 100 8.43 -19.82 42.32
N SER D 101 8.89 -18.66 42.79
CA SER D 101 10.33 -18.47 43.00
C SER D 101 10.91 -19.46 44.01
N SER D 102 10.12 -19.92 44.99
CA SER D 102 10.60 -20.86 46.01
C SER D 102 10.53 -22.32 45.58
N HIS D 103 9.86 -22.63 44.48
CA HIS D 103 9.63 -24.01 44.07
C HIS D 103 10.95 -24.68 43.64
N PRO D 104 11.11 -25.99 43.92
CA PRO D 104 12.35 -26.68 43.50
C PRO D 104 12.64 -26.58 42.03
N LYS D 105 11.63 -26.57 41.18
CA LYS D 105 11.83 -26.59 39.74
C LYS D 105 12.03 -25.21 39.15
N TYR D 106 12.05 -24.15 39.97
CA TYR D 106 12.10 -22.78 39.47
C TYR D 106 13.29 -22.57 38.55
N PHE D 107 14.48 -23.03 38.96
CA PHE D 107 15.67 -22.76 38.15
C PHE D 107 15.64 -23.50 36.82
N SER D 108 15.19 -24.75 36.82
CA SER D 108 15.07 -25.48 35.56
C SER D 108 14.03 -24.86 34.65
N PHE D 109 12.95 -24.33 35.23
CA PHE D 109 11.91 -23.68 34.46
C PHE D 109 12.43 -22.38 33.83
N VAL D 110 13.18 -21.58 34.60
CA VAL D 110 13.86 -20.39 34.06
C VAL D 110 14.71 -20.76 32.85
N GLU D 111 15.50 -21.83 33.01
CA GLU D 111 16.47 -22.28 32.03
C GLU D 111 15.72 -22.66 30.74
N LYS D 112 14.51 -23.19 30.87
CA LYS D 112 13.70 -23.67 29.75
C LYS D 112 12.94 -22.55 29.03
N LEU D 113 12.42 -21.59 29.79
CA LEU D 113 11.80 -20.44 29.17
C LEU D 113 12.84 -19.60 28.46
N TYR D 114 13.98 -19.37 29.13
CA TYR D 114 15.09 -18.66 28.52
C TYR D 114 15.47 -19.32 27.21
N SER D 115 15.61 -20.66 27.22
CA SER D 115 15.95 -21.35 25.99
C SER D 115 14.87 -21.20 24.92
N LEU D 116 13.61 -21.07 25.33
CA LEU D 116 12.56 -20.89 24.33
C LEU D 116 12.55 -19.48 23.73
N ARG D 117 12.97 -18.47 24.49
CA ARG D 117 12.72 -17.08 24.13
C ARG D 117 13.98 -16.24 23.96
N GLN D 118 15.16 -16.84 24.02
CA GLN D 118 16.39 -16.05 24.03
C GLN D 118 16.65 -15.35 22.70
N ARG D 119 16.03 -15.81 21.61
CA ARG D 119 16.12 -15.16 20.30
C ARG D 119 14.87 -14.35 20.00
N LYS D 120 14.05 -14.09 21.01
CA LYS D 120 12.85 -13.27 20.92
C LYS D 120 12.91 -12.15 21.96
N GLY D 121 14.12 -11.71 22.27
CA GLY D 121 14.32 -10.50 23.03
C GLY D 121 14.25 -10.67 24.53
N ILE D 122 14.53 -11.86 25.04
CA ILE D 122 14.36 -12.18 26.45
C ILE D 122 15.71 -12.64 26.98
N ASN D 123 16.32 -11.85 27.84
CA ASN D 123 17.58 -12.27 28.43
C ASN D 123 17.32 -13.14 29.66
N LEU D 124 18.41 -13.64 30.25
CA LEU D 124 18.30 -14.59 31.36
C LEU D 124 17.58 -13.98 32.55
N GLY D 125 17.92 -12.75 32.91
CA GLY D 125 17.25 -12.09 34.02
C GLY D 125 15.77 -11.83 33.77
N ARG D 126 15.40 -11.59 32.52
CA ARG D 126 14.00 -11.39 32.21
C ARG D 126 13.25 -12.70 32.25
N ALA D 127 13.91 -13.80 31.88
CA ALA D 127 13.31 -15.12 32.06
C ALA D 127 13.03 -15.38 33.54
N GLU D 128 13.94 -14.96 34.42
CA GLU D 128 13.73 -15.14 35.85
C GLU D 128 12.48 -14.38 36.33
N ARG D 129 12.33 -13.12 35.90
CA ARG D 129 11.19 -12.33 36.40
C ARG D 129 9.87 -12.77 35.79
N LEU D 130 9.90 -13.29 34.55
CA LEU D 130 8.69 -13.87 33.94
C LEU D 130 8.30 -15.16 34.65
N MET D 131 9.27 -16.03 34.92
CA MET D 131 8.96 -17.28 35.60
C MET D 131 8.51 -17.04 37.03
N ALA D 132 8.84 -15.89 37.63
CA ALA D 132 8.30 -15.58 38.96
C ALA D 132 6.85 -15.14 38.88
N ASP D 133 6.37 -14.78 37.70
CA ASP D 133 4.96 -14.48 37.51
C ASP D 133 4.15 -15.76 37.49
N PRO D 134 3.09 -15.88 38.31
CA PRO D 134 2.30 -17.13 38.36
C PRO D 134 1.80 -17.58 37.00
N ASN D 135 1.43 -16.63 36.12
CA ASN D 135 0.90 -17.01 34.81
C ASN D 135 1.92 -17.80 34.02
N TYR D 136 3.18 -17.35 34.01
CA TYR D 136 4.23 -18.12 33.33
C TYR D 136 4.58 -19.38 34.09
N PHE D 137 4.65 -19.32 35.43
CA PHE D 137 4.98 -20.52 36.19
C PHE D 137 3.90 -21.60 36.01
N ALA D 138 2.62 -21.20 36.04
CA ALA D 138 1.55 -22.16 35.75
C ALA D 138 1.72 -22.78 34.38
N ALA D 139 1.99 -21.95 33.36
CA ALA D 139 2.14 -22.46 32.00
C ALA D 139 3.27 -23.47 31.90
N MET D 140 4.40 -23.21 32.57
CA MET D 140 5.51 -24.15 32.53
C MET D 140 5.20 -25.42 33.33
N MET D 141 4.52 -25.29 34.47
CA MET D 141 4.08 -26.50 35.20
C MET D 141 3.26 -27.40 34.29
N VAL D 142 2.28 -26.83 33.59
CA VAL D 142 1.46 -27.63 32.68
C VAL D 142 2.34 -28.22 31.58
N ASN D 143 3.21 -27.40 31.00
CA ASN D 143 4.07 -27.88 29.93
C ASN D 143 4.98 -29.02 30.36
N GLN D 144 5.49 -28.97 31.59
CA GLN D 144 6.44 -29.97 32.03
C GLN D 144 5.78 -31.15 32.71
N GLY D 145 4.45 -31.24 32.65
CA GLY D 145 3.74 -32.33 33.28
C GLY D 145 3.67 -32.26 34.80
N GLU D 146 4.09 -31.14 35.41
CA GLU D 146 3.91 -30.93 36.84
C GLU D 146 2.48 -30.62 37.22
N ALA D 147 1.65 -30.28 36.23
CA ALA D 147 0.21 -30.20 36.45
C ALA D 147 -0.46 -30.58 35.15
N ASP D 148 -1.76 -30.87 35.23
CA ASP D 148 -2.51 -31.34 34.06
C ASP D 148 -3.25 -30.24 33.30
N GLY D 149 -3.46 -29.09 33.91
CA GLY D 149 -4.17 -28.00 33.25
C GLY D 149 -4.04 -26.76 34.10
N MET D 150 -4.51 -25.65 33.54
CA MET D 150 -4.48 -24.40 34.26
C MET D 150 -5.70 -23.59 33.86
N VAL D 151 -6.13 -22.73 34.78
CA VAL D 151 -7.21 -21.79 34.54
C VAL D 151 -6.74 -20.45 35.08
N SER D 152 -6.73 -19.44 34.21
CA SER D 152 -6.21 -18.13 34.55
C SER D 152 -7.11 -17.05 33.97
N GLY D 153 -6.81 -15.80 34.33
CA GLY D 153 -7.32 -14.65 33.61
C GLY D 153 -8.52 -13.98 34.24
N SER D 154 -8.91 -14.34 35.46
CA SER D 154 -10.01 -13.66 36.11
C SER D 154 -9.66 -12.23 36.49
N SER D 155 -8.38 -11.94 36.71
CA SER D 155 -7.94 -10.65 37.24
C SER D 155 -7.14 -9.81 36.24
N ILE D 156 -6.85 -10.31 35.03
CA ILE D 156 -6.08 -9.59 34.03
C ILE D 156 -6.76 -9.72 32.67
N ASN D 157 -6.40 -8.83 31.75
CA ASN D 157 -7.03 -8.86 30.44
C ASN D 157 -6.56 -10.11 29.68
N TYR D 158 -7.27 -10.42 28.60
CA TYR D 158 -7.10 -11.73 27.95
C TYR D 158 -5.72 -11.87 27.30
N ALA D 159 -5.25 -10.83 26.59
CA ALA D 159 -3.96 -10.93 25.93
C ALA D 159 -2.85 -11.19 26.94
N ASP D 160 -2.91 -10.51 28.10
CA ASP D 160 -1.93 -10.73 29.14
C ASP D 160 -1.96 -12.17 29.64
N ALA D 161 -3.15 -12.74 29.84
CA ALA D 161 -3.17 -14.11 30.35
C ALA D 161 -2.77 -15.12 29.29
N VAL D 162 -3.09 -14.85 28.03
CA VAL D 162 -2.92 -15.90 27.04
C VAL D 162 -1.49 -15.94 26.49
N ARG D 163 -0.79 -14.82 26.58
CA ARG D 163 0.59 -14.77 26.07
C ARG D 163 1.48 -15.82 26.73
N PRO D 164 1.58 -15.93 28.07
CA PRO D 164 2.44 -17.00 28.63
C PRO D 164 2.07 -18.38 28.14
N ILE D 165 0.78 -18.67 28.00
CA ILE D 165 0.34 -19.99 27.53
C ILE D 165 0.82 -20.23 26.09
N LEU D 166 0.63 -19.25 25.21
CA LEU D 166 1.03 -19.44 23.81
C LEU D 166 2.54 -19.50 23.67
N GLN D 167 3.26 -18.73 24.49
CA GLN D 167 4.71 -18.77 24.42
C GLN D 167 5.28 -20.08 24.97
N THR D 168 4.61 -20.67 25.96
CA THR D 168 5.18 -21.80 26.69
C THR D 168 4.62 -23.14 26.25
N ILE D 169 3.30 -23.26 26.16
CA ILE D 169 2.71 -24.52 25.76
C ILE D 169 2.64 -24.64 24.23
N GLY D 170 2.25 -23.57 23.54
CA GLY D 170 2.27 -23.56 22.09
C GLY D 170 1.14 -24.36 21.47
N VAL D 171 1.06 -24.31 20.13
CA VAL D 171 -0.04 -24.93 19.38
C VAL D 171 0.43 -26.27 18.84
N TYR D 172 -0.50 -27.21 18.73
CA TYR D 172 -0.14 -28.48 18.12
C TYR D 172 -0.03 -28.30 16.60
N LYS D 173 0.43 -29.35 15.92
CA LYS D 173 0.82 -29.19 14.52
C LYS D 173 -0.40 -28.82 13.69
N GLU D 174 -0.24 -27.78 12.86
CA GLU D 174 -1.30 -27.22 12.02
C GLU D 174 -2.46 -26.67 12.83
N GLY D 175 -2.33 -26.59 14.16
CA GLY D 175 -3.38 -26.01 14.97
C GLY D 175 -3.33 -24.49 14.98
N ILE D 176 -4.44 -23.89 15.44
CA ILE D 176 -4.48 -22.44 15.59
C ILE D 176 -5.14 -22.12 16.92
N PRO D 177 -4.58 -21.24 17.75
CA PRO D 177 -5.21 -20.89 19.04
C PRO D 177 -6.50 -20.10 18.79
N ALA D 178 -7.60 -20.59 19.34
CA ALA D 178 -8.89 -19.98 19.08
C ALA D 178 -9.81 -20.21 20.28
N GLY D 179 -10.45 -19.14 20.74
CA GLY D 179 -11.45 -19.26 21.79
C GLY D 179 -12.77 -19.80 21.28
N LEU D 180 -13.39 -20.63 22.10
CA LEU D 180 -14.63 -21.30 21.73
C LEU D 180 -15.61 -21.17 22.89
N ASN D 181 -16.86 -20.84 22.57
CA ASN D 181 -17.91 -20.72 23.57
C ASN D 181 -19.07 -21.64 23.23
N PHE D 182 -19.75 -22.12 24.27
CA PHE D 182 -20.96 -22.92 24.14
C PHE D 182 -22.14 -22.02 24.47
N VAL D 183 -23.16 -22.04 23.63
CA VAL D 183 -24.45 -21.46 23.95
C VAL D 183 -25.41 -22.61 24.21
N LEU D 184 -25.92 -22.71 25.43
CA LEU D 184 -26.74 -23.86 25.81
C LEU D 184 -28.20 -23.49 25.63
N LEU D 185 -28.79 -23.97 24.55
CA LEU D 185 -30.21 -23.81 24.32
C LEU D 185 -30.87 -25.10 24.77
N GLU D 186 -32.18 -25.12 24.74
CA GLU D 186 -32.86 -26.22 25.40
C GLU D 186 -32.82 -27.55 24.63
N ASP D 187 -33.03 -27.59 23.29
CA ASP D 187 -32.83 -28.88 22.64
C ASP D 187 -31.37 -29.12 22.33
N LYS D 188 -30.53 -28.09 22.44
CA LYS D 188 -29.33 -28.07 21.64
C LYS D 188 -28.34 -27.08 22.21
N PHE D 189 -27.07 -27.31 21.89
CA PHE D 189 -26.07 -26.29 22.11
C PHE D 189 -25.48 -25.86 20.78
N LEU D 190 -25.07 -24.59 20.75
CA LEU D 190 -24.24 -24.01 19.70
C LEU D 190 -22.82 -23.77 20.17
N VAL D 191 -21.90 -23.84 19.23
CA VAL D 191 -20.50 -23.55 19.45
C VAL D 191 -20.12 -22.33 18.61
N LEU D 192 -19.51 -21.32 19.26
CA LEU D 192 -19.05 -20.09 18.61
C LEU D 192 -17.53 -20.01 18.65
N ALA D 193 -16.91 -19.60 17.54
CA ALA D 193 -15.46 -19.46 17.46
C ALA D 193 -15.12 -18.65 16.22
N ASP D 194 -13.97 -17.94 16.25
CA ASP D 194 -13.01 -17.79 17.34
C ASP D 194 -13.37 -16.54 18.12
N THR D 195 -13.72 -16.67 19.38
CA THR D 195 -14.23 -15.54 20.15
C THR D 195 -13.13 -14.72 20.88
N THR D 196 -11.83 -15.06 20.76
CA THR D 196 -10.84 -14.38 21.61
C THR D 196 -9.49 -14.07 20.96
N VAL D 197 -8.97 -14.90 20.05
CA VAL D 197 -7.58 -14.78 19.64
C VAL D 197 -7.38 -13.99 18.35
N ASN D 198 -7.88 -14.50 17.22
CA ASN D 198 -7.49 -13.98 15.91
C ASN D 198 -8.36 -12.79 15.52
N LEU D 199 -7.70 -11.65 15.28
CA LEU D 199 -8.41 -10.43 14.85
C LEU D 199 -9.17 -10.66 13.56
N ASN D 200 -8.56 -11.33 12.59
CA ASN D 200 -9.08 -11.37 11.24
C ASN D 200 -8.58 -12.62 10.52
N PRO D 201 -9.06 -13.79 10.87
CA PRO D 201 -8.49 -15.02 10.29
C PRO D 201 -8.70 -15.11 8.78
N THR D 202 -7.72 -15.72 8.12
CA THR D 202 -7.85 -16.01 6.69
C THR D 202 -8.88 -17.10 6.49
N ALA D 203 -9.17 -17.41 5.22
CA ALA D 203 -10.01 -18.57 4.93
C ALA D 203 -9.40 -19.85 5.49
N GLU D 204 -8.09 -20.03 5.34
CA GLU D 204 -7.40 -21.22 5.82
C GLU D 204 -7.48 -21.32 7.34
N GLN D 205 -7.33 -20.18 8.03
CA GLN D 205 -7.46 -20.17 9.48
C GLN D 205 -8.89 -20.46 9.89
N CYS D 206 -9.85 -19.90 9.14
CA CYS D 206 -11.24 -20.12 9.48
C CYS D 206 -11.62 -21.58 9.28
N ALA D 207 -11.02 -22.24 8.29
CA ALA D 207 -11.28 -23.67 8.11
C ALA D 207 -10.71 -24.46 9.27
N GLN D 208 -9.49 -24.12 9.70
CA GLN D 208 -8.90 -24.83 10.82
C GLN D 208 -9.68 -24.57 12.10
N ILE D 209 -10.18 -23.33 12.29
CA ILE D 209 -11.01 -23.07 13.45
C ILE D 209 -12.25 -23.95 13.42
N ALA D 210 -12.86 -24.12 12.24
CA ALA D 210 -14.02 -24.98 12.15
C ALA D 210 -13.65 -26.41 12.50
N LEU D 211 -12.52 -26.90 11.98
CA LEU D 211 -12.11 -28.27 12.26
C LEU D 211 -11.90 -28.49 13.76
N GLN D 212 -11.30 -27.51 14.44
CA GLN D 212 -11.09 -27.63 15.87
C GLN D 212 -12.42 -27.67 16.62
N ALA D 213 -13.35 -26.76 16.29
CA ALA D 213 -14.66 -26.76 16.95
C ALA D 213 -15.44 -28.03 16.67
N ALA D 214 -15.29 -28.62 15.48
CA ALA D 214 -16.07 -29.82 15.15
C ALA D 214 -15.64 -31.00 16.02
N LYS D 215 -14.34 -31.19 16.23
CA LYS D 215 -13.89 -32.33 17.03
C LYS D 215 -14.35 -32.19 18.48
N ILE D 216 -14.51 -30.95 18.97
CA ILE D 216 -15.05 -30.75 20.31
C ILE D 216 -16.53 -31.14 20.36
N VAL D 217 -17.31 -30.75 19.35
CA VAL D 217 -18.71 -31.16 19.33
C VAL D 217 -18.79 -32.68 19.25
N GLU D 218 -17.88 -33.29 18.49
CA GLU D 218 -17.92 -34.75 18.37
C GLU D 218 -17.61 -35.43 19.69
N TYR D 219 -16.75 -34.82 20.52
CA TYR D 219 -16.46 -35.38 21.83
C TYR D 219 -17.73 -35.58 22.65
N PHE D 220 -18.76 -34.77 22.39
CA PHE D 220 -20.02 -34.85 23.10
C PHE D 220 -21.08 -35.69 22.38
N GLY D 221 -20.70 -36.46 21.36
CA GLY D 221 -21.65 -37.32 20.67
C GLY D 221 -22.63 -36.60 19.76
N ILE D 222 -22.35 -35.36 19.37
CA ILE D 222 -23.23 -34.59 18.49
C ILE D 222 -22.56 -34.48 17.13
N GLU D 223 -23.37 -34.56 16.08
CA GLU D 223 -22.88 -34.34 14.72
C GLU D 223 -22.63 -32.85 14.53
N PRO D 224 -21.41 -32.44 14.19
CA PRO D 224 -21.16 -31.01 13.96
C PRO D 224 -21.65 -30.60 12.58
N ARG D 225 -22.38 -29.49 12.53
CA ARG D 225 -22.87 -28.91 11.28
C ARG D 225 -22.43 -27.46 11.28
N VAL D 226 -21.58 -27.10 10.30
CA VAL D 226 -20.73 -25.91 10.38
C VAL D 226 -21.21 -24.84 9.40
N ALA D 227 -21.40 -23.63 9.91
CA ALA D 227 -21.70 -22.47 9.09
C ALA D 227 -20.58 -21.45 9.20
N MET D 228 -20.07 -21.00 8.05
CA MET D 228 -19.08 -19.92 7.98
C MET D 228 -19.84 -18.59 7.85
N LEU D 229 -19.83 -17.79 8.91
CA LEU D 229 -20.77 -16.69 9.03
C LEU D 229 -20.29 -15.45 8.26
N SER D 230 -21.25 -14.69 7.77
CA SER D 230 -20.98 -13.44 7.11
C SER D 230 -22.20 -12.55 7.25
N TYR D 231 -22.11 -11.35 6.71
CA TYR D 231 -23.28 -10.50 6.59
C TYR D 231 -24.04 -10.77 5.29
N SER D 232 -23.56 -11.72 4.49
CA SER D 232 -24.09 -11.99 3.17
C SER D 232 -24.63 -13.43 3.09
N ASN D 233 -25.61 -13.62 2.23
CA ASN D 233 -26.16 -14.95 1.95
C ASN D 233 -25.69 -15.42 0.58
N PHE D 234 -24.67 -16.27 0.58
CA PHE D 234 -24.18 -16.94 -0.62
C PHE D 234 -23.93 -15.98 -1.79
N SER D 235 -23.30 -14.83 -1.50
CA SER D 235 -22.87 -13.92 -2.57
C SER D 235 -21.46 -14.21 -3.05
N GLY D 236 -20.54 -14.54 -2.15
CA GLY D 236 -19.16 -14.73 -2.53
C GLY D 236 -18.46 -13.46 -3.02
N ALA D 237 -19.06 -12.29 -2.80
CA ALA D 237 -18.43 -11.02 -3.16
C ALA D 237 -17.11 -10.83 -2.41
N GLU D 238 -16.30 -9.90 -2.91
CA GLU D 238 -14.96 -9.76 -2.37
C GLU D 238 -15.01 -9.27 -0.93
N GLY D 239 -13.97 -9.62 -0.19
CA GLY D 239 -14.00 -9.24 1.21
C GLY D 239 -14.51 -10.40 2.02
N THR D 240 -15.35 -10.11 3.01
CA THR D 240 -15.71 -11.20 3.91
C THR D 240 -16.56 -12.28 3.23
N PRO D 241 -17.52 -11.96 2.35
CA PRO D 241 -18.31 -13.03 1.70
C PRO D 241 -17.45 -14.06 0.96
N ARG D 242 -16.46 -13.60 0.18
CA ARG D 242 -15.54 -14.51 -0.49
C ARG D 242 -14.71 -15.33 0.51
N LYS D 243 -14.25 -14.70 1.61
CA LYS D 243 -13.44 -15.45 2.57
C LYS D 243 -14.20 -16.62 3.17
N MET D 244 -15.42 -16.36 3.62
CA MET D 244 -16.18 -17.40 4.29
C MET D 244 -16.69 -18.46 3.30
N LYS D 245 -16.97 -18.08 2.06
CA LYS D 245 -17.26 -19.08 1.05
C LYS D 245 -16.06 -19.98 0.81
N LYS D 246 -14.87 -19.40 0.69
CA LYS D 246 -13.71 -20.27 0.51
C LYS D 246 -13.36 -21.02 1.80
N ALA D 247 -13.59 -20.43 2.98
CA ALA D 247 -13.34 -21.18 4.21
C ALA D 247 -14.16 -22.47 4.21
N ALA D 248 -15.43 -22.37 3.84
CA ALA D 248 -16.29 -23.56 3.75
C ALA D 248 -15.71 -24.59 2.77
N GLU D 249 -15.23 -24.13 1.61
CA GLU D 249 -14.68 -25.05 0.62
C GLU D 249 -13.45 -25.78 1.15
N ILE D 250 -12.54 -25.05 1.79
CA ILE D 250 -11.34 -25.66 2.35
C ILE D 250 -11.72 -26.69 3.40
N ALA D 251 -12.60 -26.31 4.34
CA ALA D 251 -12.99 -27.21 5.42
C ALA D 251 -13.65 -28.47 4.87
N ARG D 252 -14.51 -28.33 3.86
CA ARG D 252 -15.17 -29.50 3.28
C ARG D 252 -14.14 -30.47 2.72
N SER D 253 -13.11 -29.93 2.06
CA SER D 253 -12.02 -30.76 1.57
C SER D 253 -11.37 -31.55 2.70
N LEU D 254 -11.19 -30.93 3.86
CA LEU D 254 -10.46 -31.57 4.96
C LEU D 254 -11.33 -32.53 5.79
N ARG D 255 -12.64 -32.31 5.85
CA ARG D 255 -13.57 -33.23 6.51
C ARG D 255 -14.71 -33.51 5.55
N PRO D 256 -14.50 -34.37 4.54
CA PRO D 256 -15.58 -34.64 3.56
C PRO D 256 -16.83 -35.25 4.18
N ASP D 257 -16.81 -35.62 5.47
CA ASP D 257 -17.95 -36.28 6.10
C ASP D 257 -18.95 -35.31 6.74
N LEU D 258 -18.59 -34.05 6.89
CA LEU D 258 -19.39 -33.05 7.60
C LEU D 258 -20.15 -32.15 6.63
N MET D 259 -21.31 -31.69 7.07
CA MET D 259 -22.00 -30.57 6.44
C MET D 259 -21.30 -29.29 6.89
N ILE D 260 -20.68 -28.58 5.94
CA ILE D 260 -19.99 -27.31 6.19
C ILE D 260 -20.35 -26.34 5.07
N GLU D 261 -20.83 -25.15 5.43
CA GLU D 261 -21.40 -24.31 4.40
C GLU D 261 -21.17 -22.82 4.70
N GLY D 262 -21.22 -22.02 3.65
CA GLY D 262 -21.05 -20.58 3.72
C GLY D 262 -20.64 -20.04 2.37
N ASP D 263 -20.65 -18.71 2.25
CA ASP D 263 -21.03 -17.71 3.25
C ASP D 263 -22.52 -17.63 3.50
N MET D 264 -22.92 -17.38 4.76
CA MET D 264 -24.34 -17.19 5.06
C MET D 264 -24.50 -16.26 6.26
N GLN D 265 -25.67 -15.65 6.34
CA GLN D 265 -26.01 -14.87 7.52
C GLN D 265 -26.29 -15.79 8.71
N ALA D 266 -26.25 -15.19 9.91
CA ALA D 266 -26.32 -15.94 11.16
C ALA D 266 -27.70 -16.56 11.34
N ASP D 267 -28.76 -15.86 10.96
CA ASP D 267 -30.08 -16.46 11.08
C ASP D 267 -30.31 -17.53 10.02
N THR D 268 -29.85 -17.30 8.78
CA THR D 268 -29.82 -18.41 7.82
C THR D 268 -29.14 -19.64 8.44
N ALA D 269 -28.05 -19.41 9.18
CA ALA D 269 -27.22 -20.51 9.68
C ALA D 269 -27.95 -21.35 10.72
N VAL D 270 -28.61 -20.71 11.67
CA VAL D 270 -29.13 -21.45 12.81
C VAL D 270 -30.51 -22.03 12.52
N ASN D 271 -31.26 -21.38 11.65
CA ASN D 271 -32.65 -21.73 11.41
C ASN D 271 -32.79 -22.65 10.21
N PRO D 272 -33.09 -23.94 10.40
CA PRO D 272 -33.15 -24.84 9.24
C PRO D 272 -34.28 -24.51 8.29
N GLU D 273 -35.35 -23.88 8.76
CA GLU D 273 -36.47 -23.59 7.89
C GLU D 273 -36.16 -22.42 6.96
N ILE D 274 -35.39 -21.44 7.44
CA ILE D 274 -34.98 -20.32 6.58
C ILE D 274 -34.03 -20.80 5.49
N MET D 275 -33.04 -21.60 5.87
CA MET D 275 -32.14 -22.21 4.89
C MET D 275 -32.89 -23.01 3.83
N GLU D 276 -33.78 -23.92 4.24
CA GLU D 276 -34.48 -24.76 3.29
C GLU D 276 -35.36 -23.92 2.35
N ARG D 277 -36.00 -22.89 2.90
CA ARG D 277 -36.87 -22.05 2.10
C ARG D 277 -36.09 -21.22 1.10
N LEU D 278 -35.01 -20.57 1.54
CA LEU D 278 -34.35 -19.53 0.74
C LEU D 278 -33.11 -19.99 -0.03
N PHE D 279 -32.42 -21.04 0.41
CA PHE D 279 -31.18 -21.51 -0.23
C PHE D 279 -31.18 -23.03 -0.26
N PRO D 280 -32.14 -23.64 -0.97
CA PRO D 280 -32.30 -25.10 -0.89
C PRO D 280 -31.14 -25.87 -1.50
N PHE D 281 -30.30 -25.21 -2.29
CA PHE D 281 -29.12 -25.86 -2.83
C PHE D 281 -28.07 -26.13 -1.74
N SER D 282 -28.20 -25.46 -0.59
CA SER D 282 -27.18 -25.51 0.43
C SER D 282 -26.96 -26.93 0.96
N GLY D 283 -25.70 -27.25 1.28
CA GLY D 283 -25.34 -28.52 1.86
C GLY D 283 -25.59 -28.65 3.36
N LEU D 284 -26.15 -27.63 4.01
CA LEU D 284 -26.34 -27.62 5.45
C LEU D 284 -27.81 -27.85 5.76
N LYS D 285 -28.14 -29.04 6.23
CA LYS D 285 -29.51 -29.36 6.66
C LYS D 285 -29.58 -29.42 8.18
N GLY D 286 -30.75 -29.08 8.71
CA GLY D 286 -31.04 -29.21 10.13
C GLY D 286 -30.44 -28.13 11.01
N GLY D 287 -29.92 -27.04 10.44
CA GLY D 287 -29.35 -25.95 11.22
C GLY D 287 -27.93 -26.13 11.71
N ALA D 288 -27.15 -25.05 11.73
CA ALA D 288 -25.76 -25.14 12.19
C ALA D 288 -25.70 -25.15 13.72
N ASN D 289 -24.82 -26.00 14.26
CA ASN D 289 -24.47 -25.96 15.67
C ASN D 289 -23.02 -25.56 15.91
N VAL D 290 -22.28 -25.26 14.84
CA VAL D 290 -20.94 -24.69 14.91
C VAL D 290 -20.94 -23.42 14.09
N LEU D 291 -20.69 -22.29 14.73
CA LEU D 291 -20.74 -20.98 14.09
C LEU D 291 -19.33 -20.39 14.10
N VAL D 292 -18.69 -20.38 12.94
CA VAL D 292 -17.35 -19.84 12.76
C VAL D 292 -17.46 -18.42 12.25
N PHE D 293 -16.76 -17.51 12.89
CA PHE D 293 -16.95 -16.08 12.66
C PHE D 293 -15.88 -15.53 11.74
N PRO D 294 -16.17 -14.44 11.02
CA PRO D 294 -15.19 -13.90 10.07
C PRO D 294 -14.14 -12.98 10.71
N ASN D 295 -14.39 -12.46 11.90
CA ASN D 295 -13.43 -11.58 12.54
C ASN D 295 -13.74 -11.52 14.02
N LEU D 296 -12.82 -10.92 14.79
CA LEU D 296 -12.91 -10.97 16.24
C LEU D 296 -13.97 -10.00 16.77
N GLU D 297 -14.23 -8.90 16.06
CA GLU D 297 -15.32 -8.02 16.44
C GLU D 297 -16.64 -8.79 16.52
N SER D 298 -16.93 -9.61 15.51
CA SER D 298 -18.25 -10.22 15.45
C SER D 298 -18.38 -11.38 16.44
N SER D 299 -17.36 -12.22 16.53
CA SER D 299 -17.38 -13.31 17.49
C SER D 299 -17.44 -12.79 18.93
N ASN D 300 -16.55 -11.86 19.28
CA ASN D 300 -16.46 -11.41 20.67
C ASN D 300 -17.71 -10.64 21.08
N ILE D 301 -18.21 -9.75 20.21
CA ILE D 301 -19.43 -9.02 20.54
C ILE D 301 -20.64 -9.97 20.62
N ALA D 302 -20.68 -10.99 19.76
CA ALA D 302 -21.86 -11.87 19.71
C ALA D 302 -22.03 -12.67 21.00
N TYR D 303 -21.00 -13.43 21.38
CA TYR D 303 -21.14 -14.29 22.54
C TYR D 303 -21.40 -13.45 23.80
N LYS D 304 -20.86 -12.23 23.85
CA LYS D 304 -21.12 -11.39 25.01
C LYS D 304 -22.55 -10.85 25.02
N LEU D 305 -23.09 -10.48 23.85
CA LEU D 305 -24.48 -10.01 23.82
C LEU D 305 -25.45 -11.15 24.12
N ILE D 306 -25.22 -12.33 23.55
CA ILE D 306 -26.07 -13.48 23.85
C ILE D 306 -26.06 -13.78 25.34
N GLN D 307 -24.87 -13.75 25.96
CA GLN D 307 -24.75 -14.06 27.38
C GLN D 307 -25.50 -13.06 28.26
N GLN D 308 -25.47 -11.78 27.90
CA GLN D 308 -26.08 -10.74 28.74
C GLN D 308 -27.59 -10.62 28.52
N ILE D 309 -28.05 -10.58 27.27
CA ILE D 309 -29.43 -10.24 26.97
C ILE D 309 -30.23 -11.42 26.46
N GLY D 310 -29.59 -12.44 25.87
CA GLY D 310 -30.32 -13.67 25.63
C GLY D 310 -30.81 -14.27 26.93
N LYS D 311 -31.53 -15.38 26.84
CA LYS D 311 -31.94 -16.05 28.08
C LYS D 311 -31.40 -17.48 28.10
N ALA D 312 -30.14 -17.66 27.71
CA ALA D 312 -29.46 -18.96 27.67
C ALA D 312 -28.09 -18.88 28.32
N GLU D 313 -27.63 -20.03 28.83
CA GLU D 313 -26.31 -20.12 29.44
C GLU D 313 -25.22 -20.15 28.39
N VAL D 314 -24.17 -19.36 28.61
CA VAL D 314 -22.98 -19.34 27.78
C VAL D 314 -21.77 -19.68 28.64
N ILE D 315 -21.02 -20.69 28.23
CA ILE D 315 -19.86 -21.14 28.99
C ILE D 315 -18.61 -21.04 28.12
N GLY D 316 -17.49 -20.75 28.79
CA GLY D 316 -16.25 -20.48 28.12
C GLY D 316 -15.89 -19.01 28.30
N PRO D 317 -14.94 -18.51 27.49
CA PRO D 317 -14.31 -19.20 26.37
C PRO D 317 -13.25 -20.22 26.75
N PHE D 318 -13.14 -21.25 25.93
CA PHE D 318 -12.13 -22.28 26.08
C PHE D 318 -11.10 -22.16 24.96
N LEU D 319 -9.83 -22.26 25.34
CA LEU D 319 -8.72 -22.14 24.42
C LEU D 319 -8.52 -23.43 23.64
N THR D 320 -8.82 -23.42 22.34
CA THR D 320 -8.57 -24.58 21.49
C THR D 320 -7.27 -24.39 20.71
N GLY D 321 -6.78 -25.49 20.16
CA GLY D 321 -5.60 -25.48 19.32
C GLY D 321 -4.26 -25.61 20.02
N VAL D 322 -4.21 -25.69 21.36
CA VAL D 322 -2.95 -25.72 22.09
C VAL D 322 -2.65 -27.15 22.55
N ARG D 323 -1.35 -27.41 22.76
CA ARG D 323 -0.84 -28.77 22.98
C ARG D 323 -1.28 -29.35 24.33
N ARG D 324 -1.52 -28.50 25.33
CA ARG D 324 -1.91 -28.96 26.66
C ARG D 324 -3.06 -28.12 27.16
N SER D 325 -3.71 -28.59 28.23
CA SER D 325 -4.98 -27.99 28.64
C SER D 325 -4.72 -26.69 29.40
N ALA D 326 -5.21 -25.59 28.84
CA ALA D 326 -5.05 -24.28 29.46
C ALA D 326 -6.17 -23.38 28.95
N ASN D 327 -6.94 -22.80 29.84
CA ASN D 327 -8.02 -21.92 29.42
C ASN D 327 -7.99 -20.61 30.19
N VAL D 328 -8.28 -19.53 29.48
CA VAL D 328 -8.32 -18.19 30.05
C VAL D 328 -9.78 -17.79 30.20
N LEU D 329 -10.16 -17.49 31.44
CA LEU D 329 -11.46 -16.91 31.75
C LEU D 329 -11.55 -15.52 31.15
N GLN D 330 -12.75 -15.15 30.72
CA GLN D 330 -12.96 -13.76 30.35
C GLN D 330 -12.89 -12.91 31.61
N ARG D 331 -12.28 -11.73 31.47
CA ARG D 331 -12.10 -10.83 32.60
C ARG D 331 -13.42 -10.49 33.26
N THR D 332 -14.53 -10.54 32.50
CA THR D 332 -15.87 -10.23 33.01
C THR D 332 -16.59 -11.42 33.69
N THR D 333 -15.92 -12.56 33.87
CA THR D 333 -16.58 -13.78 34.36
C THR D 333 -17.22 -13.57 35.73
N THR D 334 -18.26 -14.37 36.02
CA THR D 334 -18.88 -14.52 37.32
C THR D 334 -18.32 -15.74 38.05
N VAL D 335 -18.75 -15.93 39.30
CA VAL D 335 -18.32 -17.12 40.05
C VAL D 335 -18.82 -18.40 39.35
N ASP D 336 -20.08 -18.42 38.87
CA ASP D 336 -20.53 -19.60 38.14
C ASP D 336 -19.70 -19.83 36.91
N GLY D 337 -19.42 -18.75 36.17
CA GLY D 337 -18.54 -18.87 35.01
C GLY D 337 -17.28 -19.67 35.29
N ILE D 338 -16.59 -19.32 36.37
CA ILE D 338 -15.34 -20.03 36.66
C ILE D 338 -15.63 -21.50 36.93
N VAL D 339 -16.69 -21.78 37.69
CA VAL D 339 -17.03 -23.18 37.98
C VAL D 339 -17.23 -23.96 36.69
N ASN D 340 -18.05 -23.41 35.78
CA ASN D 340 -18.28 -24.05 34.49
C ASN D 340 -16.97 -24.23 33.72
N SER D 341 -16.08 -23.22 33.75
CA SER D 341 -14.84 -23.34 33.00
C SER D 341 -13.89 -24.38 33.60
N VAL D 342 -13.85 -24.50 34.92
CA VAL D 342 -12.97 -25.51 35.52
C VAL D 342 -13.49 -26.92 35.19
N VAL D 343 -14.81 -27.10 35.20
CA VAL D 343 -15.38 -28.42 34.89
C VAL D 343 -14.92 -28.89 33.52
N PHE D 344 -15.06 -28.05 32.51
CA PHE D 344 -14.66 -28.45 31.16
C PHE D 344 -13.13 -28.46 31.00
N THR D 345 -12.42 -27.63 31.75
CA THR D 345 -10.96 -27.77 31.79
C THR D 345 -10.55 -29.12 32.33
N ALA D 346 -11.23 -29.61 33.37
CA ALA D 346 -10.90 -30.92 33.90
C ALA D 346 -11.16 -32.01 32.86
N LEU D 347 -12.27 -31.92 32.12
CA LEU D 347 -12.52 -32.89 31.06
C LEU D 347 -11.42 -32.85 30.01
N GLU D 348 -11.06 -31.64 29.58
CA GLU D 348 -9.98 -31.46 28.60
C GLU D 348 -8.67 -32.05 29.11
N ALA D 349 -8.34 -31.78 30.38
CA ALA D 349 -7.08 -32.29 30.93
C ALA D 349 -7.05 -33.82 30.91
N GLN D 350 -8.17 -34.46 31.29
CA GLN D 350 -8.25 -35.92 31.25
C GLN D 350 -8.14 -36.46 29.83
N TYR D 351 -8.77 -35.80 28.86
CA TYR D 351 -8.70 -36.27 27.47
C TYR D 351 -7.27 -36.23 26.96
N ILE D 352 -6.61 -35.07 27.11
CA ILE D 352 -5.23 -34.91 26.67
C ILE D 352 -4.32 -35.89 27.39
N LYS D 353 -4.56 -36.13 28.68
CA LYS D 353 -3.70 -37.04 29.43
C LYS D 353 -3.80 -38.47 28.90
N GLU D 354 -4.93 -38.85 28.27
CA GLU D 354 -5.03 -40.20 27.75
C GLU D 354 -4.35 -40.33 26.40
N VAL D 355 -4.47 -39.28 25.59
CA VAL D 355 -3.74 -39.20 24.32
C VAL D 355 -2.24 -39.32 24.55
N LEU D 356 -1.74 -38.67 25.60
CA LEU D 356 -0.30 -38.62 25.82
C LEU D 356 0.28 -39.98 26.23
N LYS D 357 -0.52 -40.86 26.83
CA LYS D 357 -0.03 -42.17 27.22
C LYS D 357 0.09 -43.11 26.02
N SER D 358 -0.84 -43.02 25.07
CA SER D 358 -0.76 -43.73 23.79
C SER D 358 0.65 -43.88 23.20
N VAL E 23 51.51 -2.71 7.32
CA VAL E 23 51.93 -4.12 7.34
C VAL E 23 50.97 -4.99 6.53
N PHE E 24 49.67 -4.84 6.78
CA PHE E 24 48.69 -5.59 5.99
C PHE E 24 48.85 -5.30 4.50
N ILE E 25 49.17 -4.04 4.17
CA ILE E 25 49.33 -3.62 2.78
C ILE E 25 50.63 -4.15 2.21
N ARG E 26 51.68 -4.19 3.01
CA ARG E 26 52.93 -4.75 2.54
C ARG E 26 52.76 -6.23 2.17
N SER E 27 51.99 -6.97 2.98
CA SER E 27 51.77 -8.37 2.68
C SER E 27 50.98 -8.56 1.39
N ALA E 28 50.04 -7.65 1.11
CA ALA E 28 49.33 -7.65 -0.16
C ALA E 28 50.29 -7.40 -1.33
N ILE E 29 51.16 -6.39 -1.18
CA ILE E 29 52.11 -6.09 -2.26
C ILE E 29 52.96 -7.31 -2.56
N ASN E 30 53.39 -8.04 -1.53
CA ASN E 30 54.21 -9.21 -1.77
C ASN E 30 53.41 -10.29 -2.48
N ARG E 31 52.12 -10.43 -2.15
CA ARG E 31 51.31 -11.41 -2.85
C ARG E 31 51.16 -11.05 -4.31
N VAL E 32 51.04 -9.76 -4.62
CA VAL E 32 51.00 -9.36 -6.01
C VAL E 32 52.27 -9.84 -6.71
N HIS E 33 53.43 -9.65 -6.06
CA HIS E 33 54.68 -10.13 -6.67
C HIS E 33 54.71 -11.66 -6.73
N GLN E 34 54.21 -12.33 -5.69
CA GLN E 34 54.14 -13.78 -5.67
C GLN E 34 53.25 -14.31 -6.80
N ASN E 35 52.04 -13.72 -6.95
CA ASN E 35 51.18 -14.05 -8.09
C ASN E 35 51.87 -13.70 -9.40
N SER E 36 52.61 -12.56 -9.43
CA SER E 36 53.23 -12.08 -10.66
C SER E 36 54.29 -13.01 -11.14
N ALA E 37 55.13 -13.45 -10.25
CA ALA E 37 56.03 -14.55 -10.52
C ALA E 37 55.13 -15.75 -10.61
N ALA E 38 55.56 -16.73 -11.40
CA ALA E 38 54.77 -17.93 -11.63
C ALA E 38 53.69 -17.61 -12.66
N ASN E 39 53.73 -16.40 -13.21
CA ASN E 39 52.91 -16.00 -14.36
C ASN E 39 53.76 -15.19 -15.32
N GLY E 40 54.99 -15.66 -15.55
CA GLY E 40 55.92 -15.06 -16.49
C GLY E 40 56.33 -13.65 -16.16
N GLY E 41 56.13 -13.21 -14.91
CA GLY E 41 56.49 -11.87 -14.49
C GLY E 41 55.54 -10.80 -14.97
N GLU E 42 54.41 -11.18 -15.56
CA GLU E 42 53.43 -10.22 -16.05
C GLU E 42 52.72 -9.53 -14.89
N LEU E 43 52.44 -8.26 -15.06
CA LEU E 43 51.66 -7.52 -14.10
C LEU E 43 50.26 -7.29 -14.67
N PRO E 44 49.22 -7.29 -13.83
CA PRO E 44 47.87 -7.01 -14.35
C PRO E 44 47.82 -5.61 -14.94
N ARG E 45 47.02 -5.46 -15.99
CA ARG E 45 46.82 -4.15 -16.61
C ARG E 45 45.60 -3.49 -16.00
N ILE E 46 45.80 -2.32 -15.39
CA ILE E 46 44.73 -1.60 -14.71
C ILE E 46 44.51 -0.29 -15.45
N VAL E 47 43.31 -0.11 -15.98
CA VAL E 47 42.96 1.09 -16.71
C VAL E 47 42.32 2.08 -15.75
N PHE E 48 42.70 3.35 -15.89
CA PHE E 48 42.21 4.44 -15.07
C PHE E 48 41.43 5.44 -15.93
N PRO E 49 40.11 5.50 -15.83
CA PRO E 49 39.38 6.48 -16.64
C PRO E 49 39.86 7.91 -16.43
N GLU E 50 40.30 8.25 -15.23
CA GLU E 50 40.60 9.64 -14.90
C GLU E 50 42.09 9.95 -15.13
N GLY E 51 42.46 9.94 -16.41
CA GLY E 51 43.86 10.06 -16.81
C GLY E 51 44.57 11.35 -16.40
N THR E 52 43.83 12.43 -16.15
CA THR E 52 44.43 13.70 -15.73
C THR E 52 44.22 14.01 -14.25
N SER E 53 43.64 13.08 -13.48
CA SER E 53 43.35 13.30 -12.06
C SER E 53 44.63 13.36 -11.25
N THR E 54 44.83 14.47 -10.54
CA THR E 54 46.08 14.67 -9.79
C THR E 54 46.28 13.55 -8.77
N LYS E 55 45.24 13.22 -8.00
CA LYS E 55 45.42 12.19 -6.98
C LYS E 55 45.72 10.83 -7.61
N VAL E 56 45.10 10.51 -8.75
CA VAL E 56 45.38 9.22 -9.40
C VAL E 56 46.85 9.16 -9.85
N LEU E 57 47.33 10.22 -10.49
CA LEU E 57 48.71 10.22 -11.00
C LEU E 57 49.73 10.19 -9.87
N LYS E 58 49.47 10.92 -8.79
CA LYS E 58 50.38 10.86 -7.64
C LYS E 58 50.44 9.45 -7.08
N ALA E 59 49.28 8.79 -6.95
CA ALA E 59 49.28 7.41 -6.46
C ALA E 59 50.07 6.50 -7.39
N LEU E 60 49.92 6.67 -8.70
CA LEU E 60 50.61 5.79 -9.65
C LEU E 60 52.13 5.94 -9.57
N ALA E 61 52.62 7.14 -9.24
CA ALA E 61 54.06 7.31 -8.99
C ALA E 61 54.54 6.34 -7.93
N THR E 62 53.82 6.23 -6.82
CA THR E 62 54.20 5.27 -5.78
C THR E 62 54.01 3.82 -6.25
N LEU E 63 52.96 3.55 -7.01
CA LEU E 63 52.68 2.16 -7.38
C LEU E 63 53.58 1.66 -8.49
N VAL E 64 54.15 2.54 -9.31
CA VAL E 64 55.05 2.08 -10.37
C VAL E 64 56.37 1.61 -9.77
N GLU E 65 56.84 2.30 -8.73
CA GLU E 65 58.02 1.86 -8.01
C GLU E 65 57.81 0.49 -7.37
N GLU E 66 56.57 0.12 -7.08
CA GLU E 66 56.32 -1.14 -6.39
C GLU E 66 56.00 -2.28 -7.35
N LYS E 67 55.92 -2.00 -8.66
CA LYS E 67 55.66 -3.03 -9.66
C LYS E 67 54.37 -3.78 -9.32
N ILE E 68 53.32 -3.01 -9.07
CA ILE E 68 52.00 -3.54 -8.71
C ILE E 68 51.18 -3.85 -9.93
N CYS E 69 51.25 -3.00 -10.96
CA CYS E 69 50.37 -3.08 -12.12
C CYS E 69 51.03 -2.36 -13.29
N GLN E 70 50.54 -2.65 -14.50
CA GLN E 70 50.83 -1.85 -15.67
C GLN E 70 49.65 -0.91 -15.91
N PRO E 71 49.78 0.38 -15.59
CA PRO E 71 48.65 1.30 -15.72
C PRO E 71 48.36 1.67 -17.16
N ILE E 72 47.08 1.86 -17.45
CA ILE E 72 46.61 2.41 -18.72
C ILE E 72 45.76 3.64 -18.39
N LEU E 73 46.21 4.80 -18.83
CA LEU E 73 45.50 6.05 -18.57
C LEU E 73 44.59 6.38 -19.74
N LEU E 74 43.38 6.85 -19.43
CA LEU E 74 42.44 7.28 -20.47
C LEU E 74 42.32 8.80 -20.52
N GLY E 75 42.40 9.34 -21.73
CA GLY E 75 42.26 10.76 -21.96
C GLY E 75 42.95 11.13 -23.27
N TYR E 76 42.85 12.41 -23.61
CA TYR E 76 43.63 12.99 -24.72
C TYR E 76 45.11 12.94 -24.37
N PRO E 77 45.93 12.14 -25.10
CA PRO E 77 47.34 11.92 -24.71
C PRO E 77 48.12 13.19 -24.35
N GLU E 78 47.99 14.24 -25.18
CA GLU E 78 48.60 15.55 -24.85
C GLU E 78 48.04 16.22 -23.62
N ARG E 79 46.79 16.05 -23.31
CA ARG E 79 46.37 16.68 -22.07
C ARG E 79 46.90 15.88 -20.86
N VAL E 80 47.06 14.56 -21.04
CA VAL E 80 47.57 13.70 -19.96
C VAL E 80 49.06 13.95 -19.77
N LYS E 81 49.82 14.00 -20.86
CA LYS E 81 51.25 14.26 -20.77
C LYS E 81 51.52 15.64 -20.18
N GLU E 82 50.64 16.61 -20.44
CA GLU E 82 50.86 17.95 -19.91
C GLU E 82 50.54 18.01 -18.41
N LYS E 83 49.58 17.20 -17.95
CA LYS E 83 49.32 17.10 -16.53
C LYS E 83 50.48 16.40 -15.82
N ILE E 84 51.00 15.34 -16.44
CA ILE E 84 52.15 14.63 -15.87
C ILE E 84 53.36 15.56 -15.80
N LYS E 85 53.59 16.35 -16.84
CA LYS E 85 54.76 17.22 -16.81
C LYS E 85 54.59 18.37 -15.81
N ALA E 86 53.37 18.90 -15.70
CA ALA E 86 53.08 19.92 -14.71
C ALA E 86 53.38 19.45 -13.28
N LEU E 87 52.93 18.24 -12.94
CA LEU E 87 53.14 17.73 -11.60
C LEU E 87 54.55 17.22 -11.37
N ASP E 88 55.36 17.09 -12.43
CA ASP E 88 56.74 16.64 -12.31
C ASP E 88 56.79 15.25 -11.68
N ILE E 89 56.23 14.29 -12.42
CA ILE E 89 56.26 12.89 -12.03
C ILE E 89 56.99 12.13 -13.13
N PRO E 90 58.32 12.12 -13.12
CA PRO E 90 59.06 11.51 -14.25
C PRO E 90 58.79 10.03 -14.44
N LEU E 91 58.26 9.33 -13.42
CA LEU E 91 58.10 7.89 -13.52
C LEU E 91 56.91 7.49 -14.38
N LEU E 92 56.07 8.43 -14.79
CA LEU E 92 54.90 8.11 -15.59
C LEU E 92 55.06 8.46 -17.06
N ASN E 93 56.24 8.89 -17.51
CA ASN E 93 56.32 9.36 -18.88
C ASN E 93 56.21 8.24 -19.90
N ASP E 94 56.25 6.98 -19.47
CA ASP E 94 56.31 5.87 -20.42
C ASP E 94 54.94 5.22 -20.51
N VAL E 95 54.10 5.44 -19.48
CA VAL E 95 52.87 4.69 -19.26
C VAL E 95 51.89 4.83 -20.42
N SER E 96 51.13 3.77 -20.63
CA SER E 96 50.21 3.72 -21.76
C SER E 96 49.12 4.77 -21.60
N ILE E 97 48.84 5.50 -22.67
CA ILE E 97 47.75 6.47 -22.70
C ILE E 97 46.88 6.15 -23.90
N VAL E 98 45.56 6.03 -23.67
CA VAL E 98 44.58 5.68 -24.69
C VAL E 98 43.47 6.71 -24.66
N HIS E 99 43.13 7.26 -25.84
CA HIS E 99 41.96 8.12 -26.00
C HIS E 99 40.81 7.30 -26.57
N PRO E 100 39.69 7.11 -25.85
CA PRO E 100 38.63 6.18 -26.31
C PRO E 100 38.20 6.32 -27.77
N SER E 101 37.80 7.51 -28.22
CA SER E 101 37.33 7.69 -29.60
C SER E 101 38.35 7.22 -30.63
N SER E 102 39.64 7.35 -30.32
CA SER E 102 40.71 7.02 -31.27
C SER E 102 41.16 5.56 -31.22
N HIS E 103 40.80 4.82 -30.20
CA HIS E 103 41.30 3.47 -30.07
C HIS E 103 40.72 2.60 -31.19
N PRO E 104 41.51 1.66 -31.75
CA PRO E 104 40.99 0.85 -32.88
C PRO E 104 39.70 0.11 -32.58
N LYS E 105 39.52 -0.39 -31.37
CA LYS E 105 38.34 -1.19 -31.07
C LYS E 105 37.13 -0.35 -30.71
N TYR E 106 37.24 0.97 -30.80
CA TYR E 106 36.16 1.86 -30.36
C TYR E 106 34.84 1.51 -31.05
N PHE E 107 34.87 1.29 -32.36
CA PHE E 107 33.62 1.01 -33.06
C PHE E 107 33.07 -0.34 -32.63
N SER E 108 33.95 -1.33 -32.47
CA SER E 108 33.55 -2.64 -32.00
C SER E 108 32.97 -2.58 -30.58
N PHE E 109 33.55 -1.73 -29.74
CA PHE E 109 33.07 -1.54 -28.37
C PHE E 109 31.72 -0.85 -28.36
N VAL E 110 31.53 0.16 -29.21
CA VAL E 110 30.22 0.82 -29.32
C VAL E 110 29.13 -0.21 -29.62
N GLU E 111 29.40 -1.11 -30.57
CA GLU E 111 28.39 -2.08 -30.97
C GLU E 111 28.07 -3.09 -29.87
N LYS E 112 29.03 -3.43 -29.01
CA LYS E 112 28.68 -4.37 -27.95
C LYS E 112 27.89 -3.67 -26.87
N LEU E 113 28.20 -2.40 -26.58
CA LEU E 113 27.38 -1.66 -25.63
C LEU E 113 25.98 -1.45 -26.19
N TYR E 114 25.88 -1.08 -27.47
CA TYR E 114 24.58 -0.92 -28.09
C TYR E 114 23.75 -2.20 -27.97
N SER E 115 24.36 -3.34 -28.30
CA SER E 115 23.67 -4.62 -28.19
C SER E 115 23.29 -4.96 -26.75
N LEU E 116 24.10 -4.54 -25.77
CA LEU E 116 23.76 -4.82 -24.37
C LEU E 116 22.59 -3.97 -23.89
N ARG E 117 22.44 -2.75 -24.40
CA ARG E 117 21.53 -1.78 -23.83
C ARG E 117 20.44 -1.34 -24.79
N GLN E 118 20.36 -1.92 -25.99
CA GLN E 118 19.43 -1.42 -27.00
C GLN E 118 17.97 -1.62 -26.60
N ARG E 119 17.69 -2.53 -25.67
CA ARG E 119 16.36 -2.69 -25.12
C ARG E 119 16.23 -2.06 -23.75
N LYS E 120 17.19 -1.22 -23.37
CA LYS E 120 17.14 -0.48 -22.11
C LYS E 120 17.29 1.03 -22.36
N GLY E 121 16.80 1.47 -23.51
CA GLY E 121 16.61 2.88 -23.79
C GLY E 121 17.81 3.60 -24.38
N ILE E 122 18.70 2.89 -25.05
CA ILE E 122 19.97 3.42 -25.51
C ILE E 122 20.04 3.22 -27.02
N ASN E 123 19.96 4.30 -27.79
CA ASN E 123 20.09 4.19 -29.24
C ASN E 123 21.59 4.21 -29.63
N LEU E 124 21.84 4.04 -30.94
CA LEU E 124 23.22 3.90 -31.40
C LEU E 124 24.02 5.16 -31.13
N GLY E 125 23.46 6.33 -31.41
CA GLY E 125 24.19 7.56 -31.18
C GLY E 125 24.54 7.74 -29.72
N ARG E 126 23.68 7.26 -28.84
CA ARG E 126 23.96 7.31 -27.41
C ARG E 126 25.00 6.28 -27.00
N ALA E 127 24.99 5.11 -27.64
CA ALA E 127 26.04 4.13 -27.38
C ALA E 127 27.40 4.70 -27.75
N GLU E 128 27.47 5.45 -28.86
CA GLU E 128 28.70 6.12 -29.26
C GLU E 128 29.16 7.14 -28.22
N ARG E 129 28.23 7.96 -27.70
CA ARG E 129 28.63 9.00 -26.76
C ARG E 129 28.95 8.41 -25.39
N LEU E 130 28.32 7.30 -25.02
CA LEU E 130 28.68 6.64 -23.78
C LEU E 130 30.07 6.03 -23.87
N MET E 131 30.36 5.32 -24.97
CA MET E 131 31.64 4.65 -25.10
C MET E 131 32.79 5.63 -25.22
N ALA E 132 32.54 6.88 -25.66
CA ALA E 132 33.60 7.89 -25.65
C ALA E 132 33.87 8.41 -24.25
N ASP E 133 33.01 8.14 -23.30
CA ASP E 133 33.30 8.45 -21.90
C ASP E 133 34.26 7.43 -21.34
N PRO E 134 35.39 7.85 -20.77
CA PRO E 134 36.40 6.90 -20.26
C PRO E 134 35.84 5.85 -19.30
N ASN E 135 34.83 6.19 -18.50
CA ASN E 135 34.28 5.21 -17.58
C ASN E 135 33.67 4.02 -18.33
N TYR E 136 32.90 4.28 -19.37
CA TYR E 136 32.36 3.20 -20.19
C TYR E 136 33.45 2.50 -21.00
N PHE E 137 34.41 3.26 -21.54
CA PHE E 137 35.45 2.62 -22.31
C PHE E 137 36.32 1.70 -21.44
N ALA E 138 36.70 2.17 -20.24
CA ALA E 138 37.46 1.33 -19.31
C ALA E 138 36.70 0.05 -18.98
N ALA E 139 35.41 0.15 -18.61
CA ALA E 139 34.64 -1.05 -18.29
C ALA E 139 34.61 -2.03 -19.45
N MET E 140 34.43 -1.52 -20.68
CA MET E 140 34.42 -2.42 -21.82
C MET E 140 35.79 -3.02 -22.07
N MET E 141 36.87 -2.25 -21.85
CA MET E 141 38.21 -2.81 -21.95
C MET E 141 38.35 -4.01 -21.04
N VAL E 142 37.90 -3.85 -19.79
CA VAL E 142 37.98 -4.94 -18.82
C VAL E 142 37.07 -6.09 -19.25
N ASN E 143 35.87 -5.77 -19.70
CA ASN E 143 34.95 -6.80 -20.16
C ASN E 143 35.54 -7.64 -21.30
N GLN E 144 36.28 -7.00 -22.20
CA GLN E 144 36.79 -7.70 -23.37
C GLN E 144 38.21 -8.23 -23.19
N GLY E 145 38.75 -8.19 -21.97
CA GLY E 145 40.07 -8.70 -21.75
C GLY E 145 41.20 -7.83 -22.26
N GLU E 146 40.90 -6.61 -22.71
CA GLU E 146 41.94 -5.64 -23.08
C GLU E 146 42.58 -4.99 -21.87
N ALA E 147 41.98 -5.17 -20.69
CA ALA E 147 42.58 -4.79 -19.42
C ALA E 147 42.19 -5.83 -18.38
N ASP E 148 42.93 -5.87 -17.29
CA ASP E 148 42.67 -6.89 -16.28
C ASP E 148 41.80 -6.37 -15.14
N GLY E 149 41.71 -5.06 -14.99
CA GLY E 149 40.89 -4.40 -13.98
C GLY E 149 40.90 -2.91 -14.23
N MET E 150 40.07 -2.20 -13.46
CA MET E 150 39.98 -0.74 -13.57
C MET E 150 39.73 -0.15 -12.19
N VAL E 151 40.16 1.10 -12.02
CA VAL E 151 39.95 1.91 -10.82
C VAL E 151 39.45 3.28 -11.26
N SER E 152 38.29 3.69 -10.74
CA SER E 152 37.65 4.93 -11.16
C SER E 152 37.05 5.61 -9.95
N GLY E 153 36.52 6.82 -10.18
CA GLY E 153 35.65 7.48 -9.23
C GLY E 153 36.33 8.49 -8.32
N SER E 154 37.59 8.86 -8.57
CA SER E 154 38.17 9.90 -7.73
C SER E 154 37.52 11.26 -7.99
N SER E 155 36.97 11.48 -9.19
CA SER E 155 36.44 12.78 -9.56
C SER E 155 34.92 12.84 -9.71
N ILE E 156 34.22 11.71 -9.57
CA ILE E 156 32.77 11.69 -9.78
C ILE E 156 32.12 10.91 -8.64
N ASN E 157 30.82 11.14 -8.45
CA ASN E 157 30.11 10.48 -7.38
C ASN E 157 29.98 8.99 -7.69
N TYR E 158 29.71 8.20 -6.65
CA TYR E 158 29.85 6.75 -6.76
C TYR E 158 28.88 6.16 -7.78
N ALA E 159 27.63 6.64 -7.80
CA ALA E 159 26.66 6.09 -8.72
C ALA E 159 27.11 6.30 -10.16
N ASP E 160 27.61 7.50 -10.49
CA ASP E 160 28.10 7.76 -11.83
C ASP E 160 29.25 6.83 -12.17
N ALA E 161 30.12 6.55 -11.19
CA ALA E 161 31.22 5.66 -11.52
C ALA E 161 30.76 4.22 -11.62
N VAL E 162 29.82 3.78 -10.78
CA VAL E 162 29.55 2.35 -10.76
C VAL E 162 28.55 1.93 -11.83
N ARG E 163 27.73 2.87 -12.33
CA ARG E 163 26.74 2.55 -13.35
C ARG E 163 27.34 1.92 -14.61
N PRO E 164 28.34 2.52 -15.29
CA PRO E 164 28.94 1.84 -16.45
C PRO E 164 29.52 0.47 -16.10
N ILE E 165 30.09 0.31 -14.90
CA ILE E 165 30.63 -0.97 -14.48
C ILE E 165 29.53 -2.03 -14.42
N LEU E 166 28.40 -1.68 -13.80
CA LEU E 166 27.30 -2.64 -13.65
C LEU E 166 26.59 -2.90 -14.98
N GLN E 167 26.50 -1.87 -15.84
CA GLN E 167 25.85 -2.06 -17.14
C GLN E 167 26.68 -2.94 -18.06
N THR E 168 27.99 -2.90 -17.94
CA THR E 168 28.89 -3.52 -18.91
C THR E 168 29.42 -4.86 -18.44
N ILE E 169 29.97 -4.90 -17.23
CA ILE E 169 30.58 -6.10 -16.69
C ILE E 169 29.56 -7.00 -15.98
N GLY E 170 28.66 -6.42 -15.16
CA GLY E 170 27.59 -7.18 -14.54
C GLY E 170 28.05 -8.05 -13.38
N VAL E 171 27.08 -8.76 -12.78
CA VAL E 171 27.33 -9.58 -11.61
C VAL E 171 27.43 -11.02 -12.04
N TYR E 172 28.26 -11.79 -11.34
CA TYR E 172 28.27 -13.22 -11.62
C TYR E 172 27.01 -13.86 -11.01
N LYS E 173 26.73 -15.13 -11.37
CA LYS E 173 25.45 -15.77 -11.04
C LYS E 173 25.37 -15.88 -9.52
N GLU E 174 24.17 -15.60 -8.98
CA GLU E 174 23.85 -15.51 -7.55
C GLU E 174 24.59 -14.39 -6.83
N GLY E 175 25.38 -13.58 -7.52
CA GLY E 175 26.08 -12.51 -6.85
C GLY E 175 25.21 -11.29 -6.67
N ILE E 176 25.69 -10.41 -5.80
CA ILE E 176 25.07 -9.10 -5.62
C ILE E 176 26.21 -8.08 -5.57
N PRO E 177 26.10 -6.97 -6.31
CA PRO E 177 27.16 -5.95 -6.24
C PRO E 177 27.07 -5.26 -4.89
N ALA E 178 28.20 -5.24 -4.18
CA ALA E 178 28.20 -4.73 -2.81
C ALA E 178 29.59 -4.21 -2.50
N GLY E 179 29.64 -3.01 -1.90
CA GLY E 179 30.90 -2.45 -1.46
C GLY E 179 31.38 -3.07 -0.15
N LEU E 180 32.69 -3.22 -0.05
CA LEU E 180 33.34 -3.83 1.11
C LEU E 180 34.52 -2.98 1.53
N ASN E 181 34.67 -2.78 2.85
CA ASN E 181 35.78 -2.02 3.40
C ASN E 181 36.53 -2.84 4.44
N PHE E 182 37.84 -2.61 4.53
CA PHE E 182 38.66 -3.21 5.55
C PHE E 182 38.93 -2.19 6.64
N VAL E 183 38.75 -2.60 7.88
CA VAL E 183 39.21 -1.84 9.04
C VAL E 183 40.41 -2.57 9.60
N LEU E 184 41.58 -1.93 9.54
CA LEU E 184 42.85 -2.55 9.95
C LEU E 184 43.16 -2.08 11.37
N LEU E 185 42.97 -2.98 12.33
CA LEU E 185 43.27 -2.79 13.73
C LEU E 185 44.62 -3.41 14.05
N GLU E 186 44.99 -3.35 15.34
CA GLU E 186 46.34 -3.71 15.76
C GLU E 186 46.68 -5.17 15.43
N ASP E 187 45.77 -6.10 15.69
CA ASP E 187 46.03 -7.54 15.59
C ASP E 187 45.14 -8.26 14.58
N LYS E 188 44.34 -7.50 13.81
CA LYS E 188 42.96 -7.84 13.51
C LYS E 188 42.47 -6.99 12.34
N PHE E 189 41.76 -7.63 11.42
CA PHE E 189 40.99 -6.78 10.53
C PHE E 189 39.52 -7.14 10.57
N LEU E 190 38.66 -6.12 10.43
CA LEU E 190 37.22 -6.28 10.22
C LEU E 190 36.87 -5.94 8.79
N VAL E 191 35.82 -6.59 8.30
CA VAL E 191 35.27 -6.34 6.97
C VAL E 191 33.85 -5.81 7.15
N LEU E 192 33.56 -4.68 6.48
CA LEU E 192 32.26 -4.03 6.51
C LEU E 192 31.64 -4.11 5.11
N ALA E 193 30.34 -4.39 5.06
CA ALA E 193 29.58 -4.50 3.82
C ALA E 193 28.08 -4.50 4.16
N ASP E 194 27.25 -4.01 3.25
CA ASP E 194 27.59 -3.42 1.95
C ASP E 194 27.67 -1.91 2.14
N THR E 195 28.85 -1.33 1.94
CA THR E 195 29.05 0.10 2.24
C THR E 195 28.68 1.06 1.10
N THR E 196 28.25 0.57 -0.08
CA THR E 196 28.09 1.46 -1.23
C THR E 196 26.86 1.23 -2.11
N VAL E 197 26.36 0.02 -2.30
CA VAL E 197 25.40 -0.24 -3.38
C VAL E 197 23.93 -0.29 -2.94
N ASN E 198 23.56 -1.25 -2.10
CA ASN E 198 22.13 -1.53 -1.86
C ASN E 198 21.59 -0.65 -0.75
N LEU E 199 20.56 0.14 -1.06
CA LEU E 199 19.94 1.03 -0.08
C LEU E 199 19.43 0.25 1.13
N ASN E 200 18.74 -0.86 0.89
CA ASN E 200 18.03 -1.58 1.93
C ASN E 200 17.87 -3.03 1.54
N PRO E 201 19.02 -3.79 1.65
CA PRO E 201 18.99 -5.17 1.14
C PRO E 201 18.04 -6.04 1.92
N THR E 202 17.46 -7.01 1.22
CA THR E 202 16.60 -7.98 1.86
C THR E 202 17.40 -8.93 2.75
N ALA E 203 16.69 -9.76 3.51
CA ALA E 203 17.35 -10.82 4.25
C ALA E 203 18.15 -11.72 3.32
N GLU E 204 17.60 -12.05 2.15
CA GLU E 204 18.34 -12.86 1.18
C GLU E 204 19.56 -12.12 0.66
N GLN E 205 19.43 -10.83 0.37
CA GLN E 205 20.58 -10.08 -0.11
C GLN E 205 21.66 -9.94 0.98
N CYS E 206 21.26 -9.71 2.25
CA CYS E 206 22.28 -9.58 3.28
C CYS E 206 23.04 -10.89 3.49
N ALA E 207 22.38 -12.04 3.30
CA ALA E 207 23.07 -13.31 3.42
C ALA E 207 24.12 -13.47 2.33
N GLN E 208 23.76 -13.10 1.11
CA GLN E 208 24.70 -13.18 -0.02
C GLN E 208 25.85 -12.20 0.18
N ILE E 209 25.56 -11.01 0.72
CA ILE E 209 26.63 -10.08 1.05
C ILE E 209 27.59 -10.73 2.05
N ALA E 210 27.05 -11.44 3.03
CA ALA E 210 27.90 -12.14 3.98
C ALA E 210 28.74 -13.20 3.30
N LEU E 211 28.13 -13.98 2.38
CA LEU E 211 28.87 -15.03 1.69
C LEU E 211 30.01 -14.45 0.86
N GLN E 212 29.75 -13.33 0.19
CA GLN E 212 30.78 -12.67 -0.61
C GLN E 212 31.90 -12.15 0.28
N ALA E 213 31.56 -11.45 1.36
CA ALA E 213 32.59 -10.96 2.29
C ALA E 213 33.35 -12.10 2.94
N ALA E 214 32.69 -13.22 3.20
CA ALA E 214 33.39 -14.32 3.84
C ALA E 214 34.46 -14.91 2.93
N LYS E 215 34.16 -15.06 1.63
CA LYS E 215 35.15 -15.64 0.72
C LYS E 215 36.37 -14.74 0.59
N ILE E 216 36.17 -13.43 0.71
CA ILE E 216 37.28 -12.49 0.72
C ILE E 216 38.12 -12.67 1.97
N VAL E 217 37.49 -12.82 3.13
CA VAL E 217 38.26 -13.03 4.35
C VAL E 217 39.02 -14.35 4.28
N GLU E 218 38.43 -15.37 3.66
CA GLU E 218 39.12 -16.66 3.52
C GLU E 218 40.31 -16.55 2.57
N TYR E 219 40.22 -15.70 1.55
CA TYR E 219 41.34 -15.52 0.63
C TYR E 219 42.61 -15.11 1.36
N PHE E 220 42.46 -14.41 2.49
CA PHE E 220 43.60 -13.97 3.28
C PHE E 220 43.96 -14.94 4.39
N GLY E 221 43.40 -16.15 4.38
CA GLY E 221 43.73 -17.16 5.38
C GLY E 221 43.14 -16.92 6.74
N ILE E 222 42.09 -16.11 6.87
CA ILE E 222 41.43 -15.86 8.14
C ILE E 222 40.09 -16.55 8.14
N GLU E 223 39.69 -17.08 9.29
CA GLU E 223 38.38 -17.68 9.45
C GLU E 223 37.32 -16.60 9.55
N PRO E 224 36.33 -16.56 8.66
CA PRO E 224 35.29 -15.52 8.76
C PRO E 224 34.28 -15.84 9.85
N ARG E 225 33.98 -14.84 10.66
CA ARG E 225 32.96 -14.93 11.70
C ARG E 225 32.03 -13.75 11.50
N VAL E 226 30.77 -14.05 11.17
CA VAL E 226 29.87 -13.10 10.53
C VAL E 226 28.80 -12.68 11.54
N ALA E 227 28.60 -11.38 11.66
CA ALA E 227 27.54 -10.79 12.47
C ALA E 227 26.60 -10.01 11.57
N MET E 228 25.30 -10.24 11.72
CA MET E 228 24.29 -9.47 11.03
C MET E 228 23.83 -8.34 11.96
N LEU E 229 24.19 -7.11 11.63
CA LEU E 229 24.09 -6.01 12.58
C LEU E 229 22.67 -5.48 12.68
N SER E 230 22.32 -4.96 13.84
CA SER E 230 21.04 -4.30 14.02
C SER E 230 21.18 -3.32 15.18
N TYR E 231 20.10 -2.63 15.50
CA TYR E 231 20.04 -1.85 16.72
C TYR E 231 19.56 -2.69 17.89
N SER E 232 19.30 -3.97 17.65
CA SER E 232 18.69 -4.86 18.62
C SER E 232 19.62 -6.02 18.92
N ASN E 233 19.49 -6.54 20.13
CA ASN E 233 20.19 -7.75 20.58
C ASN E 233 19.22 -8.91 20.63
N PHE E 234 19.26 -9.75 19.59
CA PHE E 234 18.50 -11.01 19.56
C PHE E 234 17.02 -10.83 19.92
N SER E 235 16.40 -9.79 19.35
CA SER E 235 14.97 -9.61 19.53
C SER E 235 14.15 -10.27 18.43
N GLY E 236 14.59 -10.18 17.18
CA GLY E 236 13.83 -10.71 16.09
C GLY E 236 12.50 -10.02 15.87
N ALA E 237 12.28 -8.88 16.52
CA ALA E 237 11.08 -8.09 16.32
C ALA E 237 10.98 -7.66 14.86
N GLU E 238 9.80 -7.19 14.48
CA GLU E 238 9.54 -6.88 13.08
C GLU E 238 10.41 -5.72 12.59
N GLY E 239 10.73 -5.75 11.30
CA GLY E 239 11.61 -4.77 10.73
C GLY E 239 13.02 -5.33 10.63
N THR E 240 14.04 -4.49 10.92
CA THR E 240 15.40 -4.98 10.67
C THR E 240 15.80 -6.08 11.66
N PRO E 241 15.38 -6.05 12.93
CA PRO E 241 15.77 -7.19 13.81
C PRO E 241 15.38 -8.53 13.23
N ARG E 242 14.13 -8.67 12.77
CA ARG E 242 13.67 -9.89 12.10
C ARG E 242 14.45 -10.14 10.81
N LYS E 243 14.72 -9.08 10.03
CA LYS E 243 15.48 -9.23 8.79
C LYS E 243 16.87 -9.79 9.05
N MET E 244 17.60 -9.22 10.03
CA MET E 244 18.98 -9.64 10.21
C MET E 244 19.06 -11.02 10.86
N LYS E 245 18.11 -11.37 11.72
CA LYS E 245 18.01 -12.73 12.25
C LYS E 245 17.71 -13.73 11.13
N LYS E 246 16.82 -13.38 10.20
CA LYS E 246 16.55 -14.31 9.10
C LYS E 246 17.74 -14.39 8.13
N ALA E 247 18.45 -13.26 7.91
CA ALA E 247 19.63 -13.31 7.03
C ALA E 247 20.66 -14.28 7.57
N ALA E 248 20.93 -14.22 8.88
CA ALA E 248 21.88 -15.16 9.48
C ALA E 248 21.45 -16.59 9.24
N GLU E 249 20.15 -16.87 9.38
CA GLU E 249 19.65 -18.23 9.17
C GLU E 249 19.87 -18.67 7.73
N ILE E 250 19.55 -17.80 6.77
CA ILE E 250 19.77 -18.13 5.37
C ILE E 250 21.25 -18.36 5.12
N ALA E 251 22.11 -17.51 5.67
CA ALA E 251 23.56 -17.68 5.49
C ALA E 251 24.06 -18.97 6.14
N ARG E 252 23.61 -19.27 7.35
CA ARG E 252 24.07 -20.49 8.02
C ARG E 252 23.71 -21.73 7.20
N SER E 253 22.51 -21.73 6.62
CA SER E 253 22.09 -22.79 5.71
C SER E 253 23.05 -22.96 4.54
N LEU E 254 23.49 -21.86 3.95
CA LEU E 254 24.30 -21.94 2.74
C LEU E 254 25.77 -22.21 3.04
N ARG E 255 26.24 -21.85 4.23
CA ARG E 255 27.59 -22.17 4.70
C ARG E 255 27.49 -22.74 6.11
N PRO E 256 27.09 -24.01 6.25
CA PRO E 256 26.95 -24.60 7.59
C PRO E 256 28.23 -24.68 8.40
N ASP E 257 29.40 -24.41 7.80
CA ASP E 257 30.68 -24.49 8.50
C ASP E 257 31.08 -23.17 9.15
N LEU E 258 30.36 -22.08 8.87
CA LEU E 258 30.75 -20.75 9.33
C LEU E 258 29.97 -20.36 10.59
N MET E 259 30.64 -19.61 11.45
CA MET E 259 29.97 -18.91 12.53
C MET E 259 29.28 -17.68 11.96
N ILE E 260 27.95 -17.68 11.97
CA ILE E 260 27.12 -16.57 11.49
C ILE E 260 25.97 -16.36 12.47
N GLU E 261 25.79 -15.11 12.90
CA GLU E 261 24.84 -14.85 13.97
C GLU E 261 24.18 -13.48 13.77
N GLY E 262 23.01 -13.33 14.38
CA GLY E 262 22.23 -12.11 14.37
C GLY E 262 20.81 -12.44 14.79
N ASP E 263 20.01 -11.41 15.04
CA ASP E 263 20.39 -9.97 14.99
C ASP E 263 21.19 -9.53 16.22
N MET E 264 22.15 -8.61 16.09
CA MET E 264 22.83 -8.13 17.30
C MET E 264 23.35 -6.71 17.10
N GLN E 265 23.55 -6.01 18.22
CA GLN E 265 24.17 -4.70 18.18
C GLN E 265 25.64 -4.83 17.83
N ALA E 266 26.22 -3.71 17.43
CA ALA E 266 27.59 -3.72 16.91
C ALA E 266 28.61 -4.08 17.99
N ASP E 267 28.44 -3.57 19.21
CA ASP E 267 29.43 -3.91 20.25
C ASP E 267 29.30 -5.38 20.67
N THR E 268 28.07 -5.90 20.75
CA THR E 268 27.90 -7.34 20.92
C THR E 268 28.68 -8.12 19.86
N ALA E 269 28.67 -7.62 18.62
CA ALA E 269 29.28 -8.32 17.49
C ALA E 269 30.80 -8.41 17.63
N VAL E 270 31.45 -7.30 17.95
CA VAL E 270 32.91 -7.24 17.90
C VAL E 270 33.55 -7.70 19.20
N ASN E 271 32.88 -7.47 20.34
CA ASN E 271 33.48 -7.67 21.65
C ASN E 271 33.12 -9.08 22.15
N PRO E 272 34.04 -10.03 22.14
CA PRO E 272 33.66 -11.40 22.54
C PRO E 272 33.24 -11.52 24.00
N GLU E 273 33.69 -10.60 24.88
CA GLU E 273 33.31 -10.64 26.28
C GLU E 273 31.89 -10.16 26.51
N ILE E 274 31.39 -9.22 25.71
CA ILE E 274 29.98 -8.82 25.82
C ILE E 274 29.07 -9.95 25.36
N MET E 275 29.43 -10.59 24.24
CA MET E 275 28.69 -11.74 23.75
C MET E 275 28.58 -12.84 24.82
N GLU E 276 29.73 -13.24 25.39
CA GLU E 276 29.72 -14.35 26.34
C GLU E 276 28.93 -13.99 27.58
N ARG E 277 29.05 -12.75 28.06
CA ARG E 277 28.35 -12.39 29.29
C ARG E 277 26.84 -12.32 29.06
N LEU E 278 26.42 -11.67 27.99
CA LEU E 278 25.02 -11.33 27.82
C LEU E 278 24.24 -12.29 26.93
N PHE E 279 24.87 -13.02 26.02
CA PHE E 279 24.16 -13.90 25.08
C PHE E 279 24.95 -15.18 24.85
N PRO E 280 25.17 -15.97 25.91
CA PRO E 280 26.06 -17.15 25.78
C PRO E 280 25.52 -18.25 24.88
N PHE E 281 24.22 -18.24 24.57
CA PHE E 281 23.67 -19.22 23.65
C PHE E 281 24.13 -19.01 22.21
N SER E 282 24.64 -17.81 21.89
CA SER E 282 24.99 -17.45 20.52
C SER E 282 26.04 -18.37 19.91
N GLY E 283 25.94 -18.57 18.59
CA GLY E 283 26.93 -19.32 17.83
C GLY E 283 28.22 -18.58 17.48
N LEU E 284 28.35 -17.31 17.87
CA LEU E 284 29.49 -16.47 17.50
C LEU E 284 30.41 -16.31 18.71
N LYS E 285 31.56 -17.00 18.68
CA LYS E 285 32.60 -16.86 19.69
C LYS E 285 33.78 -16.08 19.13
N GLY E 286 34.50 -15.40 20.01
CA GLY E 286 35.74 -14.76 19.63
C GLY E 286 35.61 -13.49 18.82
N GLY E 287 34.42 -12.90 18.76
CA GLY E 287 34.21 -11.64 18.07
C GLY E 287 34.11 -11.78 16.57
N ALA E 288 33.19 -11.03 15.95
CA ALA E 288 33.01 -11.10 14.51
C ALA E 288 34.10 -10.30 13.78
N ASN E 289 34.56 -10.83 12.66
CA ASN E 289 35.44 -10.08 11.78
C ASN E 289 34.78 -9.75 10.46
N VAL E 290 33.51 -10.13 10.27
CA VAL E 290 32.69 -9.74 9.12
C VAL E 290 31.41 -9.10 9.66
N LEU E 291 31.18 -7.85 9.32
CA LEU E 291 30.04 -7.08 9.81
C LEU E 291 29.14 -6.70 8.63
N VAL E 292 27.99 -7.37 8.52
CA VAL E 292 27.05 -7.13 7.42
C VAL E 292 25.98 -6.15 7.91
N PHE E 293 25.71 -5.09 7.12
CA PHE E 293 24.87 -4.02 7.64
C PHE E 293 23.44 -4.15 7.15
N PRO E 294 22.47 -3.58 7.89
CA PRO E 294 21.08 -3.73 7.47
C PRO E 294 20.62 -2.75 6.42
N ASN E 295 21.32 -1.63 6.24
CA ASN E 295 20.89 -0.65 5.26
C ASN E 295 22.09 0.22 4.91
N LEU E 296 21.93 1.03 3.85
CA LEU E 296 23.08 1.74 3.32
C LEU E 296 23.48 2.91 4.21
N GLU E 297 22.52 3.56 4.88
CA GLU E 297 22.84 4.64 5.79
C GLU E 297 23.82 4.18 6.85
N SER E 298 23.57 3.00 7.44
CA SER E 298 24.37 2.56 8.57
C SER E 298 25.75 2.14 8.12
N SER E 299 25.85 1.41 7.02
CA SER E 299 27.14 0.98 6.50
C SER E 299 28.00 2.17 6.05
N ASN E 300 27.42 3.06 5.24
CA ASN E 300 28.19 4.16 4.68
C ASN E 300 28.64 5.14 5.76
N ILE E 301 27.74 5.48 6.69
CA ILE E 301 28.14 6.39 7.76
C ILE E 301 29.18 5.75 8.66
N ALA E 302 29.07 4.43 8.90
CA ALA E 302 29.96 3.80 9.88
C ALA E 302 31.41 3.82 9.41
N TYR E 303 31.68 3.30 8.20
CA TYR E 303 33.05 3.22 7.73
C TYR E 303 33.66 4.62 7.61
N LYS E 304 32.84 5.63 7.28
CA LYS E 304 33.35 6.98 7.14
C LYS E 304 33.68 7.61 8.50
N LEU E 305 32.87 7.34 9.52
CA LEU E 305 33.19 7.87 10.84
C LEU E 305 34.41 7.17 11.41
N ILE E 306 34.50 5.85 11.25
CA ILE E 306 35.68 5.13 11.70
C ILE E 306 36.93 5.66 11.03
N GLN E 307 36.86 5.92 9.72
CA GLN E 307 38.03 6.39 8.98
C GLN E 307 38.46 7.77 9.45
N GLN E 308 37.51 8.67 9.75
CA GLN E 308 37.85 10.03 10.15
C GLN E 308 38.24 10.12 11.63
N ILE E 309 37.47 9.48 12.52
CA ILE E 309 37.66 9.72 13.94
C ILE E 309 38.30 8.54 14.67
N GLY E 310 38.12 7.31 14.20
CA GLY E 310 38.91 6.22 14.73
C GLY E 310 40.41 6.42 14.46
N LYS E 311 41.23 5.62 15.12
CA LYS E 311 42.66 5.63 14.85
C LYS E 311 43.06 4.34 14.17
N ALA E 312 42.32 3.94 13.15
CA ALA E 312 42.63 2.74 12.38
C ALA E 312 42.58 3.04 10.89
N GLU E 313 43.36 2.30 10.11
CA GLU E 313 43.30 2.47 8.67
C GLU E 313 41.98 1.88 8.17
N VAL E 314 41.32 2.57 7.25
CA VAL E 314 40.17 2.00 6.54
C VAL E 314 40.51 2.01 5.06
N ILE E 315 40.48 0.84 4.43
CA ILE E 315 40.78 0.75 3.00
C ILE E 315 39.55 0.23 2.26
N GLY E 316 39.38 0.74 1.05
CA GLY E 316 38.22 0.50 0.23
C GLY E 316 37.44 1.78 0.02
N PRO E 317 36.20 1.66 -0.44
CA PRO E 317 35.51 0.39 -0.69
C PRO E 317 35.90 -0.29 -1.99
N PHE E 318 35.84 -1.62 -1.97
CA PHE E 318 36.04 -2.49 -3.12
C PHE E 318 34.69 -3.08 -3.52
N LEU E 319 34.41 -3.06 -4.81
CA LEU E 319 33.18 -3.58 -5.39
C LEU E 319 33.30 -5.08 -5.52
N THR E 320 32.49 -5.81 -4.75
CA THR E 320 32.40 -7.27 -4.82
C THR E 320 31.16 -7.71 -5.61
N GLY E 321 31.19 -8.97 -6.06
CA GLY E 321 30.03 -9.53 -6.72
C GLY E 321 29.94 -9.32 -8.22
N VAL E 322 30.92 -8.65 -8.85
CA VAL E 322 30.88 -8.36 -10.27
C VAL E 322 31.83 -9.32 -10.98
N ARG E 323 31.55 -9.65 -12.26
CA ARG E 323 32.31 -10.74 -12.89
C ARG E 323 33.76 -10.39 -13.18
N ARG E 324 34.09 -9.10 -13.34
CA ARG E 324 35.47 -8.74 -13.62
C ARG E 324 35.88 -7.63 -12.67
N SER E 325 37.18 -7.42 -12.58
CA SER E 325 37.76 -6.61 -11.50
C SER E 325 37.53 -5.14 -11.82
N ALA E 326 36.76 -4.47 -10.98
CA ALA E 326 36.51 -3.04 -11.10
C ALA E 326 36.22 -2.53 -9.71
N ASN E 327 36.91 -1.48 -9.30
CA ASN E 327 36.67 -0.88 -7.99
C ASN E 327 36.50 0.62 -8.14
N VAL E 328 35.54 1.15 -7.39
CA VAL E 328 35.22 2.57 -7.38
C VAL E 328 35.75 3.18 -6.09
N LEU E 329 36.65 4.14 -6.24
CA LEU E 329 37.10 4.91 -5.09
C LEU E 329 35.96 5.77 -4.59
N GLN E 330 35.93 5.95 -3.28
CA GLN E 330 35.05 6.94 -2.71
C GLN E 330 35.55 8.32 -3.14
N ARG E 331 34.60 9.20 -3.43
CA ARG E 331 34.91 10.54 -3.91
C ARG E 331 35.81 11.29 -2.92
N THR E 332 35.71 10.96 -1.63
CA THR E 332 36.44 11.60 -0.55
C THR E 332 37.86 11.05 -0.36
N THR E 333 38.32 10.18 -1.27
CA THR E 333 39.61 9.50 -1.09
C THR E 333 40.78 10.47 -1.06
N THR E 334 41.84 10.03 -0.39
CA THR E 334 43.18 10.61 -0.41
C THR E 334 44.06 9.86 -1.43
N VAL E 335 45.28 10.40 -1.63
CA VAL E 335 46.26 9.72 -2.48
C VAL E 335 46.63 8.35 -1.90
N ASP E 336 46.86 8.26 -0.60
CA ASP E 336 47.21 6.97 0.00
C ASP E 336 46.05 5.98 -0.14
N GLY E 337 44.83 6.46 0.05
CA GLY E 337 43.67 5.64 -0.27
C GLY E 337 43.74 5.00 -1.63
N ILE E 338 44.05 5.79 -2.66
CA ILE E 338 44.14 5.26 -4.02
C ILE E 338 45.29 4.25 -4.12
N VAL E 339 46.40 4.51 -3.43
CA VAL E 339 47.50 3.56 -3.47
C VAL E 339 47.04 2.21 -2.96
N ASN E 340 46.39 2.22 -1.79
CA ASN E 340 45.82 1.00 -1.19
C ASN E 340 44.82 0.32 -2.13
N SER E 341 43.95 1.09 -2.78
CA SER E 341 42.91 0.44 -3.59
C SER E 341 43.48 -0.19 -4.83
N VAL E 342 44.50 0.44 -5.43
CA VAL E 342 45.12 -0.15 -6.61
C VAL E 342 45.85 -1.43 -6.24
N VAL E 343 46.44 -1.46 -5.05
CA VAL E 343 47.12 -2.67 -4.60
C VAL E 343 46.15 -3.84 -4.57
N PHE E 344 44.99 -3.65 -3.94
CA PHE E 344 44.04 -4.74 -3.80
C PHE E 344 43.28 -4.99 -5.09
N THR E 345 43.08 -3.95 -5.91
CA THR E 345 42.55 -4.18 -7.24
C THR E 345 43.47 -5.08 -8.04
N ALA E 346 44.78 -4.88 -7.90
CA ALA E 346 45.70 -5.73 -8.61
C ALA E 346 45.56 -7.17 -8.15
N LEU E 347 45.42 -7.39 -6.84
CA LEU E 347 45.19 -8.73 -6.32
C LEU E 347 43.93 -9.33 -6.91
N GLU E 348 42.83 -8.58 -6.88
CA GLU E 348 41.55 -9.01 -7.42
C GLU E 348 41.66 -9.37 -8.89
N ALA E 349 42.34 -8.52 -9.69
CA ALA E 349 42.50 -8.77 -11.12
C ALA E 349 43.26 -10.06 -11.39
N GLN E 350 44.32 -10.31 -10.61
CA GLN E 350 45.09 -11.54 -10.78
C GLN E 350 44.24 -12.77 -10.48
N TYR E 351 43.41 -12.70 -9.44
CA TYR E 351 42.55 -13.82 -9.05
C TYR E 351 41.48 -14.09 -10.12
N ILE E 352 40.74 -13.04 -10.50
CA ILE E 352 39.73 -13.20 -11.53
C ILE E 352 40.35 -13.71 -12.83
N LYS E 353 41.58 -13.27 -13.14
CA LYS E 353 42.25 -13.74 -14.36
C LYS E 353 42.53 -15.23 -14.29
N GLU E 354 42.73 -15.78 -13.08
CA GLU E 354 42.98 -17.20 -12.96
C GLU E 354 41.69 -17.99 -13.07
N VAL E 355 40.59 -17.42 -12.55
CA VAL E 355 39.27 -18.00 -12.76
C VAL E 355 38.95 -18.08 -14.25
N LEU E 356 39.22 -17.00 -14.99
CA LEU E 356 38.83 -16.96 -16.40
C LEU E 356 39.69 -17.89 -17.25
N LYS E 357 40.92 -18.16 -16.83
CA LYS E 357 41.70 -19.14 -17.59
C LYS E 357 41.22 -20.56 -17.32
N SER E 358 41.05 -20.89 -16.03
CA SER E 358 40.43 -22.15 -15.64
C SER E 358 39.20 -22.48 -16.50
N ARG E 359 38.27 -21.52 -16.59
CA ARG E 359 37.11 -21.68 -17.45
C ARG E 359 37.41 -21.39 -18.92
N GLY E 360 38.62 -20.94 -19.23
CA GLY E 360 39.07 -20.62 -20.60
C GLY E 360 38.26 -19.52 -21.25
N LYS F 22 38.16 12.07 30.28
CA LYS F 22 39.15 12.25 31.36
C LYS F 22 39.11 13.70 31.89
N VAL F 23 39.43 14.65 31.02
CA VAL F 23 39.29 16.07 31.30
C VAL F 23 37.83 16.48 31.32
N PHE F 24 37.08 16.08 30.28
CA PHE F 24 35.67 16.47 30.12
C PHE F 24 34.83 16.10 31.33
N ILE F 25 35.11 14.94 31.93
CA ILE F 25 34.29 14.48 33.04
C ILE F 25 34.60 15.29 34.30
N ARG F 26 35.87 15.63 34.53
CA ARG F 26 36.15 16.48 35.69
C ARG F 26 35.49 17.83 35.54
N SER F 27 35.47 18.38 34.34
CA SER F 27 34.84 19.68 34.18
C SER F 27 33.35 19.60 34.47
N ALA F 28 32.69 18.53 34.01
CA ALA F 28 31.29 18.33 34.34
C ALA F 28 31.10 18.21 35.84
N ILE F 29 31.96 17.41 36.49
CA ILE F 29 31.93 17.27 37.95
C ILE F 29 32.12 18.62 38.63
N ASN F 30 33.02 19.46 38.09
CA ASN F 30 33.22 20.77 38.69
C ASN F 30 31.98 21.65 38.51
N ARG F 31 31.31 21.55 37.35
CA ARG F 31 30.07 22.30 37.14
C ARG F 31 28.97 21.84 38.10
N VAL F 32 28.91 20.56 38.47
CA VAL F 32 27.96 20.13 39.50
C VAL F 32 28.24 20.87 40.81
N HIS F 33 29.51 20.96 41.19
CA HIS F 33 29.86 21.64 42.43
C HIS F 33 29.59 23.13 42.38
N GLN F 34 29.85 23.76 41.23
CA GLN F 34 29.51 25.18 41.09
C GLN F 34 28.01 25.40 41.27
N ASN F 35 27.19 24.56 40.63
CA ASN F 35 25.74 24.63 40.79
C ASN F 35 25.34 24.43 42.24
N SER F 36 25.94 23.45 42.89
CA SER F 36 25.57 23.13 44.26
C SER F 36 26.05 24.20 45.23
N ALA F 37 27.22 24.79 44.98
CA ALA F 37 27.66 25.87 45.86
C ALA F 37 26.80 27.12 45.76
N ALA F 38 26.16 27.34 44.61
CA ALA F 38 25.28 28.49 44.42
C ALA F 38 23.87 28.28 44.95
N ASN F 39 23.56 27.13 45.55
CA ASN F 39 22.22 26.86 46.07
C ASN F 39 22.30 26.18 47.43
N GLY F 40 23.08 26.75 48.34
CA GLY F 40 23.15 26.26 49.70
C GLY F 40 23.74 24.88 49.89
N GLY F 41 24.51 24.39 48.91
CA GLY F 41 25.14 23.09 49.04
C GLY F 41 24.23 21.90 48.85
N GLU F 42 23.00 22.14 48.40
CA GLU F 42 22.09 21.04 48.14
C GLU F 42 22.54 20.24 46.92
N LEU F 43 22.40 18.93 47.01
CA LEU F 43 22.69 18.02 45.90
C LEU F 43 21.40 17.46 45.31
N PRO F 44 21.36 17.23 44.00
CA PRO F 44 20.17 16.61 43.40
C PRO F 44 19.96 15.18 43.92
N ARG F 45 18.69 14.80 44.04
CA ARG F 45 18.34 13.44 44.49
C ARG F 45 18.08 12.57 43.27
N ILE F 46 18.90 11.52 43.11
CA ILE F 46 18.87 10.63 41.97
C ILE F 46 18.45 9.27 42.47
N VAL F 47 17.34 8.76 41.93
CA VAL F 47 16.77 7.50 42.36
C VAL F 47 17.38 6.43 41.45
N PHE F 48 17.77 5.28 42.01
CA PHE F 48 18.27 4.17 41.20
C PHE F 48 17.33 2.98 41.37
N PRO F 49 16.50 2.67 40.37
CA PRO F 49 15.57 1.52 40.52
C PRO F 49 16.26 0.22 40.84
N GLU F 50 17.48 0.02 40.35
CA GLU F 50 18.19 -1.25 40.49
C GLU F 50 19.05 -1.21 41.76
N GLY F 51 18.36 -1.22 42.91
CA GLY F 51 18.97 -0.95 44.20
C GLY F 51 20.05 -1.93 44.64
N THR F 52 20.03 -3.15 44.09
CA THR F 52 21.04 -4.18 44.30
C THR F 52 21.96 -4.45 43.09
N SER F 53 21.93 -3.61 42.02
CA SER F 53 22.85 -3.83 40.91
C SER F 53 24.26 -3.59 41.43
N THR F 54 25.15 -4.59 41.28
CA THR F 54 26.51 -4.46 41.79
C THR F 54 27.25 -3.30 41.11
N LYS F 55 27.10 -3.19 39.80
CA LYS F 55 27.76 -2.10 39.08
C LYS F 55 27.23 -0.76 39.54
N VAL F 56 25.93 -0.66 39.80
CA VAL F 56 25.39 0.63 40.23
C VAL F 56 25.96 1.02 41.58
N LEU F 57 26.01 0.06 42.52
CA LEU F 57 26.49 0.35 43.88
C LEU F 57 27.97 0.71 43.89
N LYS F 58 28.78 0.02 43.10
CA LYS F 58 30.20 0.33 43.05
C LYS F 58 30.42 1.74 42.53
N ALA F 59 29.71 2.10 41.45
CA ALA F 59 29.79 3.47 40.95
C ALA F 59 29.33 4.44 42.01
N LEU F 60 28.27 4.09 42.73
CA LEU F 60 27.74 5.01 43.73
C LEU F 60 28.77 5.30 44.84
N ALA F 61 29.65 4.33 45.13
CA ALA F 61 30.73 4.59 46.09
C ALA F 61 31.51 5.83 45.72
N THR F 62 31.95 5.91 44.45
CA THR F 62 32.68 7.08 44.01
C THR F 62 31.77 8.31 43.89
N LEU F 63 30.47 8.14 43.62
CA LEU F 63 29.64 9.33 43.36
C LEU F 63 29.31 10.11 44.64
N VAL F 64 29.24 9.42 45.78
CA VAL F 64 29.00 10.12 47.05
C VAL F 64 30.30 10.75 47.58
N GLU F 65 31.44 10.08 47.37
CA GLU F 65 32.71 10.68 47.76
C GLU F 65 32.96 11.99 47.02
N GLU F 66 32.39 12.14 45.84
CA GLU F 66 32.57 13.32 45.02
C GLU F 66 31.45 14.35 45.16
N LYS F 67 30.45 14.07 46.00
CA LYS F 67 29.30 14.96 46.22
C LYS F 67 28.58 15.28 44.90
N ILE F 68 28.27 14.22 44.14
CA ILE F 68 27.57 14.42 42.87
C ILE F 68 26.06 14.43 43.07
N CYS F 69 25.54 13.60 43.98
CA CYS F 69 24.11 13.48 44.13
C CYS F 69 23.83 12.85 45.49
N GLN F 70 22.57 12.97 45.91
CA GLN F 70 21.99 12.21 47.02
C GLN F 70 21.31 10.97 46.46
N PRO F 71 21.91 9.79 46.54
CA PRO F 71 21.31 8.61 45.91
C PRO F 71 20.14 8.06 46.70
N ILE F 72 19.15 7.56 45.98
CA ILE F 72 18.01 6.84 46.54
C ILE F 72 17.96 5.49 45.85
N LEU F 73 18.16 4.42 46.63
CA LEU F 73 18.13 3.06 46.11
C LEU F 73 16.73 2.49 46.34
N LEU F 74 16.21 1.83 45.32
CA LEU F 74 14.90 1.19 45.40
C LEU F 74 15.11 -0.31 45.55
N GLY F 75 14.36 -0.91 46.46
CA GLY F 75 14.44 -2.33 46.70
C GLY F 75 13.98 -2.66 48.10
N TYR F 76 13.98 -3.94 48.38
CA TYR F 76 13.79 -4.41 49.75
C TYR F 76 14.93 -3.92 50.58
N PRO F 77 14.75 -2.98 51.54
CA PRO F 77 15.88 -2.44 52.30
C PRO F 77 16.76 -3.55 52.81
N GLU F 78 16.15 -4.70 53.08
CA GLU F 78 16.86 -5.81 53.70
C GLU F 78 17.92 -6.46 52.78
N ARG F 79 17.68 -6.64 51.45
CA ARG F 79 18.86 -7.13 50.72
C ARG F 79 19.74 -5.96 50.23
N VAL F 80 19.18 -4.75 50.02
CA VAL F 80 20.03 -3.65 49.57
C VAL F 80 21.14 -3.43 50.57
N LYS F 81 20.81 -3.40 51.86
CA LYS F 81 21.85 -3.36 52.87
C LYS F 81 22.73 -4.63 52.79
N GLU F 82 22.11 -5.75 52.44
CA GLU F 82 22.80 -7.03 52.32
C GLU F 82 23.62 -7.19 51.03
N LYS F 83 23.25 -6.51 49.97
CA LYS F 83 24.15 -6.41 48.83
C LYS F 83 25.31 -5.47 49.14
N ILE F 84 25.04 -4.38 49.86
CA ILE F 84 26.08 -3.41 50.22
C ILE F 84 27.14 -4.04 51.12
N LYS F 85 26.72 -4.86 52.09
CA LYS F 85 27.68 -5.47 53.01
C LYS F 85 28.49 -6.58 52.35
N ALA F 86 27.89 -7.28 51.37
CA ALA F 86 28.64 -8.29 50.62
C ALA F 86 29.82 -7.67 49.88
N LEU F 87 29.59 -6.59 49.15
CA LEU F 87 30.64 -5.94 48.39
C LEU F 87 31.55 -5.07 49.25
N ASP F 88 31.17 -4.85 50.51
CA ASP F 88 31.97 -4.11 51.47
C ASP F 88 32.30 -2.70 50.93
N ILE F 89 31.25 -1.92 50.82
CA ILE F 89 31.39 -0.52 50.44
C ILE F 89 30.84 0.25 51.63
N PRO F 90 31.66 0.46 52.66
CA PRO F 90 31.16 1.09 53.90
C PRO F 90 30.60 2.48 53.70
N LEU F 91 30.92 3.15 52.59
CA LEU F 91 30.48 4.53 52.46
C LEU F 91 29.00 4.65 52.13
N LEU F 92 28.30 3.54 51.87
CA LEU F 92 26.88 3.62 51.49
C LEU F 92 25.87 3.15 52.53
N ASN F 93 26.26 2.81 53.77
CA ASN F 93 25.20 2.33 54.67
C ASN F 93 24.20 3.38 55.12
N ASP F 94 24.40 4.68 54.86
CA ASP F 94 23.40 5.65 55.27
C ASP F 94 22.48 6.05 54.12
N VAL F 95 22.88 5.81 52.87
CA VAL F 95 22.16 6.32 51.71
C VAL F 95 20.73 5.81 51.78
N SER F 96 19.81 6.63 51.30
CA SER F 96 18.39 6.32 51.42
C SER F 96 18.03 5.08 50.59
N ILE F 97 17.21 4.20 51.20
CA ILE F 97 16.66 3.00 50.57
C ILE F 97 15.14 3.05 50.74
N VAL F 98 14.41 2.91 49.63
CA VAL F 98 12.95 3.00 49.63
C VAL F 98 12.39 1.76 48.94
N HIS F 99 11.42 1.11 49.60
CA HIS F 99 10.68 0.02 48.97
C HIS F 99 9.39 0.57 48.41
N PRO F 100 9.16 0.48 47.09
CA PRO F 100 7.96 1.10 46.49
C PRO F 100 6.62 0.75 47.17
N SER F 101 6.28 -0.54 47.35
CA SER F 101 4.96 -0.87 47.93
C SER F 101 4.76 -0.25 49.32
N SER F 102 5.82 -0.15 50.09
CA SER F 102 5.77 0.30 51.48
C SER F 102 5.82 1.82 51.61
N HIS F 103 6.08 2.53 50.52
CA HIS F 103 6.21 3.97 50.60
C HIS F 103 4.88 4.63 50.92
N PRO F 104 4.87 5.68 51.74
CA PRO F 104 3.59 6.39 52.02
C PRO F 104 2.86 6.87 50.78
N LYS F 105 3.58 7.29 49.74
CA LYS F 105 2.96 7.85 48.55
C LYS F 105 2.54 6.78 47.55
N TYR F 106 2.78 5.50 47.87
CA TYR F 106 2.61 4.43 46.90
C TYR F 106 1.21 4.42 46.31
N PHE F 107 0.20 4.49 47.16
CA PHE F 107 -1.14 4.25 46.68
C PHE F 107 -1.58 5.46 45.86
N SER F 108 -1.22 6.65 46.33
CA SER F 108 -1.43 7.87 45.57
C SER F 108 -0.71 7.83 44.22
N PHE F 109 0.47 7.18 44.19
CA PHE F 109 1.17 7.00 42.92
C PHE F 109 0.42 6.05 41.99
N VAL F 110 -0.14 4.95 42.50
CA VAL F 110 -0.94 4.05 41.67
C VAL F 110 -2.07 4.82 40.99
N GLU F 111 -2.76 5.66 41.75
CA GLU F 111 -3.91 6.36 41.21
C GLU F 111 -3.52 7.32 40.09
N LYS F 112 -2.30 7.88 40.13
CA LYS F 112 -1.95 8.80 39.04
C LYS F 112 -1.56 8.02 37.78
N LEU F 113 -0.88 6.88 37.94
CA LEU F 113 -0.57 6.04 36.79
C LEU F 113 -1.84 5.45 36.19
N TYR F 114 -2.74 4.95 37.06
CA TYR F 114 -4.00 4.40 36.56
C TYR F 114 -4.77 5.44 35.75
N SER F 115 -4.87 6.66 36.28
CA SER F 115 -5.59 7.71 35.56
C SER F 115 -4.90 8.06 34.25
N LEU F 116 -3.57 7.93 34.21
CA LEU F 116 -2.85 8.21 32.97
C LEU F 116 -3.07 7.12 31.93
N ARG F 117 -3.29 5.87 32.34
CA ARG F 117 -3.23 4.74 31.42
C ARG F 117 -4.54 3.97 31.33
N GLN F 118 -5.60 4.44 32.00
CA GLN F 118 -6.83 3.65 32.07
C GLN F 118 -7.50 3.50 30.72
N ARG F 119 -7.22 4.39 29.77
CA ARG F 119 -7.75 4.29 28.40
C ARG F 119 -6.72 3.74 27.45
N LYS F 120 -5.64 3.18 27.98
CA LYS F 120 -4.59 2.54 27.22
C LYS F 120 -4.39 1.10 27.70
N GLY F 121 -5.46 0.49 28.20
CA GLY F 121 -5.48 -0.93 28.46
C GLY F 121 -4.90 -1.38 29.79
N ILE F 122 -4.89 -0.49 30.79
CA ILE F 122 -4.24 -0.75 32.07
C ILE F 122 -5.31 -0.63 33.13
N ASN F 123 -5.66 -1.75 33.75
CA ASN F 123 -6.63 -1.74 34.84
C ASN F 123 -5.94 -1.43 36.16
N LEU F 124 -6.76 -1.27 37.21
CA LEU F 124 -6.25 -0.83 38.49
C LEU F 124 -5.25 -1.82 39.08
N GLY F 125 -5.55 -3.12 39.02
CA GLY F 125 -4.62 -4.11 39.53
C GLY F 125 -3.31 -4.14 38.76
N ARG F 126 -3.37 -3.82 37.46
CA ARG F 126 -2.15 -3.77 36.66
C ARG F 126 -1.36 -2.49 36.92
N ALA F 127 -2.05 -1.38 37.21
CA ALA F 127 -1.34 -0.18 37.66
C ALA F 127 -0.64 -0.46 38.98
N GLU F 128 -1.28 -1.23 39.86
CA GLU F 128 -0.67 -1.63 41.12
C GLU F 128 0.61 -2.42 40.89
N ARG F 129 0.60 -3.35 39.92
CA ARG F 129 1.82 -4.12 39.69
C ARG F 129 2.92 -3.32 38.99
N LEU F 130 2.56 -2.43 38.06
CA LEU F 130 3.57 -1.59 37.43
C LEU F 130 4.19 -0.65 38.46
N MET F 131 3.37 -0.01 39.32
CA MET F 131 3.91 0.92 40.29
C MET F 131 4.78 0.24 41.33
N ALA F 132 4.57 -1.05 41.58
CA ALA F 132 5.48 -1.80 42.45
C ALA F 132 6.80 -2.12 41.77
N ASP F 133 6.88 -2.00 40.46
CA ASP F 133 8.15 -2.15 39.76
C ASP F 133 8.99 -0.90 40.01
N PRO F 134 10.22 -1.04 40.50
CA PRO F 134 11.03 0.14 40.81
C PRO F 134 11.17 1.13 39.67
N ASN F 135 11.21 0.66 38.42
CA ASN F 135 11.37 1.60 37.30
C ASN F 135 10.19 2.55 37.22
N TYR F 136 8.98 2.03 37.39
CA TYR F 136 7.80 2.89 37.40
C TYR F 136 7.77 3.76 38.64
N PHE F 137 8.16 3.21 39.79
CA PHE F 137 8.17 4.01 41.01
C PHE F 137 9.18 5.15 40.93
N ALA F 138 10.37 4.88 40.41
CA ALA F 138 11.36 5.93 40.20
C ALA F 138 10.79 7.02 39.31
N ALA F 139 10.20 6.64 38.18
CA ALA F 139 9.67 7.64 37.24
C ALA F 139 8.61 8.51 37.90
N MET F 140 7.74 7.90 38.69
CA MET F 140 6.71 8.68 39.34
C MET F 140 7.31 9.57 40.43
N MET F 141 8.33 9.05 41.12
CA MET F 141 9.04 9.90 42.07
C MET F 141 9.58 11.16 41.40
N VAL F 142 10.23 11.00 40.24
CA VAL F 142 10.80 12.16 39.55
C VAL F 142 9.71 13.09 39.06
N ASN F 143 8.65 12.53 38.45
CA ASN F 143 7.56 13.33 37.90
C ASN F 143 6.88 14.17 38.97
N GLN F 144 6.70 13.62 40.18
CA GLN F 144 5.96 14.31 41.23
C GLN F 144 6.84 15.12 42.16
N GLY F 145 8.12 15.32 41.82
CA GLY F 145 9.00 16.11 42.65
C GLY F 145 9.50 15.44 43.92
N GLU F 146 9.31 14.13 44.08
CA GLU F 146 9.92 13.44 45.22
C GLU F 146 11.40 13.12 44.98
N ALA F 147 11.87 13.19 43.75
CA ALA F 147 13.31 13.14 43.44
C ALA F 147 13.56 14.03 42.24
N ASP F 148 14.83 14.36 42.00
CA ASP F 148 15.18 15.26 40.92
C ASP F 148 15.55 14.51 39.64
N GLY F 149 15.88 13.24 39.75
CA GLY F 149 16.24 12.48 38.58
C GLY F 149 16.38 11.02 38.92
N MET F 150 16.52 10.23 37.87
CA MET F 150 16.68 8.79 37.99
C MET F 150 17.65 8.31 36.92
N VAL F 151 18.32 7.21 37.23
CA VAL F 151 19.24 6.53 36.33
C VAL F 151 18.88 5.06 36.40
N SER F 152 18.55 4.47 35.26
CA SER F 152 18.08 3.11 35.27
C SER F 152 18.68 2.37 34.10
N GLY F 153 18.41 1.06 34.07
CA GLY F 153 18.61 0.26 32.87
C GLY F 153 19.91 -0.51 32.80
N SER F 154 20.65 -0.63 33.89
CA SER F 154 21.88 -1.41 33.83
C SER F 154 21.59 -2.90 33.64
N SER F 155 20.42 -3.37 34.09
CA SER F 155 20.10 -4.79 34.10
C SER F 155 18.98 -5.19 33.14
N ILE F 156 18.35 -4.24 32.45
CA ILE F 156 17.26 -4.55 31.54
C ILE F 156 17.54 -3.80 30.24
N ASN F 157 16.91 -4.26 29.15
CA ASN F 157 17.14 -3.63 27.86
C ASN F 157 16.51 -2.25 27.80
N TYR F 158 16.92 -1.48 26.79
CA TYR F 158 16.62 -0.05 26.75
C TYR F 158 15.14 0.23 26.60
N ALA F 159 14.45 -0.50 25.72
CA ALA F 159 13.03 -0.27 25.53
C ALA F 159 12.26 -0.50 26.83
N ASP F 160 12.57 -1.58 27.54
CA ASP F 160 11.91 -1.84 28.83
C ASP F 160 12.22 -0.74 29.83
N ALA F 161 13.46 -0.27 29.87
CA ALA F 161 13.83 0.75 30.86
C ALA F 161 13.23 2.11 30.50
N VAL F 162 13.12 2.43 29.20
CA VAL F 162 12.69 3.77 28.84
C VAL F 162 11.16 3.90 28.83
N ARG F 163 10.44 2.79 28.69
CA ARG F 163 8.98 2.86 28.65
C ARG F 163 8.37 3.52 29.88
N PRO F 164 8.70 3.11 31.11
CA PRO F 164 8.17 3.86 32.27
C PRO F 164 8.46 5.35 32.23
N ILE F 165 9.66 5.73 31.80
CA ILE F 165 10.03 7.14 31.76
C ILE F 165 9.10 7.90 30.80
N LEU F 166 8.89 7.34 29.61
CA LEU F 166 8.08 8.05 28.63
C LEU F 166 6.61 8.09 29.03
N GLN F 167 6.10 7.00 29.62
CA GLN F 167 4.69 6.96 30.03
C GLN F 167 4.39 7.90 31.18
N THR F 168 5.34 8.07 32.11
CA THR F 168 5.09 8.76 33.37
C THR F 168 5.61 10.20 33.37
N ILE F 169 6.83 10.42 32.90
CA ILE F 169 7.43 11.75 32.86
C ILE F 169 7.05 12.47 31.57
N GLY F 170 7.15 11.78 30.43
CA GLY F 170 6.71 12.34 29.17
C GLY F 170 7.70 13.35 28.60
N VAL F 171 7.35 13.89 27.43
CA VAL F 171 8.21 14.82 26.70
C VAL F 171 7.71 16.23 26.95
N TYR F 172 8.62 17.20 26.91
CA TYR F 172 8.15 18.57 26.99
C TYR F 172 7.56 18.97 25.63
N LYS F 173 6.96 20.16 25.59
CA LYS F 173 6.15 20.55 24.45
C LYS F 173 7.03 20.67 23.21
N GLU F 174 6.55 20.08 22.10
CA GLU F 174 7.26 20.00 20.82
C GLU F 174 8.57 19.23 20.89
N GLY F 175 8.87 18.63 22.04
CA GLY F 175 10.07 17.81 22.17
C GLY F 175 9.89 16.42 21.60
N ILE F 176 11.01 15.73 21.42
CA ILE F 176 10.99 14.34 20.98
C ILE F 176 12.01 13.57 21.82
N PRO F 177 11.66 12.40 22.34
CA PRO F 177 12.65 11.61 23.08
C PRO F 177 13.70 11.09 22.12
N ALA F 178 14.96 11.36 22.44
CA ALA F 178 16.07 11.03 21.54
C ALA F 178 17.33 10.81 22.36
N GLY F 179 17.99 9.68 22.15
CA GLY F 179 19.26 9.42 22.80
C GLY F 179 20.41 10.16 22.14
N LEU F 180 21.36 10.61 22.95
CA LEU F 180 22.48 11.42 22.51
C LEU F 180 23.78 10.91 23.14
N ASN F 181 24.83 10.85 22.34
CA ASN F 181 26.14 10.39 22.78
C ASN F 181 27.21 11.43 22.47
N PHE F 182 28.24 11.47 23.31
CA PHE F 182 29.43 12.30 23.09
C PHE F 182 30.58 11.41 22.62
N VAL F 183 31.28 11.85 21.59
CA VAL F 183 32.57 11.30 21.24
C VAL F 183 33.58 12.35 21.64
N LEU F 184 34.46 12.01 22.57
CA LEU F 184 35.40 12.96 23.16
C LEU F 184 36.69 12.85 22.37
N LEU F 185 36.95 13.83 21.53
CA LEU F 185 38.18 13.92 20.78
C LEU F 185 39.13 14.87 21.49
N GLU F 186 40.28 15.07 20.88
CA GLU F 186 41.40 15.71 21.56
C GLU F 186 41.11 17.20 21.82
N ASP F 187 40.55 17.92 20.84
CA ASP F 187 40.29 19.35 21.04
C ASP F 187 38.82 19.64 21.20
N LYS F 188 37.97 18.64 21.03
CA LYS F 188 36.56 18.89 20.84
C LYS F 188 35.80 17.60 21.08
N PHE F 189 34.50 17.73 21.26
CA PHE F 189 33.62 16.58 21.26
C PHE F 189 32.64 16.65 20.09
N LEU F 190 32.25 15.47 19.62
CA LEU F 190 31.11 15.33 18.72
C LEU F 190 29.92 14.77 19.50
N VAL F 191 28.72 15.17 19.11
CA VAL F 191 27.49 14.61 19.66
C VAL F 191 26.75 13.91 18.54
N LEU F 192 26.29 12.69 18.82
CA LEU F 192 25.53 11.83 17.92
C LEU F 192 24.12 11.65 18.45
N ALA F 193 23.13 11.71 17.55
CA ALA F 193 21.72 11.54 17.95
C ALA F 193 20.89 11.28 16.69
N ASP F 194 19.78 10.53 16.82
CA ASP F 194 19.25 9.85 18.01
C ASP F 194 19.76 8.42 18.02
N THR F 195 20.52 8.07 19.06
CA THR F 195 21.18 6.77 19.12
C THR F 195 20.34 5.65 19.74
N THR F 196 19.10 5.92 20.23
CA THR F 196 18.37 4.91 21.01
C THR F 196 16.86 4.81 20.78
N VAL F 197 16.15 5.91 20.47
CA VAL F 197 14.68 5.86 20.55
C VAL F 197 14.01 5.60 19.20
N ASN F 198 14.10 6.54 18.25
CA ASN F 198 13.25 6.53 17.07
C ASN F 198 13.86 5.69 15.93
N LEU F 199 13.09 4.70 15.46
CA LEU F 199 13.53 3.84 14.36
C LEU F 199 13.84 4.64 13.11
N ASN F 200 12.97 5.57 12.74
CA ASN F 200 12.99 6.19 11.41
C ASN F 200 12.41 7.51 11.47
N PRO F 201 13.02 8.55 12.11
CA PRO F 201 12.45 9.84 12.31
C PRO F 201 12.17 10.54 10.97
N THR F 202 11.09 11.32 10.94
CA THR F 202 10.77 12.13 9.79
C THR F 202 11.74 13.31 9.69
N ALA F 203 11.63 14.05 8.57
CA ALA F 203 12.38 15.29 8.45
C ALA F 203 12.08 16.23 9.61
N GLU F 204 10.81 16.34 10.01
CA GLU F 204 10.45 17.20 11.14
C GLU F 204 11.07 16.69 12.43
N GLN F 205 11.07 15.37 12.61
CA GLN F 205 11.65 14.82 13.83
C GLN F 205 13.16 14.99 13.86
N CYS F 206 13.81 14.85 12.69
CA CYS F 206 15.25 15.03 12.68
C CYS F 206 15.62 16.47 12.97
N ALA F 207 14.79 17.42 12.54
CA ALA F 207 15.05 18.82 12.86
C ALA F 207 14.97 19.07 14.36
N GLN F 208 13.96 18.49 15.02
CA GLN F 208 13.82 18.67 16.45
C GLN F 208 14.96 17.99 17.20
N ILE F 209 15.37 16.81 16.74
CA ILE F 209 16.53 16.15 17.36
C ILE F 209 17.76 17.05 17.28
N ALA F 210 17.96 17.71 16.14
CA ALA F 210 19.10 18.61 15.99
C ALA F 210 19.01 19.79 16.96
N LEU F 211 17.82 20.38 17.11
CA LEU F 211 17.67 21.51 18.00
C LEU F 211 17.98 21.11 19.44
N GLN F 212 17.53 19.93 19.86
CA GLN F 212 17.82 19.46 21.20
C GLN F 212 19.32 19.24 21.37
N ALA F 213 19.97 18.61 20.40
CA ALA F 213 21.41 18.40 20.52
C ALA F 213 22.17 19.73 20.57
N ALA F 214 21.71 20.73 19.80
CA ALA F 214 22.41 22.01 19.74
C ALA F 214 22.35 22.75 21.07
N LYS F 215 21.18 22.73 21.75
CA LYS F 215 21.12 23.43 23.02
C LYS F 215 22.01 22.75 24.06
N ILE F 216 22.18 21.44 23.95
CA ILE F 216 23.12 20.73 24.81
C ILE F 216 24.55 21.16 24.52
N VAL F 217 24.90 21.29 23.24
CA VAL F 217 26.24 21.75 22.91
C VAL F 217 26.43 23.19 23.40
N GLU F 218 25.38 24.02 23.29
CA GLU F 218 25.46 25.41 23.73
C GLU F 218 25.63 25.53 25.24
N TYR F 219 25.08 24.58 25.99
CA TYR F 219 25.27 24.55 27.44
C TYR F 219 26.75 24.50 27.83
N PHE F 220 27.59 23.91 26.97
CA PHE F 220 29.02 23.81 27.24
C PHE F 220 29.82 24.97 26.62
N GLY F 221 29.15 26.01 26.16
CA GLY F 221 29.82 27.15 25.58
C GLY F 221 30.39 26.91 24.21
N ILE F 222 29.93 25.90 23.48
CA ILE F 222 30.45 25.60 22.15
C ILE F 222 29.40 26.00 21.12
N GLU F 223 29.88 26.52 20.01
CA GLU F 223 29.01 26.82 18.89
C GLU F 223 28.59 25.51 18.24
N PRO F 224 27.30 25.20 18.18
CA PRO F 224 26.88 23.98 17.48
C PRO F 224 26.88 24.17 15.97
N ARG F 225 27.41 23.18 15.27
CA ARG F 225 27.46 23.11 13.82
C ARG F 225 26.91 21.75 13.41
N VAL F 226 25.80 21.75 12.68
CA VAL F 226 24.93 20.58 12.57
C VAL F 226 25.01 19.99 11.17
N ALA F 227 25.27 18.70 11.10
CA ALA F 227 25.23 17.93 9.86
C ALA F 227 24.09 16.92 9.95
N MET F 228 23.22 16.91 8.92
CA MET F 228 22.18 15.90 8.76
C MET F 228 22.75 14.78 7.89
N LEU F 229 22.99 13.61 8.48
CA LEU F 229 23.80 12.61 7.81
C LEU F 229 23.00 11.77 6.82
N SER F 230 23.70 11.30 5.78
CA SER F 230 23.13 10.40 4.81
C SER F 230 24.26 9.60 4.18
N TYR F 231 23.91 8.77 3.21
CA TYR F 231 24.91 8.13 2.37
C TYR F 231 25.24 8.99 1.13
N SER F 232 24.61 10.14 1.02
CA SER F 232 24.72 10.99 -0.15
C SER F 232 25.35 12.32 0.25
N ASN F 233 26.03 12.93 -0.72
CA ASN F 233 26.56 14.28 -0.57
C ASN F 233 25.68 15.22 -1.39
N PHE F 234 24.79 15.94 -0.70
CA PHE F 234 23.98 17.00 -1.32
C PHE F 234 23.28 16.55 -2.61
N SER F 235 22.70 15.33 -2.59
CA SER F 235 21.91 14.88 -3.72
C SER F 235 20.43 15.21 -3.57
N GLY F 236 19.86 15.04 -2.38
CA GLY F 236 18.43 15.29 -2.24
C GLY F 236 17.53 14.33 -3.01
N ALA F 237 18.08 13.22 -3.52
CA ALA F 237 17.27 12.20 -4.16
C ALA F 237 16.25 11.63 -3.18
N GLU F 238 15.25 10.96 -3.72
CA GLU F 238 14.15 10.49 -2.89
C GLU F 238 14.64 9.45 -1.88
N GLY F 239 13.96 9.42 -0.75
CA GLY F 239 14.37 8.59 0.38
C GLY F 239 15.12 9.41 1.40
N THR F 240 16.15 8.83 2.00
CA THR F 240 16.79 9.56 3.09
C THR F 240 17.58 10.80 2.62
N PRO F 241 18.23 10.80 1.45
CA PRO F 241 18.87 12.05 1.00
C PRO F 241 17.92 13.25 1.00
N ARG F 242 16.71 13.08 0.48
CA ARG F 242 15.69 14.13 0.53
C ARG F 242 15.27 14.45 1.96
N LYS F 243 15.09 13.43 2.79
CA LYS F 243 14.69 13.67 4.18
C LYS F 243 15.74 14.51 4.91
N MET F 244 17.02 14.17 4.78
CA MET F 244 18.01 14.90 5.55
C MET F 244 18.20 16.32 5.02
N LYS F 245 18.03 16.51 3.70
CA LYS F 245 18.02 17.85 3.12
C LYS F 245 16.88 18.68 3.69
N LYS F 246 15.71 18.06 3.85
CA LYS F 246 14.54 18.77 4.37
C LYS F 246 14.69 19.07 5.85
N ALA F 247 15.28 18.14 6.62
CA ALA F 247 15.54 18.37 8.04
C ALA F 247 16.45 19.57 8.25
N ALA F 248 17.54 19.65 7.47
CA ALA F 248 18.40 20.81 7.57
C ALA F 248 17.62 22.09 7.29
N GLU F 249 16.75 22.08 6.26
CA GLU F 249 15.96 23.26 5.93
C GLU F 249 14.99 23.63 7.05
N ILE F 250 14.28 22.65 7.59
CA ILE F 250 13.35 22.92 8.70
C ILE F 250 14.10 23.48 9.90
N ALA F 251 15.24 22.86 10.25
CA ALA F 251 16.00 23.31 11.43
C ALA F 251 16.55 24.72 11.21
N ARG F 252 17.05 25.02 10.02
CA ARG F 252 17.54 26.36 9.74
C ARG F 252 16.43 27.39 9.92
N SER F 253 15.21 27.05 9.47
CA SER F 253 14.06 27.92 9.70
C SER F 253 13.87 28.20 11.20
N LEU F 254 14.04 27.18 12.05
CA LEU F 254 13.76 27.37 13.47
C LEU F 254 14.94 28.01 14.20
N ARG F 255 16.17 27.85 13.70
CA ARG F 255 17.35 28.49 14.27
C ARG F 255 18.15 29.14 13.15
N PRO F 256 17.70 30.31 12.66
CA PRO F 256 18.43 30.99 11.58
C PRO F 256 19.86 31.42 11.96
N ASP F 257 20.24 31.32 13.23
CA ASP F 257 21.56 31.74 13.67
C ASP F 257 22.58 30.61 13.61
N LEU F 258 22.15 29.37 13.40
CA LEU F 258 23.02 28.20 13.45
C LEU F 258 23.45 27.74 12.07
N MET F 259 24.68 27.23 12.01
CA MET F 259 25.13 26.47 10.85
C MET F 259 24.53 25.08 10.93
N ILE F 260 23.63 24.77 9.99
CA ILE F 260 22.95 23.49 9.89
C ILE F 260 22.93 23.09 8.41
N GLU F 261 23.37 21.89 8.09
CA GLU F 261 23.52 21.54 6.68
C GLU F 261 23.25 20.05 6.45
N GLY F 262 22.93 19.73 5.20
CA GLY F 262 22.65 18.39 4.74
C GLY F 262 21.88 18.43 3.44
N ASP F 263 21.76 17.28 2.77
CA ASP F 263 22.31 15.98 3.18
C ASP F 263 23.79 15.83 2.89
N MET F 264 24.53 15.12 3.75
CA MET F 264 25.94 14.90 3.48
C MET F 264 26.41 13.57 4.08
N GLN F 265 27.50 13.05 3.52
CA GLN F 265 28.17 11.88 4.06
C GLN F 265 28.91 12.24 5.37
N ALA F 266 29.32 11.21 6.10
CA ALA F 266 29.86 11.42 7.44
C ALA F 266 31.25 12.03 7.41
N ASP F 267 32.11 11.59 6.48
CA ASP F 267 33.44 12.19 6.40
C ASP F 267 33.35 13.61 5.87
N THR F 268 32.46 13.84 4.91
CA THR F 268 32.13 15.21 4.51
C THR F 268 31.75 16.07 5.71
N ALA F 269 30.99 15.50 6.64
CA ALA F 269 30.43 16.26 7.76
C ALA F 269 31.51 16.72 8.73
N VAL F 270 32.41 15.82 9.11
CA VAL F 270 33.34 16.09 10.20
C VAL F 270 34.62 16.78 9.70
N ASN F 271 35.03 16.49 8.47
CA ASN F 271 36.31 16.94 7.98
C ASN F 271 36.09 18.30 7.22
N PRO F 272 36.56 19.40 7.83
CA PRO F 272 36.25 20.70 7.17
C PRO F 272 36.95 20.87 5.84
N GLU F 273 38.08 20.20 5.64
CA GLU F 273 38.80 20.33 4.38
C GLU F 273 38.10 19.57 3.26
N ILE F 274 37.47 18.44 3.56
CA ILE F 274 36.72 17.72 2.53
C ILE F 274 35.53 18.55 2.09
N MET F 275 34.82 19.14 3.05
CA MET F 275 33.69 20.02 2.77
C MET F 275 34.09 21.17 1.85
N GLU F 276 35.13 21.90 2.24
CA GLU F 276 35.54 23.09 1.49
C GLU F 276 36.01 22.73 0.09
N ARG F 277 36.70 21.61 -0.06
CA ARG F 277 37.20 21.21 -1.38
C ARG F 277 36.04 20.74 -2.28
N LEU F 278 35.15 19.91 -1.75
CA LEU F 278 34.17 19.27 -2.63
C LEU F 278 32.82 19.98 -2.67
N PHE F 279 32.44 20.74 -1.64
CA PHE F 279 31.13 21.38 -1.58
C PHE F 279 31.23 22.80 -1.00
N PRO F 280 31.97 23.70 -1.67
CA PRO F 280 32.23 25.02 -1.07
C PRO F 280 31.01 25.91 -0.91
N PHE F 281 29.89 25.61 -1.56
CA PHE F 281 28.67 26.40 -1.37
C PHE F 281 28.04 26.18 0.00
N SER F 282 28.41 25.10 0.68
CA SER F 282 27.78 24.70 1.92
C SER F 282 27.92 25.78 2.99
N GLY F 283 26.86 25.92 3.83
CA GLY F 283 26.86 26.82 4.97
C GLY F 283 27.56 26.30 6.21
N LEU F 284 28.12 25.08 6.16
CA LEU F 284 28.76 24.43 7.29
C LEU F 284 30.27 24.50 7.10
N LYS F 285 30.93 25.39 7.85
CA LYS F 285 32.37 25.57 7.86
C LYS F 285 32.98 25.02 9.16
N GLY F 286 34.23 24.60 9.08
CA GLY F 286 34.99 24.23 10.27
C GLY F 286 34.62 22.91 10.89
N GLY F 287 33.85 22.06 10.18
CA GLY F 287 33.47 20.75 10.65
C GLY F 287 32.28 20.69 11.59
N ALA F 288 31.45 19.68 11.40
CA ALA F 288 30.28 19.53 12.23
C ALA F 288 30.66 18.96 13.58
N ASN F 289 30.04 19.46 14.65
CA ASN F 289 30.18 18.81 15.95
C ASN F 289 28.86 18.22 16.46
N VAL F 290 27.78 18.34 15.68
CA VAL F 290 26.49 17.69 15.95
C VAL F 290 26.14 16.86 14.72
N LEU F 291 25.97 15.55 14.93
CA LEU F 291 25.70 14.58 13.87
C LEU F 291 24.33 13.93 14.11
N VAL F 292 23.34 14.31 13.29
CA VAL F 292 21.99 13.76 13.38
C VAL F 292 21.81 12.68 12.33
N PHE F 293 21.34 11.51 12.75
CA PHE F 293 21.36 10.34 11.90
C PHE F 293 20.02 10.14 11.20
N PRO F 294 19.98 9.45 10.06
CA PRO F 294 18.68 9.27 9.37
C PRO F 294 17.84 8.16 9.96
N ASN F 295 18.43 7.19 10.65
CA ASN F 295 17.65 6.10 11.21
C ASN F 295 18.44 5.47 12.36
N LEU F 296 17.76 4.58 13.07
CA LEU F 296 18.32 4.05 14.31
C LEU F 296 19.40 3.02 14.03
N GLU F 297 19.32 2.30 12.90
CA GLU F 297 20.42 1.41 12.56
C GLU F 297 21.72 2.18 12.45
N SER F 298 21.68 3.35 11.80
CA SER F 298 22.94 4.02 11.54
C SER F 298 23.50 4.64 12.81
N SER F 299 22.67 5.32 13.60
CA SER F 299 23.10 5.92 14.86
C SER F 299 23.54 4.86 15.86
N ASN F 300 22.72 3.83 16.08
CA ASN F 300 23.05 2.86 17.11
C ASN F 300 24.32 2.09 16.76
N ILE F 301 24.46 1.69 15.49
CA ILE F 301 25.67 0.96 15.09
C ILE F 301 26.90 1.87 15.13
N ALA F 302 26.74 3.15 14.79
CA ALA F 302 27.89 4.04 14.68
C ALA F 302 28.54 4.29 16.04
N TYR F 303 27.76 4.74 17.01
CA TYR F 303 28.34 5.07 18.30
C TYR F 303 28.98 3.85 18.96
N LYS F 304 28.40 2.67 18.73
CA LYS F 304 28.94 1.45 19.30
C LYS F 304 30.22 0.99 18.60
N LEU F 305 30.30 1.14 17.26
CA LEU F 305 31.53 0.78 16.57
C LEU F 305 32.65 1.75 16.93
N ILE F 306 32.34 3.04 16.99
CA ILE F 306 33.33 4.02 17.43
C ILE F 306 33.81 3.70 18.84
N GLN F 307 32.89 3.36 19.75
CA GLN F 307 33.27 3.05 21.13
C GLN F 307 34.13 1.79 21.23
N GLN F 308 33.86 0.77 20.40
CA GLN F 308 34.60 -0.49 20.50
C GLN F 308 35.93 -0.48 19.75
N ILE F 309 35.97 0.01 18.52
CA ILE F 309 37.15 -0.09 17.69
C ILE F 309 37.84 1.26 17.53
N GLY F 310 37.08 2.36 17.57
CA GLY F 310 37.70 3.64 17.75
C GLY F 310 38.45 3.68 19.05
N LYS F 311 39.40 4.60 19.10
CA LYS F 311 40.22 4.86 20.27
C LYS F 311 39.85 6.21 20.87
N ALA F 312 38.58 6.53 20.88
CA ALA F 312 38.13 7.77 21.47
C ALA F 312 37.07 7.43 22.48
N GLU F 313 37.01 8.16 23.60
CA GLU F 313 35.98 7.79 24.53
C GLU F 313 34.63 8.31 24.02
N VAL F 314 33.63 7.47 24.21
CA VAL F 314 32.24 7.71 23.90
C VAL F 314 31.50 7.64 25.22
N ILE F 315 30.71 8.67 25.52
CA ILE F 315 29.90 8.68 26.72
C ILE F 315 28.42 8.84 26.35
N GLY F 316 27.56 8.25 27.19
CA GLY F 316 26.15 8.19 26.98
C GLY F 316 25.69 6.77 26.73
N PRO F 317 24.46 6.59 26.20
CA PRO F 317 23.55 7.64 25.75
C PRO F 317 22.81 8.38 26.86
N PHE F 318 22.48 9.65 26.64
CA PHE F 318 21.65 10.44 27.55
C PHE F 318 20.32 10.78 26.85
N LEU F 319 19.23 10.62 27.58
CA LEU F 319 17.88 10.80 27.08
C LEU F 319 17.53 12.28 27.02
N THR F 320 17.36 12.81 25.82
CA THR F 320 16.92 14.19 25.63
C THR F 320 15.44 14.23 25.29
N GLY F 321 14.85 15.40 25.46
CA GLY F 321 13.47 15.65 25.12
C GLY F 321 12.45 15.36 26.18
N VAL F 322 12.84 14.89 27.35
CA VAL F 322 11.89 14.49 28.38
C VAL F 322 11.79 15.61 29.41
N ARG F 323 10.62 15.70 30.05
CA ARG F 323 10.27 16.86 30.86
C ARG F 323 11.14 17.00 32.10
N ARG F 324 11.61 15.88 32.63
CA ARG F 324 12.39 15.82 33.85
C ARG F 324 13.58 14.90 33.65
N SER F 325 14.54 14.99 34.57
CA SER F 325 15.83 14.35 34.35
C SER F 325 15.71 12.85 34.56
N ALA F 326 15.95 12.09 33.50
CA ALA F 326 15.93 10.64 33.51
C ALA F 326 16.83 10.18 32.39
N ASN F 327 17.72 9.25 32.70
CA ASN F 327 18.60 8.67 31.71
C ASN F 327 18.58 7.15 31.84
N VAL F 328 18.67 6.48 30.71
CA VAL F 328 18.77 5.04 30.65
C VAL F 328 20.20 4.66 30.31
N LEU F 329 20.82 3.88 31.19
CA LEU F 329 22.10 3.28 30.87
C LEU F 329 21.91 2.23 29.79
N GLN F 330 22.85 2.18 28.85
CA GLN F 330 22.86 1.05 27.93
C GLN F 330 23.28 -0.18 28.71
N ARG F 331 22.60 -1.30 28.45
CA ARG F 331 22.85 -2.53 29.19
C ARG F 331 24.31 -2.97 29.10
N THR F 332 25.02 -2.52 28.07
CA THR F 332 26.43 -2.85 27.86
C THR F 332 27.36 -1.98 28.70
N THR F 333 26.83 -1.09 29.55
CA THR F 333 27.64 -0.10 30.26
C THR F 333 28.68 -0.75 31.18
N THR F 334 29.74 0.02 31.46
CA THR F 334 30.74 -0.29 32.48
C THR F 334 30.39 0.44 33.78
N VAL F 335 31.16 0.15 34.83
CA VAL F 335 31.06 0.88 36.10
C VAL F 335 31.38 2.35 35.90
N ASP F 336 32.42 2.65 35.11
CA ASP F 336 32.75 4.04 34.82
C ASP F 336 31.65 4.71 34.02
N GLY F 337 31.06 3.98 33.06
CA GLY F 337 29.87 4.46 32.36
C GLY F 337 28.80 4.98 33.28
N ILE F 338 28.45 4.21 34.32
CA ILE F 338 27.41 4.63 35.24
C ILE F 338 27.80 5.94 35.95
N VAL F 339 29.08 6.05 36.32
CA VAL F 339 29.56 7.29 36.95
C VAL F 339 29.38 8.47 36.03
N ASN F 340 29.93 8.38 34.82
CA ASN F 340 29.76 9.42 33.82
C ASN F 340 28.29 9.74 33.67
N SER F 341 27.47 8.72 33.62
CA SER F 341 26.09 8.93 33.27
C SER F 341 25.33 9.61 34.42
N VAL F 342 25.68 9.27 35.68
CA VAL F 342 25.03 9.94 36.82
C VAL F 342 25.41 11.41 36.91
N VAL F 343 26.69 11.71 36.64
CA VAL F 343 27.15 13.09 36.68
C VAL F 343 26.31 13.96 35.77
N PHE F 344 26.07 13.49 34.54
CA PHE F 344 25.33 14.31 33.60
C PHE F 344 23.85 14.36 33.94
N THR F 345 23.33 13.31 34.58
CA THR F 345 21.98 13.34 35.14
C THR F 345 21.85 14.38 36.26
N ALA F 346 22.87 14.50 37.14
CA ALA F 346 22.86 15.53 38.17
C ALA F 346 22.89 16.92 37.54
N LEU F 347 23.72 17.09 36.50
CA LEU F 347 23.76 18.35 35.78
C LEU F 347 22.41 18.70 35.18
N GLU F 348 21.80 17.74 34.49
CA GLU F 348 20.48 17.98 33.93
C GLU F 348 19.48 18.32 35.03
N ALA F 349 19.51 17.54 36.12
CA ALA F 349 18.60 17.78 37.24
C ALA F 349 18.80 19.19 37.83
N GLN F 350 20.06 19.59 38.02
CA GLN F 350 20.34 20.95 38.47
C GLN F 350 19.86 21.97 37.45
N TYR F 351 20.04 21.69 36.16
CA TYR F 351 19.62 22.66 35.16
C TYR F 351 18.11 22.85 35.19
N ILE F 352 17.35 21.74 35.16
CA ILE F 352 15.90 21.85 35.18
C ILE F 352 15.44 22.60 36.42
N LYS F 353 16.05 22.28 37.57
CA LYS F 353 15.74 22.91 38.85
C LYS F 353 16.01 24.42 38.85
N GLU F 354 16.95 24.89 38.03
CA GLU F 354 17.17 26.33 37.93
C GLU F 354 16.19 26.96 36.93
N VAL F 355 15.77 26.22 35.91
CA VAL F 355 14.69 26.67 35.04
C VAL F 355 13.41 26.91 35.84
N LEU F 356 13.05 25.95 36.71
CA LEU F 356 11.77 25.97 37.42
C LEU F 356 11.73 27.05 38.49
N LYS F 357 12.88 27.51 38.98
CA LYS F 357 12.86 28.55 40.02
C LYS F 357 12.44 29.90 39.44
N SER F 358 12.96 30.25 38.26
CA SER F 358 12.54 31.42 37.49
C SER F 358 11.02 31.68 37.52
N1A ACO G . -10.97 -12.22 -17.61
C2A ACO G . -11.59 -13.37 -17.29
N3A ACO G . -12.82 -13.34 -16.69
C4A ACO G . -13.44 -12.15 -16.41
C5A ACO G . -12.85 -11.01 -16.73
C6A ACO G . -11.58 -11.02 -17.34
N6A ACO G . -10.61 -9.96 -17.84
N7A ACO G . -13.65 -9.98 -16.36
C8A ACO G . -14.75 -10.52 -15.81
N9A ACO G . -14.62 -11.85 -15.84
C1B ACO G . -15.55 -12.80 -15.36
C2B ACO G . -15.88 -12.56 -14.07
O2B ACO G . -15.16 -13.45 -13.15
C3B ACO G . -17.39 -12.85 -13.98
O3B ACO G . -17.61 -14.18 -13.84
P3B ACO G . -18.20 -14.80 -12.38
O7A ACO G . -19.18 -13.84 -11.77
O8A ACO G . -18.86 -16.08 -12.68
O9A ACO G . -17.11 -15.05 -11.43
C4B ACO G . -17.88 -12.38 -15.40
O4B ACO G . -16.93 -12.69 -16.23
C5B ACO G . -18.07 -10.88 -15.35
O5B ACO G . -19.18 -10.69 -14.48
P1A ACO G . -19.05 -9.46 -13.26
O1A ACO G . -17.85 -9.77 -12.34
O2A ACO G . -20.38 -9.39 -12.42
O3A ACO G . -18.86 -8.08 -14.05
P2A ACO G . -17.88 -6.84 -13.52
O4A ACO G . -18.75 -5.68 -13.11
O5A ACO G . -17.03 -7.33 -12.38
O6A ACO G . -16.84 -6.34 -14.78
CBP ACO G . -16.76 -5.60 -17.00
CCP ACO G . -16.99 -6.78 -16.09
CDP ACO G . -18.10 -4.98 -17.32
CEP ACO G . -16.05 -6.08 -18.31
CAP ACO G . -15.86 -4.56 -16.25
OAP ACO G . -14.53 -5.09 -16.09
C9P ACO G . -15.78 -3.27 -17.02
O9P ACO G . -16.49 -2.33 -16.72
N8P ACO G . -14.83 -3.14 -18.15
C7P ACO G . -14.80 -1.89 -18.86
C6P ACO G . -16.17 -1.81 -19.70
C5P ACO G . -16.12 -0.39 -20.40
O5P ACO G . -16.61 0.53 -19.87
N4P ACO G . -15.40 -0.25 -21.65
C3P ACO G . -15.32 1.12 -22.27
C2P ACO G . -16.57 1.30 -23.12
S1P ACO G . -16.36 0.15 -24.47
C ACO G . -16.90 0.98 -26.01
O ACO G . -17.08 2.17 -26.04
CH3 ACO G . -17.13 0.12 -27.27
CL CL H . -20.04 2.47 -23.04
CL CL I . 11.25 9.15 -27.11
N1A ACO J . 5.02 19.81 -13.10
C2A ACO J . 5.79 20.77 -12.57
N3A ACO J . 7.16 20.65 -12.57
C4A ACO J . 7.74 19.53 -13.11
C5A ACO J . 7.00 18.57 -13.63
C6A ACO J . 5.59 18.69 -13.64
N6A ACO J . 4.41 17.85 -14.14
N7A ACO J . 7.83 17.59 -14.09
C8A ACO J . 9.08 17.99 -13.82
N9A ACO J . 9.05 19.17 -13.22
C1B ACO J . 10.12 19.96 -12.75
C2B ACO J . 10.75 19.39 -11.70
O2B ACO J . 10.48 20.10 -10.44
C3B ACO J . 12.26 19.44 -12.01
O3B ACO J . 12.83 20.55 -11.45
P3B ACO J . 14.08 20.37 -10.34
O7A ACO J . 15.13 19.49 -10.91
O8A ACO J . 14.66 21.69 -10.05
O9A ACO J . 13.60 19.77 -9.07
C4B ACO J . 12.33 19.53 -13.58
O4B ACO J . 11.25 20.17 -13.93
C5B ACO J . 12.31 18.12 -14.19
O5B ACO J . 13.64 17.66 -14.46
P1A ACO J . 14.20 16.27 -13.51
O1A ACO J . 14.65 16.79 -12.15
O2A ACO J . 15.42 15.58 -14.23
O3A ACO J . 13.00 15.23 -13.34
P2A ACO J . 12.66 13.85 -14.25
O4A ACO J . 13.86 12.94 -14.31
O5A ACO J . 11.52 13.12 -13.59
O6A ACO J . 12.20 14.29 -15.84
CBP ACO J . 10.40 13.89 -17.35
CCP ACO J . 10.88 14.64 -16.12
CDP ACO J . 11.59 13.58 -18.25
CEP ACO J . 9.42 14.82 -18.13
CAP ACO J . 9.69 12.57 -16.89
OAP ACO J . 8.42 12.86 -16.27
C9P ACO J . 9.44 11.62 -18.03
O9P ACO J . 10.26 10.76 -18.30
N8P ACO J . 8.18 11.72 -18.79
C7P ACO J . 7.93 10.81 -19.89
C6P ACO J . 9.06 11.01 -21.02
C5P ACO J . 8.66 10.05 -22.22
O5P ACO J . 9.19 9.00 -22.34
N4P ACO J . 7.62 10.52 -23.13
C3P ACO J . 7.18 9.67 -24.29
C2P ACO J . 8.06 9.98 -25.50
S1P ACO J . 7.53 11.56 -26.16
C ACO J . 7.51 11.46 -27.99
O ACO J . 7.69 10.43 -28.58
CH3 ACO J . 7.27 12.77 -28.77
N1A ACO K . -22.69 7.59 2.94
C2A ACO K . -23.23 8.49 2.11
N3A ACO K . -23.70 8.11 0.86
C4A ACO K . -23.61 6.79 0.49
C5A ACO K . -23.08 5.88 1.30
C6A ACO K . -22.60 6.27 2.58
N6A ACO K . -21.94 5.56 3.76
N7A ACO K . -23.12 4.68 0.70
C8A ACO K . -23.68 4.87 -0.51
N9A ACO K . -23.98 6.16 -0.64
C1B ACO K . -24.60 6.77 -1.74
C2B ACO K . -23.83 6.80 -2.82
O2B ACO K . -23.16 8.11 -2.93
C3B ACO K . -24.80 6.66 -4.01
O3B ACO K . -25.24 7.88 -4.37
P3B ACO K . -24.69 8.70 -5.74
O7A ACO K . -25.85 9.36 -6.40
O8A ACO K . -23.72 9.72 -5.33
O9A ACO K . -24.06 7.73 -6.68
C4B ACO K . -26.02 5.85 -3.43
O4B ACO K . -25.88 5.83 -2.14
C5B ACO K . -26.10 4.41 -3.94
O5B ACO K . -24.80 3.89 -4.07
P1A ACO K . -24.44 3.01 -5.56
O1A ACO K . -23.05 3.45 -6.07
O2A ACO K . -25.54 3.29 -6.62
O3A ACO K . -24.44 1.44 -5.22
P2A ACO K . -23.33 0.67 -4.22
O4A ACO K . -22.67 -0.41 -5.03
O5A ACO K . -22.30 1.63 -3.66
O6A ACO K . -24.18 -0.06 -2.93
CBP ACO K . -24.62 -0.46 -0.68
CCP ACO K . -24.32 0.60 -1.72
CDP ACO K . -25.67 -1.41 -1.21
CEP ACO K . -25.15 0.21 0.63
CAP ACO K . -23.26 -1.18 -0.43
OAP ACO K . -22.44 -0.43 0.47
C9P ACO K . -23.47 -2.54 0.16
O9P ACO K . -23.59 -3.52 -0.55
N8P ACO K . -23.47 -2.65 1.65
C7P ACO K . -23.64 -3.91 2.32
C6P ACO K . -25.17 -4.41 2.17
C5P ACO K . -25.10 -5.99 2.09
O5P ACO K . -24.73 -6.52 1.12
N4P ACO K . -25.46 -6.80 3.22
C3P ACO K . -25.91 -6.17 4.49
C2P ACO K . -26.77 -7.23 5.22
S1P ACO K . -28.44 -6.59 5.18
C ACO K . -29.56 -7.74 6.03
O ACO K . -29.30 -8.91 6.06
CH3 ACO K . -30.82 -7.13 6.67
CL CL L . -29.38 -9.64 2.18
N1A ACO M . -1.57 -19.18 14.84
C2A ACO M . -0.44 -19.84 15.08
N3A ACO M . 0.42 -19.39 16.06
C4A ACO M . 0.12 -18.26 16.77
C5A ACO M . -1.00 -17.59 16.54
C6A ACO M . -1.89 -18.06 15.54
N6A ACO M . -3.23 -17.62 14.97
N7A ACO M . -1.05 -16.53 17.39
C8A ACO M . 0.06 -16.55 18.13
N9A ACO M . 0.80 -17.62 17.77
C1B ACO M . 2.04 -18.02 18.32
C2B ACO M . 3.03 -17.21 17.93
O2B ACO M . 3.80 -17.84 16.84
C3B ACO M . 3.95 -17.00 19.16
O3B ACO M . 5.09 -17.73 19.02
P3B ACO M . 6.61 -17.00 18.83
O7A ACO M . 7.19 -17.38 17.51
O8A ACO M . 6.51 -15.54 18.90
O9A ACO M . 7.50 -17.46 19.90
C4B ACO M . 3.11 -17.48 20.41
O4B ACO M . 1.97 -17.93 19.95
C5B ACO M . 2.81 -16.32 21.37
O5B ACO M . 3.73 -15.25 21.21
P1A ACO M . 3.12 -13.62 21.51
O1A ACO M . 4.24 -12.72 22.03
O2A ACO M . 1.96 -13.71 22.57
O3A ACO M . 2.52 -13.02 20.16
P2A ACO M . 1.40 -11.77 20.02
O4A ACO M . 2.07 -10.46 20.34
O5A ACO M . 0.93 -11.76 18.60
O6A ACO M . 0.06 -12.00 21.09
CBP ACO M . -2.30 -12.51 21.22
CCP ACO M . -0.90 -13.00 20.84
CDP ACO M . -2.29 -11.99 22.64
CEP ACO M . -3.32 -13.69 21.11
CAP ACO M . -2.70 -11.38 20.21
OAP ACO M . -3.01 -11.99 18.95
C9P ACO M . -3.91 -10.61 20.66
O9P ACO M . -3.81 -9.59 21.31
N8P ACO M . -5.25 -11.11 20.30
C7P ACO M . -6.40 -10.36 20.74
C6P ACO M . -6.67 -10.76 22.30
C5P ACO M . -7.99 -9.98 22.70
O5P ACO M . -7.91 -8.88 23.07
N4P ACO M . -9.28 -10.68 22.58
C3P ACO M . -10.55 -9.97 22.93
C2P ACO M . -10.85 -10.11 24.42
S1P ACO M . -11.03 -11.84 24.79
C ACO M . -12.38 -12.03 26.02
O ACO M . -13.04 -11.08 26.34
CH3 ACO M . -12.65 -13.42 26.61
CL CL N . -9.78 -8.57 27.67
N1A ACO O . 21.66 -3.43 -7.23
C2A ACO O . 21.72 -2.64 -8.32
N3A ACO O . 21.80 -3.18 -9.57
C4A ACO O . 21.86 -4.55 -9.74
C5A ACO O . 21.83 -5.35 -8.67
C6A ACO O . 21.73 -4.79 -7.38
N6A ACO O . 21.66 -5.34 -5.95
N7A ACO O . 21.89 -6.63 -9.11
C8A ACO O . 21.97 -6.61 -10.45
N9A ACO O . 21.95 -5.34 -10.85
C1B ACO O . 22.02 -4.88 -12.17
C2B ACO O . 20.88 -4.37 -12.64
O2B ACO O . 19.95 -5.41 -13.13
C3B ACO O . 21.34 -3.45 -13.80
O3B ACO O . 21.52 -4.13 -14.97
P3B ACO O . 20.35 -4.11 -16.19
O7A ACO O . 19.63 -2.79 -16.24
O8A ACO O . 21.00 -4.38 -17.46
O9A ACO O . 19.35 -5.17 -15.92
C4B ACO O . 22.74 -2.92 -13.31
O4B ACO O . 23.07 -3.63 -12.27
C5B ACO O . 22.60 -1.45 -12.91
O5B ACO O . 22.33 -0.67 -14.07
P1A ACO O . 21.28 0.72 -13.89
O1A ACO O . 19.82 0.27 -13.96
O2A ACO O . 21.57 1.75 -15.04
O3A ACO O . 21.59 1.40 -12.47
P2A ACO O . 20.54 1.62 -11.18
O4A ACO O . 19.63 2.78 -11.47
O5A ACO O . 19.74 0.36 -10.88
O6A ACO O . 21.47 2.02 -9.81
CBP ACO O . 23.29 2.00 -8.37
CCP ACO O . 22.64 1.30 -9.54
CDP ACO O . 23.99 3.25 -8.87
CEP ACO O . 24.35 1.06 -7.68
CAP ACO O . 22.14 2.34 -7.36
OAP ACO O . 21.71 1.15 -6.67
C9P ACO O . 22.60 3.33 -6.35
O9P ACO O . 22.50 4.52 -6.55
N8P ACO O . 23.16 2.81 -5.07
C7P ACO O . 23.60 3.76 -4.10
C6P ACO O . 24.91 4.50 -4.69
C5P ACO O . 25.39 5.51 -3.57
O5P ACO O . 25.18 6.66 -3.72
N4P ACO O . 26.06 4.97 -2.38
C3P ACO O . 26.54 5.86 -1.27
C2P ACO O . 27.75 6.67 -1.79
S1P ACO O . 29.07 5.48 -1.99
C ACO O . 30.61 6.12 -1.21
O ACO O . 30.57 7.05 -0.46
CH3 ACO O . 31.94 5.43 -1.56
CL CL P . 29.19 9.49 -3.61
N1A ACO Q . 6.43 13.32 20.58
C2A ACO Q . 5.61 13.34 21.64
N3A ACO Q . 5.46 12.23 22.42
C4A ACO Q . 6.14 11.07 22.12
C5A ACO Q . 6.95 11.03 21.07
C6A ACO Q . 7.11 12.19 20.26
N6A ACO Q . 7.90 12.56 19.01
N7A ACO Q . 7.48 9.78 21.01
C8A ACO Q . 6.98 9.08 22.04
N9A ACO Q . 6.16 9.86 22.73
C1B ACO Q . 5.42 9.52 23.88
C2B ACO Q . 4.23 9.01 23.53
O2B ACO Q . 3.17 10.01 23.72
C3B ACO Q . 3.96 7.78 24.43
O3B ACO Q . 3.00 8.07 25.37
P3B ACO Q . 1.46 7.36 25.34
O7A ACO Q . 1.52 5.99 25.91
O8A ACO Q . 0.55 8.17 26.14
O9A ACO Q . 0.93 7.26 23.97
C4B ACO Q . 5.34 7.44 25.11
O4B ACO Q . 6.20 8.36 24.75
C5B ACO Q . 5.86 6.08 24.60
O5B ACO Q . 5.52 5.04 25.54
P1A ACO Q . 4.49 3.71 24.98
O1A ACO Q . 3.60 4.18 23.82
O2A ACO Q . 3.58 3.24 26.16
O3A ACO Q . 5.39 2.47 24.50
P2A ACO Q . 6.42 2.43 23.17
O4A ACO Q . 6.31 1.08 22.51
O5A ACO Q . 6.03 3.50 22.18
O6A ACO Q . 8.04 2.66 23.71
CBP ACO Q . 10.22 2.85 22.73
CCP ACO Q . 8.89 3.53 23.01
CDP ACO Q . 10.44 1.75 23.76
CEP ACO Q . 11.36 3.91 22.84
CAP ACO Q . 10.19 2.28 21.28
OAP ACO Q . 10.13 3.38 20.35
C9P ACO Q . 11.42 1.45 20.95
O9P ACO Q . 11.40 0.24 21.06
N8P ACO Q . 12.66 2.12 20.48
C7P ACO Q . 13.81 1.30 20.17
C6P ACO Q . 14.52 0.80 21.55
C5P ACO Q . 15.92 0.17 21.15
O5P ACO Q . 16.01 -0.98 20.98
N4P ACO Q . 17.05 1.08 20.96
C3P ACO Q . 18.41 0.55 20.57
C2P ACO Q . 19.02 -0.19 21.75
S1P ACO Q . 19.67 1.03 22.88
C ACO Q . 21.39 0.53 23.34
O ACO Q . 22.31 1.06 22.79
CH3 ACO Q . 21.66 -0.55 24.44
CL CL R . 18.85 -2.58 24.24
#